data_3AP9
# 
_entry.id   3AP9 
# 
_audit_conform.dict_name       mmcif_pdbx.dic 
_audit_conform.dict_version    5.380 
_audit_conform.dict_location   http://mmcif.pdb.org/dictionaries/ascii/mmcif_pdbx.dic 
# 
loop_
_database_2.database_id 
_database_2.database_code 
_database_2.pdbx_database_accession 
_database_2.pdbx_DOI 
PDB   3AP9         pdb_00003ap9 10.2210/pdb3ap9/pdb 
RCSB  RCSB029528   ?            ?                   
WWPDB D_1000029528 ?            ?                   
# 
loop_
_pdbx_database_related.db_name 
_pdbx_database_related.db_id 
_pdbx_database_related.details 
_pdbx_database_related.content_type 
PDB 3AP4 'The same protein complexed with lactose.'             unspecified 
PDB 3AP5 'The same protein in apo form.'                        unspecified 
PDB 3AP6 
;The same protein complexed with lactose 3'-sulfate.
;
unspecified 
PDB 3AP7 'The same protein complexed with lactose sialic acid.' unspecified 
PDB 3APB 'The same protein complexed with iodide.'              unspecified 
# 
_pdbx_database_status.status_code                     REL 
_pdbx_database_status.entry_id                        3AP9 
_pdbx_database_status.recvd_initial_deposition_date   2010-10-12 
_pdbx_database_status.deposit_site                    PDBJ 
_pdbx_database_status.process_site                    PDBJ 
_pdbx_database_status.status_code_sf                  REL 
_pdbx_database_status.status_code_mr                  ? 
_pdbx_database_status.SG_entry                        ? 
_pdbx_database_status.status_code_cs                  ? 
_pdbx_database_status.pdb_format_compatible           Y 
_pdbx_database_status.status_code_nmr_data            ? 
_pdbx_database_status.methods_development_category    ? 
# 
loop_
_audit_author.name 
_audit_author.pdbx_ordinal 
'Matsuzaka, T.' 1 
'Ideo, H.'      2 
'Yamashita, K.' 3 
'Nonaka, T.'    4 
# 
_citation.id                        primary 
_citation.title                     'Galectin-8-N-domain recognition mechanism for sialylated and sulfated glycans' 
_citation.journal_abbrev            J.Biol.Chem. 
_citation.journal_volume            286 
_citation.page_first                11346 
_citation.page_last                 11355 
_citation.year                      2011 
_citation.journal_id_ASTM           JBCHA3 
_citation.country                   US 
_citation.journal_id_ISSN           0021-9258 
_citation.journal_id_CSD            0071 
_citation.book_publisher            ? 
_citation.pdbx_database_id_PubMed   21288902 
_citation.pdbx_database_id_DOI      10.1074/jbc.M110.195925 
# 
loop_
_citation_author.citation_id 
_citation_author.name 
_citation_author.ordinal 
_citation_author.identifier_ORCID 
primary 'Ideo, H.'      1 ? 
primary 'Matsuzaka, T.' 2 ? 
primary 'Nonaka, T.'    3 ? 
primary 'Seko, A.'      4 ? 
primary 'Yamashita, K.' 5 ? 
# 
_cell.entry_id           3AP9 
_cell.length_a           46.419 
_cell.length_b           49.952 
_cell.length_c           70.207 
_cell.angle_alpha        90.00 
_cell.angle_beta         90.00 
_cell.angle_gamma        90.00 
_cell.Z_PDB              4 
_cell.pdbx_unique_axis   ? 
_cell.length_a_esd       ? 
_cell.length_b_esd       ? 
_cell.length_c_esd       ? 
_cell.angle_alpha_esd    ? 
_cell.angle_beta_esd     ? 
_cell.angle_gamma_esd    ? 
# 
_symmetry.entry_id                         3AP9 
_symmetry.space_group_name_H-M             'P 21 21 21' 
_symmetry.pdbx_full_space_group_name_H-M   ? 
_symmetry.cell_setting                     ? 
_symmetry.Int_Tables_number                19 
_symmetry.space_group_name_Hall            ? 
# 
loop_
_entity.id 
_entity.type 
_entity.src_method 
_entity.pdbx_description 
_entity.formula_weight 
_entity.pdbx_number_of_molecules 
_entity.pdbx_ec 
_entity.pdbx_mutation 
_entity.pdbx_fragment 
_entity.details 
1 polymer     man Galectin-8 17423.123 1   ? ? 'N-terminal carbohydrate recognition domain' ? 
2 branched    man 
;alpha-L-fucopyranose-(1-3)-[beta-D-galactopyranose-(1-4)]2-acetamido-2-deoxy-beta-D-glucopyranose-(1-3)-beta-D-galactopyranose-(1-4)-beta-D-glucopyranose
;
853.771   1   ? ? ?                                            ? 
3 non-polymer syn '(4S)-2-METHYL-2,4-PENTANEDIOL' 118.174   1   ? ? ?                                            ? 
4 non-polymer syn 'CHLORIDE ION' 35.453    3   ? ? ?                                            ? 
5 water       nat water 18.015    260 ? ? ?                                            ? 
# 
_entity_name_com.entity_id   1 
_entity_name_com.name        'Gal-8, Po66 carbohydrate-binding protein, Po66-CBP, Prostate carcinoma tumor antigen 1, PCTA-1' 
# 
_entity_poly.entity_id                      1 
_entity_poly.type                           'polypeptide(L)' 
_entity_poly.nstd_linkage                   no 
_entity_poly.nstd_monomer                   no 
_entity_poly.pdbx_seq_one_letter_code       
;MMLSLNNLQNIIYNPVIPFVGTIPDQLDPGTLIVIRGHVPSDADRFQVDLQNGSSVKPRADVAFHFNPRFKRAGCIVCNT
LINEKWGREEITYDTPFKREKSFEIVIMVLKDKFQVAVNGKHTLLYGHRIGPEKIDTLGIYGKVNIHSIGFSFS
;
_entity_poly.pdbx_seq_one_letter_code_can   
;MMLSLNNLQNIIYNPVIPFVGTIPDQLDPGTLIVIRGHVPSDADRFQVDLQNGSSVKPRADVAFHFNPRFKRAGCIVCNT
LINEKWGREEITYDTPFKREKSFEIVIMVLKDKFQVAVNGKHTLLYGHRIGPEKIDTLGIYGKVNIHSIGFSFS
;
_entity_poly.pdbx_strand_id                 A 
_entity_poly.pdbx_target_identifier         ? 
# 
loop_
_entity_poly_seq.entity_id 
_entity_poly_seq.num 
_entity_poly_seq.mon_id 
_entity_poly_seq.hetero 
1 1   MET n 
1 2   MET n 
1 3   LEU n 
1 4   SER n 
1 5   LEU n 
1 6   ASN n 
1 7   ASN n 
1 8   LEU n 
1 9   GLN n 
1 10  ASN n 
1 11  ILE n 
1 12  ILE n 
1 13  TYR n 
1 14  ASN n 
1 15  PRO n 
1 16  VAL n 
1 17  ILE n 
1 18  PRO n 
1 19  PHE n 
1 20  VAL n 
1 21  GLY n 
1 22  THR n 
1 23  ILE n 
1 24  PRO n 
1 25  ASP n 
1 26  GLN n 
1 27  LEU n 
1 28  ASP n 
1 29  PRO n 
1 30  GLY n 
1 31  THR n 
1 32  LEU n 
1 33  ILE n 
1 34  VAL n 
1 35  ILE n 
1 36  ARG n 
1 37  GLY n 
1 38  HIS n 
1 39  VAL n 
1 40  PRO n 
1 41  SER n 
1 42  ASP n 
1 43  ALA n 
1 44  ASP n 
1 45  ARG n 
1 46  PHE n 
1 47  GLN n 
1 48  VAL n 
1 49  ASP n 
1 50  LEU n 
1 51  GLN n 
1 52  ASN n 
1 53  GLY n 
1 54  SER n 
1 55  SER n 
1 56  VAL n 
1 57  LYS n 
1 58  PRO n 
1 59  ARG n 
1 60  ALA n 
1 61  ASP n 
1 62  VAL n 
1 63  ALA n 
1 64  PHE n 
1 65  HIS n 
1 66  PHE n 
1 67  ASN n 
1 68  PRO n 
1 69  ARG n 
1 70  PHE n 
1 71  LYS n 
1 72  ARG n 
1 73  ALA n 
1 74  GLY n 
1 75  CYS n 
1 76  ILE n 
1 77  VAL n 
1 78  CYS n 
1 79  ASN n 
1 80  THR n 
1 81  LEU n 
1 82  ILE n 
1 83  ASN n 
1 84  GLU n 
1 85  LYS n 
1 86  TRP n 
1 87  GLY n 
1 88  ARG n 
1 89  GLU n 
1 90  GLU n 
1 91  ILE n 
1 92  THR n 
1 93  TYR n 
1 94  ASP n 
1 95  THR n 
1 96  PRO n 
1 97  PHE n 
1 98  LYS n 
1 99  ARG n 
1 100 GLU n 
1 101 LYS n 
1 102 SER n 
1 103 PHE n 
1 104 GLU n 
1 105 ILE n 
1 106 VAL n 
1 107 ILE n 
1 108 MET n 
1 109 VAL n 
1 110 LEU n 
1 111 LYS n 
1 112 ASP n 
1 113 LYS n 
1 114 PHE n 
1 115 GLN n 
1 116 VAL n 
1 117 ALA n 
1 118 VAL n 
1 119 ASN n 
1 120 GLY n 
1 121 LYS n 
1 122 HIS n 
1 123 THR n 
1 124 LEU n 
1 125 LEU n 
1 126 TYR n 
1 127 GLY n 
1 128 HIS n 
1 129 ARG n 
1 130 ILE n 
1 131 GLY n 
1 132 PRO n 
1 133 GLU n 
1 134 LYS n 
1 135 ILE n 
1 136 ASP n 
1 137 THR n 
1 138 LEU n 
1 139 GLY n 
1 140 ILE n 
1 141 TYR n 
1 142 GLY n 
1 143 LYS n 
1 144 VAL n 
1 145 ASN n 
1 146 ILE n 
1 147 HIS n 
1 148 SER n 
1 149 ILE n 
1 150 GLY n 
1 151 PHE n 
1 152 SER n 
1 153 PHE n 
1 154 SER n 
# 
_entity_src_gen.entity_id                          1 
_entity_src_gen.pdbx_src_id                        1 
_entity_src_gen.pdbx_alt_source_flag               sample 
_entity_src_gen.pdbx_seq_type                      ? 
_entity_src_gen.pdbx_beg_seq_num                   ? 
_entity_src_gen.pdbx_end_seq_num                   ? 
_entity_src_gen.gene_src_common_name               human 
_entity_src_gen.gene_src_genus                     ? 
_entity_src_gen.pdbx_gene_src_gene                 LGALS8 
_entity_src_gen.gene_src_species                   ? 
_entity_src_gen.gene_src_strain                    ? 
_entity_src_gen.gene_src_tissue                    ? 
_entity_src_gen.gene_src_tissue_fraction           ? 
_entity_src_gen.gene_src_details                   ? 
_entity_src_gen.pdbx_gene_src_fragment             ? 
_entity_src_gen.pdbx_gene_src_scientific_name      'Homo sapiens' 
_entity_src_gen.pdbx_gene_src_ncbi_taxonomy_id     9606 
_entity_src_gen.pdbx_gene_src_variant              ? 
_entity_src_gen.pdbx_gene_src_cell_line            ? 
_entity_src_gen.pdbx_gene_src_atcc                 ? 
_entity_src_gen.pdbx_gene_src_organ                ? 
_entity_src_gen.pdbx_gene_src_organelle            ? 
_entity_src_gen.pdbx_gene_src_cell                 ? 
_entity_src_gen.pdbx_gene_src_cellular_location    ? 
_entity_src_gen.host_org_common_name               ? 
_entity_src_gen.pdbx_host_org_scientific_name      'Escherichia coli' 
_entity_src_gen.pdbx_host_org_ncbi_taxonomy_id     562 
_entity_src_gen.host_org_genus                     ? 
_entity_src_gen.pdbx_host_org_gene                 ? 
_entity_src_gen.pdbx_host_org_organ                ? 
_entity_src_gen.host_org_species                   ? 
_entity_src_gen.pdbx_host_org_tissue               ? 
_entity_src_gen.pdbx_host_org_tissue_fraction      ? 
_entity_src_gen.pdbx_host_org_strain               ? 
_entity_src_gen.pdbx_host_org_variant              ? 
_entity_src_gen.pdbx_host_org_cell_line            ? 
_entity_src_gen.pdbx_host_org_atcc                 ? 
_entity_src_gen.pdbx_host_org_culture_collection   ? 
_entity_src_gen.pdbx_host_org_cell                 ? 
_entity_src_gen.pdbx_host_org_organelle            ? 
_entity_src_gen.pdbx_host_org_cellular_location    ? 
_entity_src_gen.pdbx_host_org_vector_type          plasmid 
_entity_src_gen.pdbx_host_org_vector               ? 
_entity_src_gen.host_org_details                   ? 
_entity_src_gen.expression_system_id               ? 
_entity_src_gen.plasmid_name                       pGEX-6P-2 
_entity_src_gen.plasmid_details                    ? 
_entity_src_gen.pdbx_description                   ? 
# 
_struct_ref.id                         1 
_struct_ref.db_name                    UNP 
_struct_ref.db_code                    LEG8_HUMAN 
_struct_ref.pdbx_db_accession          O00214 
_struct_ref.entity_id                  1 
_struct_ref.pdbx_seq_one_letter_code   
;MMLSLNNLQNIIYNPVIPFVGTIPDQLDPGTLIVIRGHVPSDADRFQVDLQNGSSMKPRADVAFHFNPRFKRAGCIVCNT
LINEKWGREEITYDTPFKREKSFEIVIMVLKDKFQVAVNGKHTLLYGHRIGPEKIDTLGIYGKVNIHSIGFSFS
;
_struct_ref.pdbx_align_begin           1 
_struct_ref.pdbx_db_isoform            ? 
# 
_struct_ref_seq.align_id                      1 
_struct_ref_seq.ref_id                        1 
_struct_ref_seq.pdbx_PDB_id_code              3AP9 
_struct_ref_seq.pdbx_strand_id                A 
_struct_ref_seq.seq_align_beg                 1 
_struct_ref_seq.pdbx_seq_align_beg_ins_code   ? 
_struct_ref_seq.seq_align_end                 154 
_struct_ref_seq.pdbx_seq_align_end_ins_code   ? 
_struct_ref_seq.pdbx_db_accession             O00214 
_struct_ref_seq.db_align_beg                  1 
_struct_ref_seq.pdbx_db_align_beg_ins_code    ? 
_struct_ref_seq.db_align_end                  154 
_struct_ref_seq.pdbx_db_align_end_ins_code    ? 
_struct_ref_seq.pdbx_auth_seq_align_beg       1 
_struct_ref_seq.pdbx_auth_seq_align_end       154 
# 
_struct_ref_seq_dif.align_id                     1 
_struct_ref_seq_dif.pdbx_pdb_id_code             3AP9 
_struct_ref_seq_dif.mon_id                       VAL 
_struct_ref_seq_dif.pdbx_pdb_strand_id           A 
_struct_ref_seq_dif.seq_num                      56 
_struct_ref_seq_dif.pdbx_pdb_ins_code            ? 
_struct_ref_seq_dif.pdbx_seq_db_name             UNP 
_struct_ref_seq_dif.pdbx_seq_db_accession_code   O00214 
_struct_ref_seq_dif.db_mon_id                    MET 
_struct_ref_seq_dif.pdbx_seq_db_seq_num          56 
_struct_ref_seq_dif.details                      'SEE REMARK 999' 
_struct_ref_seq_dif.pdbx_auth_seq_num            56 
_struct_ref_seq_dif.pdbx_ordinal                 1 
# 
loop_
_chem_comp.id 
_chem_comp.type 
_chem_comp.mon_nstd_flag 
_chem_comp.name 
_chem_comp.pdbx_synonyms 
_chem_comp.formula 
_chem_comp.formula_weight 
ALA 'L-peptide linking'           y ALANINE                                  ? 'C3 H7 N O2'     89.093  
ARG 'L-peptide linking'           y ARGININE                                 ? 'C6 H15 N4 O2 1' 175.209 
ASN 'L-peptide linking'           y ASPARAGINE                               ? 'C4 H8 N2 O3'    132.118 
ASP 'L-peptide linking'           y 'ASPARTIC ACID'                          ? 'C4 H7 N O4'     133.103 
BGC 'D-saccharide, beta linking'  . beta-D-glucopyranose                     'beta-D-glucose; D-glucose; glucose' 'C6 H12 O6'      
180.156 
CL  non-polymer                   . 'CHLORIDE ION'                           ? 'Cl -1'          35.453  
CYS 'L-peptide linking'           y CYSTEINE                                 ? 'C3 H7 N O2 S'   121.158 
FUC 'L-saccharide, alpha linking' . alpha-L-fucopyranose                     
'alpha-L-fucose; 6-deoxy-alpha-L-galactopyranose; L-fucose; fucose' 'C6 H12 O5'      164.156 
GAL 'D-saccharide, beta linking'  . beta-D-galactopyranose                   'beta-D-galactose; D-galactose; galactose' 
'C6 H12 O6'      180.156 
GLN 'L-peptide linking'           y GLUTAMINE                                ? 'C5 H10 N2 O3'   146.144 
GLU 'L-peptide linking'           y 'GLUTAMIC ACID'                          ? 'C5 H9 N O4'     147.129 
GLY 'peptide linking'             y GLYCINE                                  ? 'C2 H5 N O2'     75.067  
HIS 'L-peptide linking'           y HISTIDINE                                ? 'C6 H10 N3 O2 1' 156.162 
HOH non-polymer                   . WATER                                    ? 'H2 O'           18.015  
ILE 'L-peptide linking'           y ISOLEUCINE                               ? 'C6 H13 N O2'    131.173 
LEU 'L-peptide linking'           y LEUCINE                                  ? 'C6 H13 N O2'    131.173 
LYS 'L-peptide linking'           y LYSINE                                   ? 'C6 H15 N2 O2 1' 147.195 
MET 'L-peptide linking'           y METHIONINE                               ? 'C5 H11 N O2 S'  149.211 
MPD non-polymer                   . '(4S)-2-METHYL-2,4-PENTANEDIOL'          ? 'C6 H14 O2'      118.174 
NAG 'D-saccharide, beta linking'  . 2-acetamido-2-deoxy-beta-D-glucopyranose 
;N-acetyl-beta-D-glucosamine; 2-acetamido-2-deoxy-beta-D-glucose; 2-acetamido-2-deoxy-D-glucose; 2-acetamido-2-deoxy-glucose; N-ACETYL-D-GLUCOSAMINE
;
'C8 H15 N O6'    221.208 
PHE 'L-peptide linking'           y PHENYLALANINE                            ? 'C9 H11 N O2'    165.189 
PRO 'L-peptide linking'           y PROLINE                                  ? 'C5 H9 N O2'     115.130 
SER 'L-peptide linking'           y SERINE                                   ? 'C3 H7 N O3'     105.093 
THR 'L-peptide linking'           y THREONINE                                ? 'C4 H9 N O3'     119.119 
TRP 'L-peptide linking'           y TRYPTOPHAN                               ? 'C11 H12 N2 O2'  204.225 
TYR 'L-peptide linking'           y TYROSINE                                 ? 'C9 H11 N O3'    181.189 
VAL 'L-peptide linking'           y VALINE                                   ? 'C5 H11 N O2'    117.146 
# 
_exptl.entry_id          3AP9 
_exptl.method            'X-RAY DIFFRACTION' 
_exptl.crystals_number   1 
# 
_exptl_crystal.id                    1 
_exptl_crystal.density_meas          ? 
_exptl_crystal.density_Matthews      2.34 
_exptl_crystal.density_percent_sol   47.34 
_exptl_crystal.description           ? 
_exptl_crystal.F_000                 ? 
_exptl_crystal.preparation           ? 
# 
_exptl_crystal_grow.crystal_id      1 
_exptl_crystal_grow.method          'VAPOR DIFFUSION, HANGING DROP' 
_exptl_crystal_grow.temp            293.15 
_exptl_crystal_grow.temp_details    ? 
_exptl_crystal_grow.pH              7.0 
_exptl_crystal_grow.pdbx_details    
;0.275mM protein, 10mM Hepes-NaOH, 2.75mM Lacto-N-fucopentaose III, 50mM sodium chloride, 0.5mM DTT, 50mM ammonium fluoride, 12% PEG 3350, pH 7.0, VAPOR DIFFUSION, HANGING DROP, temperature 293.15K
;
_exptl_crystal_grow.pdbx_pH_range   . 
# 
_diffrn.id                     1 
_diffrn.ambient_temp           95 
_diffrn.ambient_temp_details   ? 
_diffrn.crystal_id             1 
# 
_diffrn_detector.diffrn_id              1 
_diffrn_detector.detector               CCD 
_diffrn_detector.type                   'ADSC QUANTUM 210' 
_diffrn_detector.pdbx_collection_date   2006-02-01 
_diffrn_detector.details                ? 
# 
_diffrn_radiation.diffrn_id                        1 
_diffrn_radiation.wavelength_id                    1 
_diffrn_radiation.pdbx_monochromatic_or_laue_m_l   M 
_diffrn_radiation.monochromator                    'Numerical link type Si(111) double crystal monochromator' 
_diffrn_radiation.pdbx_diffrn_protocol             'SINGLE WAVELENGTH' 
_diffrn_radiation.pdbx_scattering_type             x-ray 
# 
_diffrn_radiation_wavelength.id           1 
_diffrn_radiation_wavelength.wavelength   1.000000 
_diffrn_radiation_wavelength.wt           1.0 
# 
_diffrn_source.diffrn_id                   1 
_diffrn_source.source                      SYNCHROTRON 
_diffrn_source.type                        'PHOTON FACTORY BEAMLINE AR-NW12A' 
_diffrn_source.pdbx_synchrotron_site       'Photon Factory' 
_diffrn_source.pdbx_synchrotron_beamline   AR-NW12A 
_diffrn_source.pdbx_wavelength             ? 
_diffrn_source.pdbx_wavelength_list        1.000000 
# 
_reflns.entry_id                     3AP9 
_reflns.observed_criterion_sigma_I   0 
_reflns.observed_criterion_sigma_F   0 
_reflns.d_resolution_low             24.977 
_reflns.d_resolution_high            1.330 
_reflns.number_obs                   37685 
_reflns.number_all                   37685 
_reflns.percent_possible_obs         98.7 
_reflns.pdbx_Rmerge_I_obs            0.041 
_reflns.pdbx_Rsym_value              0.041 
_reflns.pdbx_netI_over_sigmaI        ? 
_reflns.B_iso_Wilson_estimate        9.616 
_reflns.pdbx_redundancy              7.0 
_reflns.R_free_details               ? 
_reflns.limit_h_max                  ? 
_reflns.limit_h_min                  ? 
_reflns.limit_k_max                  ? 
_reflns.limit_k_min                  ? 
_reflns.limit_l_max                  ? 
_reflns.limit_l_min                  ? 
_reflns.observed_criterion_F_max     ? 
_reflns.observed_criterion_F_min     ? 
_reflns.pdbx_chi_squared             ? 
_reflns.pdbx_scaling_rejects         ? 
_reflns.pdbx_ordinal                 1 
_reflns.pdbx_diffrn_id               1 
# 
_reflns_shell.d_res_high                  1.33 
_reflns_shell.d_res_low                   1.36 
_reflns_shell.percent_possible_all        97.4 
_reflns_shell.Rmerge_I_obs                0.231 
_reflns_shell.pdbx_Rsym_value             0.231 
_reflns_shell.meanI_over_sigI_obs         9.4 
_reflns_shell.pdbx_redundancy             7.1 
_reflns_shell.percent_possible_obs        ? 
_reflns_shell.number_unique_all           2712 
_reflns_shell.number_measured_all         ? 
_reflns_shell.number_measured_obs         ? 
_reflns_shell.number_unique_obs           ? 
_reflns_shell.pdbx_chi_squared            ? 
_reflns_shell.pdbx_rejects                ? 
_reflns_shell.pdbx_netI_over_sigmaI_obs   ? 
_reflns_shell.number_possible             ? 
_reflns_shell.Rmerge_F_all                ? 
_reflns_shell.Rmerge_F_obs                ? 
_reflns_shell.Rmerge_I_all                ? 
_reflns_shell.meanI_over_sigI_all         ? 
_reflns_shell.pdbx_Rrim_I_all             ? 
_reflns_shell.pdbx_Rpim_I_all             ? 
_reflns_shell.pdbx_ordinal                1 
_reflns_shell.pdbx_diffrn_id              1 
# 
_refine.entry_id                                 3AP9 
_refine.ls_number_reflns_obs                     35696 
_refine.ls_number_reflns_all                     35696 
_refine.pdbx_ls_sigma_I                          ? 
_refine.pdbx_ls_sigma_F                          ? 
_refine.pdbx_data_cutoff_high_absF               ? 
_refine.pdbx_data_cutoff_low_absF                ? 
_refine.pdbx_data_cutoff_high_rms_absF           ? 
_refine.ls_d_res_low                             24.977 
_refine.ls_d_res_high                            1.33 
_refine.ls_percent_reflns_obs                    98.34 
_refine.ls_R_factor_obs                          0.15773 
_refine.ls_R_factor_all                          ? 
_refine.ls_R_factor_R_work                       0.15666 
_refine.ls_R_factor_R_free                       0.17824 
_refine.ls_R_factor_R_free_error                 ? 
_refine.ls_R_factor_R_free_error_details         ? 
_refine.ls_percent_reflns_R_free                 5.0 
_refine.ls_number_reflns_R_free                  1878 
_refine.ls_number_parameters                     ? 
_refine.ls_number_restraints                     ? 
_refine.occupancy_min                            ? 
_refine.occupancy_max                            ? 
_refine.correlation_coeff_Fo_to_Fc               0.967 
_refine.correlation_coeff_Fo_to_Fc_free          0.955 
_refine.B_iso_mean                               8.336 
_refine.aniso_B[1][1]                            0.45 
_refine.aniso_B[2][2]                            -0.31 
_refine.aniso_B[3][3]                            -0.14 
_refine.aniso_B[1][2]                            0.00 
_refine.aniso_B[1][3]                            0.00 
_refine.aniso_B[2][3]                            0.00 
_refine.solvent_model_details                    'BABINET MODEL WITH MASK' 
_refine.solvent_model_param_ksol                 ? 
_refine.solvent_model_param_bsol                 ? 
_refine.pdbx_solvent_vdw_probe_radii             1.40 
_refine.pdbx_solvent_ion_probe_radii             0.80 
_refine.pdbx_solvent_shrinkage_radii             0.80 
_refine.pdbx_ls_cross_valid_method               THROUGHOUT 
_refine.details                                  'HYDROGENS HAVE BEEN ADDED IN THE RIDING POSITIONS' 
_refine.pdbx_starting_model                      'PDB ENTRY 3AP5' 
_refine.pdbx_method_to_determine_struct          'MOLECULAR REPLACEMENT' 
_refine.pdbx_isotropic_thermal_model             ISOTROPIC 
_refine.pdbx_stereochemistry_target_values       'Engh & Huber' 
_refine.pdbx_stereochem_target_val_spec_case     ? 
_refine.pdbx_R_Free_selection_details            RANDOM 
_refine.pdbx_overall_ESU_R                       0.050 
_refine.pdbx_overall_ESU_R_Free                  0.051 
_refine.overall_SU_ML                            0.028 
_refine.pdbx_overall_phase_error                 ? 
_refine.overall_SU_B                             0.648 
_refine.overall_SU_R_Cruickshank_DPI             ? 
_refine.ls_redundancy_reflns_obs                 ? 
_refine.B_iso_min                                ? 
_refine.B_iso_max                                ? 
_refine.overall_SU_R_free                        ? 
_refine.ls_wR_factor_R_free                      ? 
_refine.ls_wR_factor_R_work                      ? 
_refine.overall_FOM_free_R_set                   ? 
_refine.overall_FOM_work_R_set                   ? 
_refine.pdbx_refine_id                           'X-RAY DIFFRACTION' 
_refine.pdbx_diffrn_id                           1 
_refine.pdbx_TLS_residual_ADP_flag               ? 
_refine.pdbx_overall_SU_R_free_Cruickshank_DPI   ? 
_refine.pdbx_overall_SU_R_Blow_DPI               ? 
_refine.pdbx_overall_SU_R_free_Blow_DPI          ? 
# 
_refine_hist.pdbx_refine_id                   'X-RAY DIFFRACTION' 
_refine_hist.cycle_id                         LAST 
_refine_hist.pdbx_number_atoms_protein        1204 
_refine_hist.pdbx_number_atoms_nucleic_acid   0 
_refine_hist.pdbx_number_atoms_ligand         69 
_refine_hist.number_atoms_solvent             260 
_refine_hist.number_atoms_total               1533 
_refine_hist.d_res_high                       1.33 
_refine_hist.d_res_low                        24.977 
# 
loop_
_refine_ls_restr.type 
_refine_ls_restr.dev_ideal 
_refine_ls_restr.dev_ideal_target 
_refine_ls_restr.weight 
_refine_ls_restr.number 
_refine_ls_restr.pdbx_refine_id 
_refine_ls_restr.pdbx_restraint_function 
r_bond_refined_d             0.007  0.022  ? 1351 'X-RAY DIFFRACTION' ? 
r_bond_other_d               0.001  0.020  ? 925  'X-RAY DIFFRACTION' ? 
r_angle_refined_deg          1.242  1.999  ? 1847 'X-RAY DIFFRACTION' ? 
r_angle_other_deg            0.749  2.998  ? 2273 'X-RAY DIFFRACTION' ? 
r_dihedral_angle_1_deg       6.840  5.000  ? 156  'X-RAY DIFFRACTION' ? 
r_dihedral_angle_2_deg       32.565 23.906 ? 64   'X-RAY DIFFRACTION' ? 
r_dihedral_angle_3_deg       10.245 15.000 ? 223  'X-RAY DIFFRACTION' ? 
r_dihedral_angle_4_deg       22.009 15.000 ? 9    'X-RAY DIFFRACTION' ? 
r_chiral_restr               0.075  0.200  ? 222  'X-RAY DIFFRACTION' ? 
r_gen_planes_refined         0.005  0.021  ? 1427 'X-RAY DIFFRACTION' ? 
r_gen_planes_other           0.001  0.020  ? 266  'X-RAY DIFFRACTION' ? 
r_nbd_refined                ?      ?      ? ?    'X-RAY DIFFRACTION' ? 
r_nbd_other                  ?      ?      ? ?    'X-RAY DIFFRACTION' ? 
r_nbtor_refined              ?      ?      ? ?    'X-RAY DIFFRACTION' ? 
r_nbtor_other                ?      ?      ? ?    'X-RAY DIFFRACTION' ? 
r_xyhbond_nbd_refined        ?      ?      ? ?    'X-RAY DIFFRACTION' ? 
r_xyhbond_nbd_other          ?      ?      ? ?    'X-RAY DIFFRACTION' ? 
r_metal_ion_refined          ?      ?      ? ?    'X-RAY DIFFRACTION' ? 
r_metal_ion_other            ?      ?      ? ?    'X-RAY DIFFRACTION' ? 
r_symmetry_vdw_refined       ?      ?      ? ?    'X-RAY DIFFRACTION' ? 
r_symmetry_vdw_other         ?      ?      ? ?    'X-RAY DIFFRACTION' ? 
r_symmetry_hbond_refined     ?      ?      ? ?    'X-RAY DIFFRACTION' ? 
r_symmetry_hbond_other       ?      ?      ? ?    'X-RAY DIFFRACTION' ? 
r_symmetry_metal_ion_refined ?      ?      ? ?    'X-RAY DIFFRACTION' ? 
r_symmetry_metal_ion_other   ?      ?      ? ?    'X-RAY DIFFRACTION' ? 
r_mcbond_it                  0.607  1.500  ? 773  'X-RAY DIFFRACTION' ? 
r_mcbond_other               0.129  1.500  ? 311  'X-RAY DIFFRACTION' ? 
r_mcangle_it                 1.108  2.000  ? 1274 'X-RAY DIFFRACTION' ? 
r_scbond_it                  1.481  3.000  ? 578  'X-RAY DIFFRACTION' ? 
r_scangle_it                 2.284  4.500  ? 571  'X-RAY DIFFRACTION' ? 
r_rigid_bond_restr           ?      ?      ? ?    'X-RAY DIFFRACTION' ? 
r_sphericity_free            ?      ?      ? ?    'X-RAY DIFFRACTION' ? 
r_sphericity_bonded          ?      ?      ? ?    'X-RAY DIFFRACTION' ? 
# 
_refine_ls_shell.pdbx_refine_id                   'X-RAY DIFFRACTION' 
_refine_ls_shell.pdbx_total_number_of_bins_used   20 
_refine_ls_shell.d_res_high                       1.330 
_refine_ls_shell.d_res_low                        1.364 
_refine_ls_shell.number_reflns_R_work             2561 
_refine_ls_shell.R_factor_R_work                  0.192 
_refine_ls_shell.percent_reflns_obs               96.91 
_refine_ls_shell.R_factor_R_free                  0.224 
_refine_ls_shell.R_factor_R_free_error            ? 
_refine_ls_shell.percent_reflns_R_free            ? 
_refine_ls_shell.number_reflns_R_free             134 
_refine_ls_shell.number_reflns_all                ? 
_refine_ls_shell.R_factor_all                     ? 
_refine_ls_shell.number_reflns_obs                2695 
_refine_ls_shell.redundancy_reflns_obs            ? 
# 
_struct.entry_id                  3AP9 
_struct.title                     
'Crystal structure of the galectin-8 N-terminal carbohydrate recognition domain in complex with Lacto-N-fucopentaose III' 
_struct.pdbx_model_details        ? 
_struct.pdbx_CASP_flag            ? 
_struct.pdbx_model_type_details   ? 
# 
_struct_keywords.entry_id        3AP9 
_struct_keywords.pdbx_keywords   'SUGAR BINDING PROTEIN' 
_struct_keywords.text            
'Beta-Sandwich, Galectin, Carbohydrate/Sugar Binding, Lacto-N-fucopentaose III, Sugar Binding Protein' 
# 
loop_
_struct_asym.id 
_struct_asym.pdbx_blank_PDB_chainid_flag 
_struct_asym.pdbx_modified 
_struct_asym.entity_id 
_struct_asym.details 
A N N 1 ? 
B N N 2 ? 
C N N 3 ? 
D N N 4 ? 
E N N 4 ? 
F N N 4 ? 
G N N 5 ? 
# 
_struct_biol.id        1 
_struct_biol.details   ? 
# 
_struct_conf.conf_type_id            HELX_P 
_struct_conf.id                      HELX_P1 
_struct_conf.pdbx_PDB_helix_id       1 
_struct_conf.beg_label_comp_id       GLY 
_struct_conf.beg_label_asym_id       A 
_struct_conf.beg_label_seq_id        131 
_struct_conf.pdbx_beg_PDB_ins_code   ? 
_struct_conf.end_label_comp_id       ILE 
_struct_conf.end_label_asym_id       A 
_struct_conf.end_label_seq_id        135 
_struct_conf.pdbx_end_PDB_ins_code   ? 
_struct_conf.beg_auth_comp_id        GLY 
_struct_conf.beg_auth_asym_id        A 
_struct_conf.beg_auth_seq_id         131 
_struct_conf.end_auth_comp_id        ILE 
_struct_conf.end_auth_asym_id        A 
_struct_conf.end_auth_seq_id         135 
_struct_conf.pdbx_PDB_helix_class    5 
_struct_conf.details                 ? 
_struct_conf.pdbx_PDB_helix_length   5 
# 
_struct_conf_type.id          HELX_P 
_struct_conf_type.criteria    ? 
_struct_conf_type.reference   ? 
# 
loop_
_struct_conn.id 
_struct_conn.conn_type_id 
_struct_conn.pdbx_leaving_atom_flag 
_struct_conn.pdbx_PDB_id 
_struct_conn.ptnr1_label_asym_id 
_struct_conn.ptnr1_label_comp_id 
_struct_conn.ptnr1_label_seq_id 
_struct_conn.ptnr1_label_atom_id 
_struct_conn.pdbx_ptnr1_label_alt_id 
_struct_conn.pdbx_ptnr1_PDB_ins_code 
_struct_conn.pdbx_ptnr1_standard_comp_id 
_struct_conn.ptnr1_symmetry 
_struct_conn.ptnr2_label_asym_id 
_struct_conn.ptnr2_label_comp_id 
_struct_conn.ptnr2_label_seq_id 
_struct_conn.ptnr2_label_atom_id 
_struct_conn.pdbx_ptnr2_label_alt_id 
_struct_conn.pdbx_ptnr2_PDB_ins_code 
_struct_conn.ptnr1_auth_asym_id 
_struct_conn.ptnr1_auth_comp_id 
_struct_conn.ptnr1_auth_seq_id 
_struct_conn.ptnr2_auth_asym_id 
_struct_conn.ptnr2_auth_comp_id 
_struct_conn.ptnr2_auth_seq_id 
_struct_conn.ptnr2_symmetry 
_struct_conn.pdbx_ptnr3_label_atom_id 
_struct_conn.pdbx_ptnr3_label_seq_id 
_struct_conn.pdbx_ptnr3_label_comp_id 
_struct_conn.pdbx_ptnr3_label_asym_id 
_struct_conn.pdbx_ptnr3_label_alt_id 
_struct_conn.pdbx_ptnr3_PDB_ins_code 
_struct_conn.details 
_struct_conn.pdbx_dist_value 
_struct_conn.pdbx_value_order 
_struct_conn.pdbx_role 
covale1 covale both ? B BGC . O4 ? ? ? 1_555 B GAL . C1 ? ? B BGC 1 B GAL 2 1_555 ? ? ? ? ? ? ? 1.418 ? ? 
covale2 covale both ? B GAL . O3 ? ? ? 1_555 B NAG . C1 ? ? B GAL 2 B NAG 3 1_555 ? ? ? ? ? ? ? 1.414 ? ? 
covale3 covale both ? B NAG . O3 ? ? ? 1_555 B FUC . C1 ? ? B NAG 3 B FUC 4 1_555 ? ? ? ? ? ? ? 1.443 ? ? 
covale4 covale both ? B NAG . O4 ? ? ? 1_555 B GAL . C1 ? ? B NAG 3 B GAL 5 1_555 ? ? ? ? ? ? ? 1.420 ? ? 
# 
_struct_conn_type.id          covale 
_struct_conn_type.criteria    ? 
_struct_conn_type.reference   ? 
# 
loop_
_struct_mon_prot_cis.pdbx_id 
_struct_mon_prot_cis.label_comp_id 
_struct_mon_prot_cis.label_seq_id 
_struct_mon_prot_cis.label_asym_id 
_struct_mon_prot_cis.label_alt_id 
_struct_mon_prot_cis.pdbx_PDB_ins_code 
_struct_mon_prot_cis.auth_comp_id 
_struct_mon_prot_cis.auth_seq_id 
_struct_mon_prot_cis.auth_asym_id 
_struct_mon_prot_cis.pdbx_label_comp_id_2 
_struct_mon_prot_cis.pdbx_label_seq_id_2 
_struct_mon_prot_cis.pdbx_label_asym_id_2 
_struct_mon_prot_cis.pdbx_PDB_ins_code_2 
_struct_mon_prot_cis.pdbx_auth_comp_id_2 
_struct_mon_prot_cis.pdbx_auth_seq_id_2 
_struct_mon_prot_cis.pdbx_auth_asym_id_2 
_struct_mon_prot_cis.pdbx_PDB_model_num 
_struct_mon_prot_cis.pdbx_omega_angle 
1 ILE 17 A . ? ILE 17 A PRO 18 A ? PRO 18 A 1 6.64  
2 LYS 57 A . ? LYS 57 A PRO 58 A ? PRO 58 A 1 -5.25 
# 
loop_
_struct_sheet.id 
_struct_sheet.type 
_struct_sheet.number_strands 
_struct_sheet.details 
A ? 6 ? 
B ? 6 ? 
C ? 6 ? 
# 
loop_
_struct_sheet_order.sheet_id 
_struct_sheet_order.range_id_1 
_struct_sheet_order.range_id_2 
_struct_sheet_order.offset 
_struct_sheet_order.sense 
A 1 2 ? anti-parallel 
A 2 3 ? anti-parallel 
A 3 4 ? anti-parallel 
A 4 5 ? anti-parallel 
A 5 6 ? anti-parallel 
B 1 2 ? anti-parallel 
B 2 3 ? anti-parallel 
B 3 4 ? anti-parallel 
B 4 5 ? anti-parallel 
B 5 6 ? anti-parallel 
C 1 2 ? anti-parallel 
C 2 3 ? anti-parallel 
C 3 4 ? anti-parallel 
C 4 5 ? anti-parallel 
C 5 6 ? anti-parallel 
# 
loop_
_struct_sheet_range.sheet_id 
_struct_sheet_range.id 
_struct_sheet_range.beg_label_comp_id 
_struct_sheet_range.beg_label_asym_id 
_struct_sheet_range.beg_label_seq_id 
_struct_sheet_range.pdbx_beg_PDB_ins_code 
_struct_sheet_range.end_label_comp_id 
_struct_sheet_range.end_label_asym_id 
_struct_sheet_range.end_label_seq_id 
_struct_sheet_range.pdbx_end_PDB_ins_code 
_struct_sheet_range.beg_auth_comp_id 
_struct_sheet_range.beg_auth_asym_id 
_struct_sheet_range.beg_auth_seq_id 
_struct_sheet_range.end_auth_comp_id 
_struct_sheet_range.end_auth_asym_id 
_struct_sheet_range.end_auth_seq_id 
A 1 GLN A 9   ? TYR A 13  ? GLN A 9   TYR A 13  
A 2 ASN A 145 ? SER A 152 ? ASN A 145 SER A 152 
A 3 LEU A 32  ? HIS A 38  ? LEU A 32  HIS A 38  
A 4 SER A 102 ? VAL A 109 ? SER A 102 VAL A 109 
A 5 LYS A 113 ? VAL A 118 ? LYS A 113 VAL A 118 
A 6 LYS A 121 ? GLY A 127 ? LYS A 121 GLY A 127 
B 1 PHE A 19  ? THR A 22  ? PHE A 19  THR A 22  
B 2 THR A 137 ? GLY A 142 ? THR A 137 GLY A 142 
B 3 PHE A 46  ? ASN A 52  ? PHE A 46  ASN A 52  
B 4 ASP A 61  ? ARG A 69  ? ASP A 61  ARG A 69  
B 5 CYS A 75  ? ILE A 82  ? CYS A 75  ILE A 82  
B 6 LYS A 85  ? TRP A 86  ? LYS A 85  TRP A 86  
C 1 PHE A 19  ? THR A 22  ? PHE A 19  THR A 22  
C 2 THR A 137 ? GLY A 142 ? THR A 137 GLY A 142 
C 3 PHE A 46  ? ASN A 52  ? PHE A 46  ASN A 52  
C 4 ASP A 61  ? ARG A 69  ? ASP A 61  ARG A 69  
C 5 CYS A 75  ? ILE A 82  ? CYS A 75  ILE A 82  
C 6 GLU A 90  ? THR A 92  ? GLU A 90  THR A 92  
# 
loop_
_pdbx_struct_sheet_hbond.sheet_id 
_pdbx_struct_sheet_hbond.range_id_1 
_pdbx_struct_sheet_hbond.range_id_2 
_pdbx_struct_sheet_hbond.range_1_label_atom_id 
_pdbx_struct_sheet_hbond.range_1_label_comp_id 
_pdbx_struct_sheet_hbond.range_1_label_asym_id 
_pdbx_struct_sheet_hbond.range_1_label_seq_id 
_pdbx_struct_sheet_hbond.range_1_PDB_ins_code 
_pdbx_struct_sheet_hbond.range_1_auth_atom_id 
_pdbx_struct_sheet_hbond.range_1_auth_comp_id 
_pdbx_struct_sheet_hbond.range_1_auth_asym_id 
_pdbx_struct_sheet_hbond.range_1_auth_seq_id 
_pdbx_struct_sheet_hbond.range_2_label_atom_id 
_pdbx_struct_sheet_hbond.range_2_label_comp_id 
_pdbx_struct_sheet_hbond.range_2_label_asym_id 
_pdbx_struct_sheet_hbond.range_2_label_seq_id 
_pdbx_struct_sheet_hbond.range_2_PDB_ins_code 
_pdbx_struct_sheet_hbond.range_2_auth_atom_id 
_pdbx_struct_sheet_hbond.range_2_auth_comp_id 
_pdbx_struct_sheet_hbond.range_2_auth_asym_id 
_pdbx_struct_sheet_hbond.range_2_auth_seq_id 
A 1 2 N GLN A 9   ? N GLN A 9   O PHE A 151 ? O PHE A 151 
A 2 3 O GLY A 150 ? O GLY A 150 N VAL A 34  ? N VAL A 34  
A 3 4 N ILE A 35  ? N ILE A 35  O ILE A 105 ? O ILE A 105 
A 4 5 N MET A 108 ? N MET A 108 O GLN A 115 ? O GLN A 115 
A 5 6 N VAL A 116 ? N VAL A 116 O THR A 123 ? O THR A 123 
B 1 2 N GLY A 21  ? N GLY A 21  O LEU A 138 ? O LEU A 138 
B 2 3 O THR A 137 ? O THR A 137 N GLN A 51  ? N GLN A 51  
B 3 4 N VAL A 48  ? N VAL A 48  O PHE A 66  ? O PHE A 66  
B 4 5 N ARG A 69  ? N ARG A 69  O CYS A 75  ? O CYS A 75  
B 5 6 N ILE A 82  ? N ILE A 82  O LYS A 85  ? O LYS A 85  
C 1 2 N GLY A 21  ? N GLY A 21  O LEU A 138 ? O LEU A 138 
C 2 3 O THR A 137 ? O THR A 137 N GLN A 51  ? N GLN A 51  
C 3 4 N VAL A 48  ? N VAL A 48  O PHE A 66  ? O PHE A 66  
C 4 5 N ARG A 69  ? N ARG A 69  O CYS A 75  ? O CYS A 75  
C 5 6 N ILE A 76  ? N ILE A 76  O THR A 92  ? O THR A 92  
# 
_atom_sites.entry_id                    3AP9 
_atom_sites.fract_transf_matrix[1][1]   -0.02149843 
_atom_sites.fract_transf_matrix[1][2]   -0.00137800 
_atom_sites.fract_transf_matrix[1][3]   0.00013991 
_atom_sites.fract_transf_matrix[2][1]   0.00050468 
_atom_sites.fract_transf_matrix[2][2]   -0.00965352 
_atom_sites.fract_transf_matrix[2][3]   -0.01753041 
_atom_sites.fract_transf_matrix[3][1]   0.00084246 
_atom_sites.fract_transf_matrix[3][2]   -0.01244517 
_atom_sites.fract_transf_matrix[3][3]   0.00687747 
_atom_sites.fract_transf_vector[1]      0.504263 
_atom_sites.fract_transf_vector[2]      0.524020 
_atom_sites.fract_transf_vector[3]      0.397136 
# 
loop_
_atom_type.symbol 
C  
CL 
N  
O  
S  
# 
loop_
_atom_site.group_PDB 
_atom_site.id 
_atom_site.type_symbol 
_atom_site.label_atom_id 
_atom_site.label_alt_id 
_atom_site.label_comp_id 
_atom_site.label_asym_id 
_atom_site.label_entity_id 
_atom_site.label_seq_id 
_atom_site.pdbx_PDB_ins_code 
_atom_site.Cartn_x 
_atom_site.Cartn_y 
_atom_site.Cartn_z 
_atom_site.occupancy 
_atom_site.B_iso_or_equiv 
_atom_site.pdbx_formal_charge 
_atom_site.auth_seq_id 
_atom_site.auth_comp_id 
_atom_site.auth_asym_id 
_atom_site.auth_atom_id 
_atom_site.pdbx_PDB_model_num 
ATOM   1    N  N   . SER A 1 4   ? -6.705  23.904  -10.408 1.00 24.35 ? 4   SER A N   1 
ATOM   2    C  CA  . SER A 1 4   ? -6.940  23.819  -8.936  1.00 24.15 ? 4   SER A CA  1 
ATOM   3    C  C   . SER A 1 4   ? -5.826  23.028  -8.253  1.00 23.69 ? 4   SER A C   1 
ATOM   4    O  O   . SER A 1 4   ? -4.977  22.441  -8.920  1.00 23.47 ? 4   SER A O   1 
ATOM   5    C  CB  . SER A 1 4   ? -8.293  23.168  -8.648  1.00 24.39 ? 4   SER A CB  1 
ATOM   6    O  OG  . SER A 1 4   ? -8.227  21.759  -8.770  1.00 24.81 ? 4   SER A OG  1 
ATOM   7    N  N   . LEU A 1 5   ? -5.841  23.016  -6.922  1.00 23.35 ? 5   LEU A N   1 
ATOM   8    C  CA  . LEU A 1 5   ? -4.820  22.309  -6.142  1.00 23.32 ? 5   LEU A CA  1 
ATOM   9    C  C   . LEU A 1 5   ? -5.101  20.805  -6.030  1.00 23.36 ? 5   LEU A C   1 
ATOM   10   O  O   . LEU A 1 5   ? -4.172  20.009  -5.858  1.00 24.32 ? 5   LEU A O   1 
ATOM   11   C  CB  . LEU A 1 5   ? -4.690  22.927  -4.744  1.00 23.16 ? 5   LEU A CB  1 
ATOM   12   C  CG  . LEU A 1 5   ? -4.159  24.364  -4.707  1.00 22.93 ? 5   LEU A CG  1 
ATOM   13   C  CD1 . LEU A 1 5   ? -4.293  24.953  -3.307  1.00 23.18 ? 5   LEU A CD1 1 
ATOM   14   C  CD2 . LEU A 1 5   ? -2.714  24.428  -5.187  1.00 22.91 ? 5   LEU A CD2 1 
ATOM   15   N  N   . ASN A 1 6   ? -6.374  20.426  -6.133  1.00 23.26 ? 6   ASN A N   1 
ATOM   16   C  CA  . ASN A 1 6   ? -6.802  19.018  -6.067  1.00 23.05 ? 6   ASN A CA  1 
ATOM   17   C  C   . ASN A 1 6   ? -6.604  18.282  -7.396  1.00 22.35 ? 6   ASN A C   1 
ATOM   18   O  O   . ASN A 1 6   ? -7.275  18.589  -8.386  1.00 23.17 ? 6   ASN A O   1 
ATOM   19   C  CB  . ASN A 1 6   ? -8.285  18.934  -5.688  1.00 23.42 ? 6   ASN A CB  1 
ATOM   20   C  CG  . ASN A 1 6   ? -8.570  19.459  -4.295  1.00 23.96 ? 6   ASN A CG  1 
ATOM   21   O  OD1 . ASN A 1 6   ? -8.305  18.783  -3.302  1.00 23.48 ? 6   ASN A OD1 1 
ATOM   22   N  ND2 . ASN A 1 6   ? -9.136  20.662  -4.217  1.00 25.05 ? 6   ASN A ND2 1 
ATOM   23   N  N   . ASN A 1 7   ? -5.688  17.316  -7.419  1.00 21.05 ? 7   ASN A N   1 
ATOM   24   C  CA  . ASN A 1 7   ? -5.501  16.448  -8.582  1.00 19.94 ? 7   ASN A CA  1 
ATOM   25   C  C   . ASN A 1 7   ? -5.903  15.001  -8.290  1.00 17.49 ? 7   ASN A C   1 
ATOM   26   O  O   . ASN A 1 7   ? -5.829  14.136  -9.165  1.00 18.06 ? 7   ASN A O   1 
ATOM   27   C  CB  . ASN A 1 7   ? -4.057  16.516  -9.080  1.00 20.65 ? 7   ASN A CB  1 
ATOM   28   C  CG  . ASN A 1 7   ? -3.782  17.773  -9.893  1.00 22.49 ? 7   ASN A CG  1 
ATOM   29   O  OD1 . ASN A 1 7   ? -3.966  18.892  -9.409  1.00 27.42 ? 7   ASN A OD1 1 
ATOM   30   N  ND2 . ASN A 1 7   ? -3.350  17.592  -11.138 1.00 26.54 ? 7   ASN A ND2 1 
ATOM   31   N  N   . LEU A 1 8   ? -6.362  14.747  -7.068  1.00 15.03 ? 8   LEU A N   1 
ATOM   32   C  CA  . LEU A 1 8   ? -6.776  13.410  -6.670  1.00 12.70 ? 8   LEU A CA  1 
ATOM   33   C  C   . LEU A 1 8   ? -8.148  13.452  -6.027  1.00 11.07 ? 8   LEU A C   1 
ATOM   34   O  O   . LEU A 1 8   ? -8.630  14.506  -5.614  1.00 11.06 ? 8   LEU A O   1 
ATOM   35   C  CB  . LEU A 1 8   ? -5.743  12.811  -5.712  1.00 12.51 ? 8   LEU A CB  1 
ATOM   36   C  CG  . LEU A 1 8   ? -4.358  12.550  -6.315  1.00 12.85 ? 8   LEU A CG  1 
ATOM   37   C  CD1 . LEU A 1 8   ? -3.358  12.185  -5.218  1.00 13.57 ? 8   LEU A CD1 1 
ATOM   38   C  CD2 . LEU A 1 8   ? -4.438  11.456  -7.372  1.00 14.98 ? 8   LEU A CD2 1 
ATOM   39   N  N   . GLN A 1 9   ? -8.775  12.289  -5.948  1.00 9.00  ? 9   GLN A N   1 
ATOM   40   C  CA  . GLN A 1 9   ? -10.097 12.130  -5.366  1.00 7.95  ? 9   GLN A CA  1 
ATOM   41   C  C   . GLN A 1 9   ? -10.022 11.587  -3.950  1.00 7.79  ? 9   GLN A C   1 
ATOM   42   O  O   . GLN A 1 9   ? -9.093  10.845  -3.604  1.00 7.39  ? 9   GLN A O   1 
ATOM   43   C  CB  . GLN A 1 9   ? -10.911 11.131  -6.187  1.00 7.62  ? 9   GLN A CB  1 
ATOM   44   C  CG  . GLN A 1 9   ? -11.101 11.510  -7.641  1.00 8.46  ? 9   GLN A CG  1 
ATOM   45   C  CD  . GLN A 1 9   ? -11.868 10.447  -8.395  1.00 8.77  ? 9   GLN A CD  1 
ATOM   46   O  OE1 . GLN A 1 9   ? -11.277 9.546   -8.998  1.00 8.75  ? 9   GLN A OE1 1 
ATOM   47   N  NE2 . GLN A 1 9   ? -13.180 10.511  -8.330  1.00 9.64  ? 9   GLN A NE2 1 
ATOM   48   N  N   . ASN A 1 10  ? -11.017 11.937  -3.144  1.00 7.78  ? 10  ASN A N   1 
ATOM   49   C  CA  . ASN A 1 10  ? -11.240 11.329  -1.831  1.00 7.84  ? 10  ASN A CA  1 
ATOM   50   C  C   . ASN A 1 10  ? -9.990  11.371  -0.956  1.00 7.51  ? 10  ASN A C   1 
ATOM   51   O  O   . ASN A 1 10  ? -9.570  10.363  -0.386  1.00 7.70  ? 10  ASN A O   1 
ATOM   52   C  CB  . ASN A 1 10  ? -11.754 9.890   -1.991  1.00 8.25  ? 10  ASN A CB  1 
ATOM   53   C  CG  . ASN A 1 10  ? -13.016 9.811   -2.825  1.00 9.18  ? 10  ASN A CG  1 
ATOM   54   O  OD1 . ASN A 1 10  ? -12.988 9.363   -3.968  1.00 10.62 ? 10  ASN A OD1 1 
ATOM   55   N  ND2 . ASN A 1 10  ? -14.133 10.242  -2.245  1.00 11.81 ? 10  ASN A ND2 1 
ATOM   56   N  N   . ILE A 1 11  ? -9.408  12.564  -0.856  1.00 6.95  ? 11  ILE A N   1 
ATOM   57   C  CA  . ILE A 1 11  ? -8.120  12.751  -0.206  1.00 7.36  ? 11  ILE A CA  1 
ATOM   58   C  C   . ILE A 1 11  ? -8.266  12.708  1.309   1.00 7.35  ? 11  ILE A C   1 
ATOM   59   O  O   . ILE A 1 11  ? -9.237  13.218  1.855   1.00 7.86  ? 11  ILE A O   1 
ATOM   60   C  CB  . ILE A 1 11  ? -7.470  14.087  -0.636  1.00 7.60  ? 11  ILE A CB  1 
ATOM   61   C  CG1 . ILE A 1 11  ? -7.220  14.102  -2.149  1.00 7.95  ? 11  ILE A CG1 1 
ATOM   62   C  CG2 . ILE A 1 11  ? -6.168  14.327  0.117   1.00 8.71  ? 11  ILE A CG2 1 
ATOM   63   C  CD1 . ILE A 1 11  ? -6.913  15.496  -2.709  1.00 9.85  ? 11  ILE A CD1 1 
ATOM   64   N  N   . ILE A 1 12  ? -7.309  12.067  1.974   1.00 7.00  ? 12  ILE A N   1 
ATOM   65   C  CA  . ILE A 1 12  ? -7.215  12.033  3.430   1.00 7.13  ? 12  ILE A CA  1 
ATOM   66   C  C   . ILE A 1 12  ? -5.868  12.637  3.813   1.00 6.82  ? 12  ILE A C   1 
ATOM   67   O  O   . ILE A 1 12  ? -4.837  12.195  3.316   1.00 7.39  ? 12  ILE A O   1 
ATOM   68   C  CB  . ILE A 1 12  ? -7.261  10.579  3.943   1.00 7.09  ? 12  ILE A CB  1 
ATOM   69   C  CG1 . ILE A 1 12  ? -8.542  9.872   3.482   1.00 8.64  ? 12  ILE A CG1 1 
ATOM   70   C  CG2 . ILE A 1 12  ? -7.113  10.535  5.466   1.00 8.00  ? 12  ILE A CG2 1 
ATOM   71   C  CD1 . ILE A 1 12  ? -9.802  10.419  4.071   1.00 11.23 ? 12  ILE A CD1 1 
ATOM   72   N  N   . TYR A 1 13  ? -5.878  13.633  4.694   1.00 6.68  ? 13  TYR A N   1 
ATOM   73   C  CA  . TYR A 1 13  ? -4.660  14.333  5.109   1.00 6.67  ? 13  TYR A CA  1 
ATOM   74   C  C   . TYR A 1 13  ? -4.254  13.926  6.512   1.00 7.00  ? 13  TYR A C   1 
ATOM   75   O  O   . TYR A 1 13  ? -5.095  13.825  7.402   1.00 7.27  ? 13  TYR A O   1 
ATOM   76   C  CB  . TYR A 1 13  ? -4.868  15.849  5.087   1.00 6.48  ? 13  TYR A CB  1 
ATOM   77   C  CG  . TYR A 1 13  ? -5.149  16.432  3.725   1.00 6.73  ? 13  TYR A CG  1 
ATOM   78   C  CD1 . TYR A 1 13  ? -4.142  16.589  2.783   1.00 7.10  ? 13  TYR A CD1 1 
ATOM   79   C  CD2 . TYR A 1 13  ? -6.432  16.848  3.382   1.00 6.42  ? 13  TYR A CD2 1 
ATOM   80   C  CE1 . TYR A 1 13  ? -4.401  17.128  1.540   1.00 7.66  ? 13  TYR A CE1 1 
ATOM   81   C  CE2 . TYR A 1 13  ? -6.701  17.390  2.145   1.00 7.53  ? 13  TYR A CE2 1 
ATOM   82   C  CZ  . TYR A 1 13  ? -5.679  17.535  1.225   1.00 6.80  ? 13  TYR A CZ  1 
ATOM   83   O  OH  . TYR A 1 13  ? -5.911  18.071  -0.031  1.00 9.68  ? 13  TYR A OH  1 
ATOM   84   N  N   . ASN A 1 14  ? -2.953  13.727  6.701   1.00 7.06  ? 14  ASN A N   1 
ATOM   85   C  CA  . ASN A 1 14  ? -2.362  13.518  8.020   1.00 7.19  ? 14  ASN A CA  1 
ATOM   86   C  C   . ASN A 1 14  ? -3.142  12.520  8.895   1.00 7.69  ? 14  ASN A C   1 
ATOM   87   O  O   . ASN A 1 14  ? -3.505  12.836  10.029  1.00 7.64  ? 14  ASN A O   1 
ATOM   88   C  CB  . ASN A 1 14  ? -2.238  14.868  8.740   1.00 7.72  ? 14  ASN A CB  1 
ATOM   89   C  CG  . ASN A 1 14  ? -1.471  14.773  10.047  1.00 8.46  ? 14  ASN A CG  1 
ATOM   90   O  OD1 . ASN A 1 14  ? -0.510  14.023  10.159  1.00 10.12 ? 14  ASN A OD1 1 
ATOM   91   N  ND2 . ASN A 1 14  ? -1.901  15.537  11.040  1.00 8.35  ? 14  ASN A ND2 1 
ATOM   92   N  N   . PRO A 1 15  ? -3.390  11.303  8.381   1.00 7.64  ? 15  PRO A N   1 
ATOM   93   C  CA  . PRO A 1 15  ? -4.104  10.303  9.178   1.00 8.44  ? 15  PRO A CA  1 
ATOM   94   C  C   . PRO A 1 15  ? -3.257  9.786   10.331  1.00 9.07  ? 15  PRO A C   1 
ATOM   95   O  O   . PRO A 1 15  ? -2.028  9.809   10.264  1.00 10.32 ? 15  PRO A O   1 
ATOM   96   C  CB  . PRO A 1 15  ? -4.351  9.175   8.174   1.00 8.51  ? 15  PRO A CB  1 
ATOM   97   C  CG  . PRO A 1 15  ? -3.220  9.282   7.235   1.00 8.35  ? 15  PRO A CG  1 
ATOM   98   C  CD  . PRO A 1 15  ? -2.992  10.757  7.069   1.00 7.66  ? 15  PRO A CD  1 
ATOM   99   N  N   . VAL A 1 16  ? -3.929  9.317   11.375  1.00 10.03 ? 16  VAL A N   1 
ATOM   100  C  CA  . VAL A 1 16  ? -3.279  8.605   12.466  1.00 10.64 ? 16  VAL A CA  1 
ATOM   101  C  C   . VAL A 1 16  ? -2.963  7.184   11.983  1.00 9.99  ? 16  VAL A C   1 
ATOM   102  O  O   . VAL A 1 16  ? -3.789  6.541   11.338  1.00 9.35  ? 16  VAL A O   1 
ATOM   103  C  CB  . VAL A 1 16  ? -4.178  8.554   13.726  1.00 10.63 ? 16  VAL A CB  1 
ATOM   104  C  CG1 . VAL A 1 16  ? -3.560  7.667   14.809  1.00 12.45 ? 16  VAL A CG1 1 
ATOM   105  C  CG2 . VAL A 1 16  ? -4.449  9.972   14.260  1.00 13.01 ? 16  VAL A CG2 1 
ATOM   106  N  N   . ILE A 1 17  ? -1.763  6.710   12.307  1.00 9.91  ? 17  ILE A N   1 
ATOM   107  C  CA  . ILE A 1 17  ? -1.343  5.337   12.023  1.00 10.29 ? 17  ILE A CA  1 
ATOM   108  C  C   . ILE A 1 17  ? -1.420  4.571   13.355  1.00 10.53 ? 17  ILE A C   1 
ATOM   109  O  O   . ILE A 1 17  ? -0.883  5.044   14.368  1.00 11.41 ? 17  ILE A O   1 
ATOM   110  C  CB  . ILE A 1 17  ? 0.094   5.303   11.461  1.00 10.63 ? 17  ILE A CB  1 
ATOM   111  C  CG1 . ILE A 1 17  ? 0.203   6.184   10.214  1.00 10.87 ? 17  ILE A CG1 1 
ATOM   112  C  CG2 . ILE A 1 17  ? 0.541   3.871   11.159  1.00 11.00 ? 17  ILE A CG2 1 
ATOM   113  C  CD1 . ILE A 1 17  ? -0.825  5.876   9.117   1.00 11.56 ? 17  ILE A CD1 1 
ATOM   114  N  N   . PRO A 1 18  ? -2.066  3.390   13.370  1.00 10.32 ? 18  PRO A N   1 
ATOM   115  C  CA  . PRO A 1 18  ? -2.620  2.630   12.248  1.00 9.90  ? 18  PRO A CA  1 
ATOM   116  C  C   . PRO A 1 18  ? -3.848  3.274   11.617  1.00 9.26  ? 18  PRO A C   1 
ATOM   117  O  O   . PRO A 1 18  ? -4.732  3.762   12.319  1.00 10.11 ? 18  PRO A O   1 
ATOM   118  C  CB  . PRO A 1 18  ? -2.996  1.285   12.883  1.00 10.25 ? 18  PRO A CB  1 
ATOM   119  C  CG  . PRO A 1 18  ? -3.248  1.602   14.305  1.00 11.30 ? 18  PRO A CG  1 
ATOM   120  C  CD  . PRO A 1 18  ? -2.276  2.688   14.653  1.00 10.56 ? 18  PRO A CD  1 
ATOM   121  N  N   . PHE A 1 19  ? -3.875  3.273   10.291  1.00 8.33  ? 19  PHE A N   1 
ATOM   122  C  CA  . PHE A 1 19  ? -4.982  3.807   9.515   1.00 8.07  ? 19  PHE A CA  1 
ATOM   123  C  C   . PHE A 1 19  ? -5.721  2.650   8.868   1.00 7.83  ? 19  PHE A C   1 
ATOM   124  O  O   . PHE A 1 19  ? -5.091  1.774   8.265   1.00 7.27  ? 19  PHE A O   1 
ATOM   125  C  CB  . PHE A 1 19  ? -4.460  4.749   8.430   1.00 7.86  ? 19  PHE A CB  1 
ATOM   126  C  CG  . PHE A 1 19  ? -5.507  5.164   7.431   1.00 7.50  ? 19  PHE A CG  1 
ATOM   127  C  CD1 . PHE A 1 19  ? -6.369  6.211   7.694   1.00 8.22  ? 19  PHE A CD1 1 
ATOM   128  C  CD2 . PHE A 1 19  ? -5.644  4.486   6.229   1.00 7.45  ? 19  PHE A CD2 1 
ATOM   129  C  CE1 . PHE A 1 19  ? -7.346  6.577   6.768   1.00 8.73  ? 19  PHE A CE1 1 
ATOM   130  C  CE2 . PHE A 1 19  ? -6.603  4.852   5.303   1.00 9.26  ? 19  PHE A CE2 1 
ATOM   131  C  CZ  . PHE A 1 19  ? -7.453  5.897   5.572   1.00 8.46  ? 19  PHE A CZ  1 
ATOM   132  N  N   . VAL A 1 20  ? -7.045  2.631   9.003   1.00 8.17  ? 20  VAL A N   1 
ATOM   133  C  CA  . VAL A 1 20  ? -7.893  1.647   8.325   1.00 8.85  ? 20  VAL A CA  1 
ATOM   134  C  C   . VAL A 1 20  ? -9.060  2.412   7.738   1.00 9.11  ? 20  VAL A C   1 
ATOM   135  O  O   . VAL A 1 20  ? -9.924  2.885   8.480   1.00 10.54 ? 20  VAL A O   1 
ATOM   136  C  CB  . VAL A 1 20  ? -8.417  0.565   9.287   1.00 9.04  ? 20  VAL A CB  1 
ATOM   137  C  CG1 . VAL A 1 20  ? -9.213  -0.485  8.513   1.00 10.35 ? 20  VAL A CG1 1 
ATOM   138  C  CG2 . VAL A 1 20  ? -7.267  -0.086  10.032  1.00 10.02 ? 20  VAL A CG2 1 
ATOM   139  N  N   . GLY A 1 21  ? -9.092  2.557   6.420   1.00 8.76  ? 21  GLY A N   1 
ATOM   140  C  CA  A GLY A 1 21  ? -10.118 3.365   5.761   0.70 8.75  ? 21  GLY A CA  1 
ATOM   141  C  CA  B GLY A 1 21  ? -10.055 3.437   5.784   0.30 9.07  ? 21  GLY A CA  1 
ATOM   142  C  C   A GLY A 1 21  ? -10.764 2.672   4.581   0.70 8.60  ? 21  GLY A C   1 
ATOM   143  C  C   B GLY A 1 21  ? -10.769 2.788   4.635   0.30 9.15  ? 21  GLY A C   1 
ATOM   144  O  O   A GLY A 1 21  ? -10.115 1.906   3.860   0.70 8.08  ? 21  GLY A O   1 
ATOM   145  O  O   B GLY A 1 21  ? -10.326 1.776   4.088   0.30 9.04  ? 21  GLY A O   1 
ATOM   146  N  N   A THR A 1 22  ? -12.048 2.942   4.381   0.70 9.18  ? 22  THR A N   1 
ATOM   147  N  N   B THR A 1 22  ? -11.892 3.382   4.269   0.30 9.61  ? 22  THR A N   1 
ATOM   148  C  CA  A THR A 1 22  ? -12.790 2.390   3.250   0.70 9.58  ? 22  THR A CA  1 
ATOM   149  C  CA  B THR A 1 22  ? -12.642 2.908   3.138   0.30 10.10 ? 22  THR A CA  1 
ATOM   150  C  C   A THR A 1 22  ? -12.389 3.095   1.952   0.70 9.94  ? 22  THR A C   1 
ATOM   151  C  C   B THR A 1 22  ? -11.928 3.295   1.870   0.30 10.33 ? 22  THR A C   1 
ATOM   152  O  O   A THR A 1 22  ? -12.392 4.331   1.882   0.70 10.06 ? 22  THR A O   1 
ATOM   153  O  O   B THR A 1 22  ? -11.327 4.364   1.778   0.30 10.30 ? 22  THR A O   1 
ATOM   154  C  CB  A THR A 1 22  ? -14.316 2.517   3.482   0.70 9.59  ? 22  THR A CB  1 
ATOM   155  C  CB  B THR A 1 22  ? -14.034 3.535   3.093   0.30 10.18 ? 22  THR A CB  1 
ATOM   156  O  OG1 A THR A 1 22  ? -14.667 1.817   4.680   0.70 11.01 ? 22  THR A OG1 1 
ATOM   157  O  OG1 B THR A 1 22  ? -14.782 3.130   4.246   0.30 12.18 ? 22  THR A OG1 1 
ATOM   158  C  CG2 A THR A 1 22  ? -15.106 1.950   2.307   0.70 10.71 ? 22  THR A CG2 1 
ATOM   159  C  CG2 B THR A 1 22  ? -14.757 3.093   1.836   0.30 10.19 ? 22  THR A CG2 1 
ATOM   160  N  N   A ILE A 1 23  ? -12.021 2.304   0.940   0.70 10.00 ? 23  ILE A N   1 
ATOM   161  N  N   B ILE A 1 23  ? -11.982 2.413   0.889   0.30 10.39 ? 23  ILE A N   1 
ATOM   162  C  CA  A ILE A 1 23  ? -11.689 2.805   -0.400  0.70 10.49 ? 23  ILE A CA  1 
ATOM   163  C  CA  B ILE A 1 23  ? -11.661 2.821   -0.451  0.30 10.67 ? 23  ILE A CA  1 
ATOM   164  C  C   . ILE A 1 23  ? -13.014 3.099   -1.106  1.00 11.21 ? 23  ILE A C   1 
ATOM   165  O  O   . ILE A 1 23  ? -13.817 2.184   -1.297  1.00 12.06 ? 23  ILE A O   1 
ATOM   166  C  CB  . ILE A 1 23  ? -10.862 1.760   -1.194  1.00 10.23 ? 23  ILE A CB  1 
ATOM   167  C  CG1 . ILE A 1 23  ? -9.522  1.526   -0.489  1.00 9.74  ? 23  ILE A CG1 1 
ATOM   168  C  CG2 . ILE A 1 23  ? -10.647 2.205   -2.646  1.00 10.77 ? 23  ILE A CG2 1 
ATOM   169  C  CD1 . ILE A 1 23  ? -8.699  0.419   -1.084  1.00 10.51 ? 23  ILE A CD1 1 
ATOM   170  N  N   . PRO A 1 24  ? -13.280 4.378   -1.450  1.00 11.94 ? 24  PRO A N   1 
ATOM   171  C  CA  . PRO A 1 24  ? -14.656 4.740   -1.827  1.00 12.22 ? 24  PRO A CA  1 
ATOM   172  C  C   . PRO A 1 24  ? -15.168 4.353   -3.222  1.00 11.84 ? 24  PRO A C   1 
ATOM   173  O  O   . PRO A 1 24  ? -16.320 4.642   -3.534  1.00 12.99 ? 24  PRO A O   1 
ATOM   174  C  CB  . PRO A 1 24  ? -14.672 6.262   -1.665  1.00 12.85 ? 24  PRO A CB  1 
ATOM   175  C  CG  . PRO A 1 24  ? -13.296 6.675   -1.803  1.00 13.49 ? 24  PRO A CG  1 
ATOM   176  C  CD  . PRO A 1 24  ? -12.427 5.570   -1.304  1.00 11.55 ? 24  PRO A CD  1 
ATOM   177  N  N   . ASP A 1 25  ? -14.353 3.713   -4.053  1.00 11.09 ? 25  ASP A N   1 
ATOM   178  C  CA  . ASP A 1 25  ? -14.830 3.226   -5.355  1.00 11.00 ? 25  ASP A CA  1 
ATOM   179  C  C   . ASP A 1 25  ? -14.015 1.989   -5.750  1.00 11.04 ? 25  ASP A C   1 
ATOM   180  O  O   . ASP A 1 25  ? -13.072 1.603   -5.049  1.00 10.32 ? 25  ASP A O   1 
ATOM   181  C  CB  . ASP A 1 25  ? -14.717 4.345   -6.409  1.00 10.62 ? 25  ASP A CB  1 
ATOM   182  C  CG  . ASP A 1 25  ? -15.652 4.160   -7.610  1.00 11.94 ? 25  ASP A CG  1 
ATOM   183  O  OD1 . ASP A 1 25  ? -16.312 3.104   -7.755  1.00 13.42 ? 25  ASP A OD1 1 
ATOM   184  O  OD2 . ASP A 1 25  ? -15.704 5.097   -8.437  1.00 15.66 ? 25  ASP A OD2 1 
ATOM   185  N  N   . GLN A 1 26  ? -14.385 1.383   -6.874  1.00 11.46 ? 26  GLN A N   1 
ATOM   186  C  CA  . GLN A 1 26  ? -13.803 0.127   -7.347  1.00 12.24 ? 26  GLN A CA  1 
ATOM   187  C  C   . GLN A 1 26  ? -12.384 0.312   -7.871  1.00 12.01 ? 26  GLN A C   1 
ATOM   188  O  O   . GLN A 1 26  ? -12.086 1.310   -8.522  1.00 11.67 ? 26  GLN A O   1 
ATOM   189  C  CB  . GLN A 1 26  ? -14.658 -0.436  -8.487  1.00 13.42 ? 26  GLN A CB  1 
ATOM   190  C  CG  . GLN A 1 26  ? -16.122 -0.641  -8.142  1.00 15.67 ? 26  GLN A CG  1 
ATOM   191  C  CD  . GLN A 1 26  ? -16.947 -1.143  -9.312  1.00 17.18 ? 26  GLN A CD  1 
ATOM   192  O  OE1 . GLN A 1 26  ? -16.435 -1.390  -10.412 1.00 19.61 ? 26  GLN A OE1 1 
ATOM   193  N  NE2 . GLN A 1 26  ? -18.235 -1.300  -9.080  1.00 20.39 ? 26  GLN A NE2 1 
ATOM   194  N  N   . LEU A 1 27  ? -11.524 -0.675  -7.624  1.00 11.33 ? 27  LEU A N   1 
ATOM   195  C  CA  . LEU A 1 27  ? -10.152 -0.666  -8.151  1.00 11.64 ? 27  LEU A CA  1 
ATOM   196  C  C   . LEU A 1 27  ? -10.099 -1.310  -9.543  1.00 12.12 ? 27  LEU A C   1 
ATOM   197  O  O   . LEU A 1 27  ? -9.531  -2.387  -9.730  1.00 12.68 ? 27  LEU A O   1 
ATOM   198  C  CB  . LEU A 1 27  ? -9.195  -1.378  -7.190  1.00 11.71 ? 27  LEU A CB  1 
ATOM   199  C  CG  . LEU A 1 27  ? -9.027  -0.763  -5.796  1.00 11.74 ? 27  LEU A CG  1 
ATOM   200  C  CD1 . LEU A 1 27  ? -7.912  -1.495  -5.064  1.00 12.29 ? 27  LEU A CD1 1 
ATOM   201  C  CD2 . LEU A 1 27  ? -8.739  0.741   -5.821  1.00 11.65 ? 27  LEU A CD2 1 
ATOM   202  N  N   . ASP A 1 28  ? -10.694 -0.625  -10.513 1.00 11.94 ? 28  ASP A N   1 
ATOM   203  C  CA  . ASP A 1 28  ? -10.723 -1.050  -11.928 1.00 12.47 ? 28  ASP A CA  1 
ATOM   204  C  C   . ASP A 1 28  ? -9.375  -0.745  -12.593 1.00 11.94 ? 28  ASP A C   1 
ATOM   205  O  O   . ASP A 1 28  ? -8.626  0.106   -12.096 1.00 10.86 ? 28  ASP A O   1 
ATOM   206  C  CB  A ASP A 1 28  ? -11.864 -0.378  -12.693 0.65 12.75 ? 28  ASP A CB  1 
ATOM   207  C  CB  B ASP A 1 28  ? -11.890 -0.302  -12.608 0.35 12.72 ? 28  ASP A CB  1 
ATOM   208  C  CG  A ASP A 1 28  ? -13.226 -0.921  -12.303 0.65 14.13 ? 28  ASP A CG  1 
ATOM   209  C  CG  B ASP A 1 28  ? -11.967 -0.520  -14.104 0.35 14.12 ? 28  ASP A CG  1 
ATOM   210  O  OD1 A ASP A 1 28  ? -13.290 -2.018  -11.713 0.65 16.29 ? 28  ASP A OD1 1 
ATOM   211  O  OD1 B ASP A 1 28  ? -11.288 0.215   -14.853 0.35 16.74 ? 28  ASP A OD1 1 
ATOM   212  O  OD2 A ASP A 1 28  ? -14.232 -0.245  -12.590 0.65 18.52 ? 28  ASP A OD2 1 
ATOM   213  O  OD2 B ASP A 1 28  ? -12.736 -1.403  -14.536 0.35 16.63 ? 28  ASP A OD2 1 
ATOM   214  N  N   . PRO A 1 29  ? -9.042  -1.440  -13.710 1.00 11.55 ? 29  PRO A N   1 
ATOM   215  C  CA  . PRO A 1 29  ? -7.754  -1.186  -14.341 1.00 11.38 ? 29  PRO A CA  1 
ATOM   216  C  C   . PRO A 1 29  ? -7.516  0.289   -14.650 1.00 10.61 ? 29  PRO A C   1 
ATOM   217  O  O   . PRO A 1 29  ? -8.399  0.980   -15.184 1.00 10.94 ? 29  PRO A O   1 
ATOM   218  C  CB  . PRO A 1 29  ? -7.819  -2.033  -15.619 1.00 11.59 ? 29  PRO A CB  1 
ATOM   219  C  CG  . PRO A 1 29  ? -8.678  -3.164  -15.236 1.00 12.50 ? 29  PRO A CG  1 
ATOM   220  C  CD  . PRO A 1 29  ? -9.745  -2.562  -14.371 1.00 12.59 ? 29  PRO A CD  1 
ATOM   221  N  N   . GLY A 1 30  ? -6.326  0.766   -14.307 1.00 9.79  ? 30  GLY A N   1 
ATOM   222  C  CA  . GLY A 1 30  ? -5.963  2.168   -14.466 1.00 9.63  ? 30  GLY A CA  1 
ATOM   223  C  C   . GLY A 1 30  ? -6.123  2.982   -13.192 1.00 8.97  ? 30  GLY A C   1 
ATOM   224  O  O   . GLY A 1 30  ? -5.635  4.115   -13.118 1.00 10.41 ? 30  GLY A O   1 
ATOM   225  N  N   . THR A 1 31  ? -6.797  2.432   -12.184 1.00 7.89  ? 31  THR A N   1 
ATOM   226  C  CA  . THR A 1 31  ? -6.994  3.143   -10.912 1.00 7.62  ? 31  THR A CA  1 
ATOM   227  C  C   . THR A 1 31  ? -5.668  3.334   -10.186 1.00 6.69  ? 31  THR A C   1 
ATOM   228  O  O   . THR A 1 31  ? -4.829  2.435   -10.165 1.00 6.78  ? 31  THR A O   1 
ATOM   229  C  CB  . THR A 1 31  ? -7.985  2.402   -10.010 1.00 7.53  ? 31  THR A CB  1 
ATOM   230  O  OG1 . THR A 1 31  ? -9.292  2.467   -10.610 1.00 9.19  ? 31  THR A OG1 1 
ATOM   231  C  CG2 . THR A 1 31  ? -8.029  3.006   -8.608  1.00 8.46  ? 31  THR A CG2 1 
ATOM   232  N  N   . LEU A 1 32  ? -5.482  4.526   -9.618  1.00 6.18  ? 32  LEU A N   1 
ATOM   233  C  CA  . LEU A 1 32  ? -4.287  4.869   -8.867  1.00 6.49  ? 32  LEU A CA  1 
ATOM   234  C  C   . LEU A 1 32  ? -4.601  5.082   -7.387  1.00 6.24  ? 32  LEU A C   1 
ATOM   235  O  O   . LEU A 1 32  ? -5.623  5.681   -7.037  1.00 6.31  ? 32  LEU A O   1 
ATOM   236  C  CB  . LEU A 1 32  ? -3.649  6.156   -9.408  1.00 6.45  ? 32  LEU A CB  1 
ATOM   237  C  CG  . LEU A 1 32  ? -3.333  6.228   -10.901 1.00 7.52  ? 32  LEU A CG  1 
ATOM   238  C  CD1 . LEU A 1 32  ? -2.751  7.599   -11.259 1.00 9.80  ? 32  LEU A CD1 1 
ATOM   239  C  CD2 . LEU A 1 32  ? -2.382  5.109   -11.330 1.00 8.82  ? 32  LEU A CD2 1 
ATOM   240  N  N   . ILE A 1 33  ? -3.716  4.584   -6.528  1.00 6.31  ? 33  ILE A N   1 
ATOM   241  C  CA  . ILE A 1 33  ? -3.685  4.896   -5.102  1.00 6.51  ? 33  ILE A CA  1 
ATOM   242  C  C   . ILE A 1 33  ? -2.363  5.610   -4.847  1.00 6.57  ? 33  ILE A C   1 
ATOM   243  O  O   . ILE A 1 33  ? -1.298  5.062   -5.134  1.00 6.74  ? 33  ILE A O   1 
ATOM   244  C  CB  . ILE A 1 33  ? -3.767  3.627   -4.231  1.00 6.55  ? 33  ILE A CB  1 
ATOM   245  C  CG1 . ILE A 1 33  ? -4.999  2.807   -4.618  1.00 7.78  ? 33  ILE A CG1 1 
ATOM   246  C  CG2 . ILE A 1 33  ? -3.801  3.989   -2.743  1.00 7.96  ? 33  ILE A CG2 1 
ATOM   247  C  CD1 . ILE A 1 33  ? -5.106  1.460   -3.911  1.00 9.40  ? 33  ILE A CD1 1 
ATOM   248  N  N   . VAL A 1 34  ? -2.429  6.837   -4.338  1.00 6.63  ? 34  VAL A N   1 
ATOM   249  C  CA  . VAL A 1 34  ? -1.255  7.692   -4.180  1.00 7.29  ? 34  VAL A CA  1 
ATOM   250  C  C   . VAL A 1 34  ? -1.060  8.026   -2.704  1.00 7.06  ? 34  VAL A C   1 
ATOM   251  O  O   . VAL A 1 34  ? -1.944  8.620   -2.072  1.00 7.61  ? 34  VAL A O   1 
ATOM   252  C  CB  . VAL A 1 34  ? -1.393  8.998   -4.999  1.00 7.33  ? 34  VAL A CB  1 
ATOM   253  C  CG1 . VAL A 1 34  ? -0.127  9.843   -4.876  1.00 8.90  ? 34  VAL A CG1 1 
ATOM   254  C  CG2 . VAL A 1 34  ? -1.701  8.698   -6.472  1.00 8.06  ? 34  VAL A CG2 1 
ATOM   255  N  N   . ILE A 1 35  ? 0.089   7.636   -2.159  1.00 7.19  ? 35  ILE A N   1 
ATOM   256  C  CA  . ILE A 1 35  ? 0.378   7.783   -0.735  1.00 6.95  ? 35  ILE A CA  1 
ATOM   257  C  C   . ILE A 1 35  ? 1.693   8.535   -0.578  1.00 7.57  ? 35  ILE A C   1 
ATOM   258  O  O   . ILE A 1 35  ? 2.729   8.093   -1.068  1.00 7.75  ? 35  ILE A O   1 
ATOM   259  C  CB  . ILE A 1 35  ? 0.451   6.403   -0.041  1.00 7.03  ? 35  ILE A CB  1 
ATOM   260  C  CG1 . ILE A 1 35  ? -0.885  5.661   -0.181  1.00 7.36  ? 35  ILE A CG1 1 
ATOM   261  C  CG2 . ILE A 1 35  ? 0.837   6.554   1.437   1.00 7.42  ? 35  ILE A CG2 1 
ATOM   262  C  CD1 . ILE A 1 35  ? -0.810  4.178   0.191   1.00 9.11  ? 35  ILE A CD1 1 
ATOM   263  N  N   . ARG A 1 36  ? 1.630   9.689   0.082   1.00 7.95  ? 36  ARG A N   1 
ATOM   264  C  CA  . ARG A 1 36  ? 2.808   10.513  0.337   1.00 8.60  ? 36  ARG A CA  1 
ATOM   265  C  C   . ARG A 1 36  ? 3.092   10.512  1.826   1.00 8.41  ? 36  ARG A C   1 
ATOM   266  O  O   . ARG A 1 36  ? 2.163   10.632  2.629   1.00 8.28  ? 36  ARG A O   1 
ATOM   267  C  CB  . ARG A 1 36  ? 2.566   11.929  -0.180  1.00 9.35  ? 36  ARG A CB  1 
ATOM   268  C  CG  . ARG A 1 36  ? 2.438   11.957  -1.689  1.00 11.79 ? 36  ARG A CG  1 
ATOM   269  C  CD  . ARG A 1 36  ? 2.103   13.319  -2.252  1.00 16.00 ? 36  ARG A CD  1 
ATOM   270  N  NE  . ARG A 1 36  ? 1.955   13.240  -3.710  1.00 17.84 ? 36  ARG A NE  1 
ATOM   271  C  CZ  . ARG A 1 36  ? 0.896   13.644  -4.415  1.00 19.72 ? 36  ARG A CZ  1 
ATOM   272  N  NH1 . ARG A 1 36  ? -0.162  14.208  -3.831  1.00 21.14 ? 36  ARG A NH1 1 
ATOM   273  N  NH2 . ARG A 1 36  ? 0.900   13.499  -5.738  1.00 20.48 ? 36  ARG A NH2 1 
ATOM   274  N  N   . GLY A 1 37  ? 4.361   10.372  2.206   1.00 8.53  ? 37  GLY A N   1 
ATOM   275  C  CA  . GLY A 1 37  ? 4.722   10.316  3.615   1.00 8.79  ? 37  GLY A CA  1 
ATOM   276  C  C   . GLY A 1 37  ? 6.217   10.376  3.832   1.00 8.85  ? 37  GLY A C   1 
ATOM   277  O  O   . GLY A 1 37  ? 6.971   10.766  2.934   1.00 9.23  ? 37  GLY A O   1 
ATOM   278  N  N   . HIS A 1 38  ? 6.646   9.969   5.017   1.00 9.59  ? 38  HIS A N   1 
ATOM   279  C  CA  . HIS A 1 38  ? 8.068   9.932   5.337   1.00 10.46 ? 38  HIS A CA  1 
ATOM   280  C  C   . HIS A 1 38  ? 8.356   8.835   6.361   1.00 10.50 ? 38  HIS A C   1 
ATOM   281  O  O   . HIS A 1 38  ? 7.479   8.426   7.133   1.00 10.75 ? 38  HIS A O   1 
ATOM   282  C  CB  A HIS A 1 38  ? 8.643   11.299  5.725   0.65 11.00 ? 38  HIS A CB  1 
ATOM   283  C  CB  B HIS A 1 38  ? 8.423   11.354  5.837   0.35 10.77 ? 38  HIS A CB  1 
ATOM   284  C  CG  A HIS A 1 38  ? 8.218   11.797  7.065   0.65 11.64 ? 38  HIS A CG  1 
ATOM   285  C  CG  B HIS A 1 38  ? 9.647   11.455  6.695   0.35 11.67 ? 38  HIS A CG  1 
ATOM   286  N  ND1 A HIS A 1 38  ? 7.144   12.645  7.234   0.65 11.70 ? 38  HIS A ND1 1 
ATOM   287  N  ND1 B HIS A 1 38  ? 10.867  11.982  6.441   0.35 12.54 ? 38  HIS A ND1 1 
ATOM   288  C  CD2 A HIS A 1 38  ? 8.749   11.613  8.295   0.65 12.73 ? 38  HIS A CD2 1 
ATOM   289  C  CD2 B HIS A 1 38  ? 9.668   11.063  8.016   0.35 13.08 ? 38  HIS A CD2 1 
ATOM   290  C  CE1 A HIS A 1 38  ? 7.019   12.942  8.514   0.65 12.56 ? 38  HIS A CE1 1 
ATOM   291  C  CE1 B HIS A 1 38  ? 11.609  11.861  7.592   0.35 12.55 ? 38  HIS A CE1 1 
ATOM   292  N  NE2 A HIS A 1 38  ? 7.982   12.329  9.179   0.65 13.57 ? 38  HIS A NE2 1 
ATOM   293  N  NE2 B HIS A 1 38  ? 10.861  11.303  8.526   0.35 13.28 ? 38  HIS A NE2 1 
ATOM   294  N  N   . VAL A 1 39  ? 9.573   8.312   6.304   1.00 10.50 ? 39  VAL A N   1 
ATOM   295  C  CA  . VAL A 1 39  ? 9.992   7.213   7.158   1.00 10.93 ? 39  VAL A CA  1 
ATOM   296  C  C   . VAL A 1 39  ? 10.723  7.764   8.392   1.00 11.54 ? 39  VAL A C   1 
ATOM   297  O  O   . VAL A 1 39  ? 11.716  8.481   8.253   1.00 12.01 ? 39  VAL A O   1 
ATOM   298  C  CB  . VAL A 1 39  ? 10.925  6.247   6.400   1.00 10.45 ? 39  VAL A CB  1 
ATOM   299  C  CG1 . VAL A 1 39  ? 11.313  5.082   7.291   1.00 10.26 ? 39  VAL A CG1 1 
ATOM   300  C  CG2 . VAL A 1 39  ? 10.261  5.764   5.098   1.00 10.42 ? 39  VAL A CG2 1 
ATOM   301  N  N   . PRO A 1 40  ? 10.252  7.430   9.603   1.00 12.25 ? 40  PRO A N   1 
ATOM   302  C  CA  . PRO A 1 40  ? 10.958  7.902   10.804  1.00 13.14 ? 40  PRO A CA  1 
ATOM   303  C  C   . PRO A 1 40  ? 12.327  7.244   10.999  1.00 13.72 ? 40  PRO A C   1 
ATOM   304  O  O   . PRO A 1 40  ? 12.605  6.190   10.422  1.00 13.27 ? 40  PRO A O   1 
ATOM   305  C  CB  . PRO A 1 40  ? 10.007  7.520   11.938  1.00 13.51 ? 40  PRO A CB  1 
ATOM   306  C  CG  . PRO A 1 40  ? 9.206   6.394   11.400  1.00 13.62 ? 40  PRO A CG  1 
ATOM   307  C  CD  . PRO A 1 40  ? 9.044   6.656   9.940   1.00 12.23 ? 40  PRO A CD  1 
ATOM   308  N  N   . SER A 1 41  ? 13.180  7.856   11.821  1.00 14.24 ? 41  SER A N   1 
ATOM   309  C  CA  . SER A 1 41  ? 14.554  7.379   11.972  1.00 14.69 ? 41  SER A CA  1 
ATOM   310  C  C   . SER A 1 41  ? 14.668  5.978   12.580  1.00 14.55 ? 41  SER A C   1 
ATOM   311  O  O   . SER A 1 41  ? 15.658  5.280   12.352  1.00 15.04 ? 41  SER A O   1 
ATOM   312  C  CB  . SER A 1 41  ? 15.380  8.360   12.813  1.00 15.05 ? 41  SER A CB  1 
ATOM   313  O  OG  . SER A 1 41  ? 14.948  8.350   14.165  1.00 16.39 ? 41  SER A OG  1 
ATOM   314  N  N   . ASP A 1 42  ? 13.659  5.562   13.344  1.00 14.14 ? 42  ASP A N   1 
ATOM   315  C  CA  . ASP A 1 42  ? 13.690  4.267   14.026  1.00 14.15 ? 42  ASP A CA  1 
ATOM   316  C  C   . ASP A 1 42  ? 12.917  3.167   13.289  1.00 13.13 ? 42  ASP A C   1 
ATOM   317  O  O   . ASP A 1 42  ? 12.704  2.088   13.838  1.00 13.55 ? 42  ASP A O   1 
ATOM   318  C  CB  . ASP A 1 42  ? 13.147  4.401   15.459  1.00 14.38 ? 42  ASP A CB  1 
ATOM   319  C  CG  . ASP A 1 42  ? 11.679  4.796   15.510  1.00 15.13 ? 42  ASP A CG  1 
ATOM   320  O  OD1 . ASP A 1 42  ? 11.155  5.349   14.521  1.00 14.60 ? 42  ASP A OD1 1 
ATOM   321  O  OD2 . ASP A 1 42  ? 11.045  4.559   16.556  1.00 17.59 ? 42  ASP A OD2 1 
ATOM   322  N  N   . ALA A 1 43  ? 12.501  3.437   12.053  1.00 12.82 ? 43  ALA A N   1 
ATOM   323  C  CA  . ALA A 1 43  ? 11.665  2.494   11.328  1.00 11.81 ? 43  ALA A CA  1 
ATOM   324  C  C   . ALA A 1 43  ? 12.412  1.211   11.025  1.00 11.32 ? 43  ALA A C   1 
ATOM   325  O  O   . ALA A 1 43  ? 13.515  1.250   10.476  1.00 10.48 ? 43  ALA A O   1 
ATOM   326  C  CB  . ALA A 1 43  ? 11.179  3.106   10.026  1.00 11.97 ? 43  ALA A CB  1 
ATOM   327  N  N   . ASP A 1 44  ? 11.816  0.080   11.391  1.00 11.19 ? 44  ASP A N   1 
ATOM   328  C  CA  A ASP A 1 44  ? 12.299  -1.216  10.913  0.60 11.25 ? 44  ASP A CA  1 
ATOM   329  C  CA  B ASP A 1 44  ? 12.290  -1.226  10.928  0.40 11.25 ? 44  ASP A CA  1 
ATOM   330  C  C   . ASP A 1 44  ? 11.468  -1.689  9.720   1.00 10.66 ? 44  ASP A C   1 
ATOM   331  O  O   . ASP A 1 44  ? 11.982  -2.381  8.845   1.00 10.30 ? 44  ASP A O   1 
ATOM   332  C  CB  A ASP A 1 44  ? 12.306  -2.261  12.035  0.60 11.98 ? 44  ASP A CB  1 
ATOM   333  C  CB  B ASP A 1 44  ? 12.271  -2.274  12.056  0.40 11.87 ? 44  ASP A CB  1 
ATOM   334  C  CG  A ASP A 1 44  ? 13.488  -2.097  12.986  0.60 12.75 ? 44  ASP A CG  1 
ATOM   335  C  CG  B ASP A 1 44  ? 10.890  -2.480  12.661  0.40 13.10 ? 44  ASP A CG  1 
ATOM   336  O  OD1 A ASP A 1 44  ? 14.481  -1.426  12.621  0.60 14.49 ? 44  ASP A OD1 1 
ATOM   337  O  OD1 B ASP A 1 44  ? 10.075  -1.532  12.657  0.40 15.24 ? 44  ASP A OD1 1 
ATOM   338  O  OD2 A ASP A 1 44  ? 13.421  -2.664  14.099  0.60 16.58 ? 44  ASP A OD2 1 
ATOM   339  O  OD2 B ASP A 1 44  ? 10.627  -3.597  13.159  0.40 16.15 ? 44  ASP A OD2 1 
ATOM   340  N  N   . ARG A 1 45  ? 10.194  -1.293  9.683   1.00 9.40  ? 45  ARG A N   1 
ATOM   341  C  CA  . ARG A 1 45  ? 9.275   -1.673  8.601   1.00 8.50  ? 45  ARG A CA  1 
ATOM   342  C  C   . ARG A 1 45  ? 7.970   -0.898  8.709   1.00 8.16  ? 45  ARG A C   1 
ATOM   343  O  O   . ARG A 1 45  ? 7.617   -0.407  9.776   1.00 8.11  ? 45  ARG A O   1 
ATOM   344  C  CB  . ARG A 1 45  ? 8.972   -3.179  8.616   1.00 8.54  ? 45  ARG A CB  1 
ATOM   345  C  CG  . ARG A 1 45  ? 8.735   -3.767  10.001  1.00 9.32  ? 45  ARG A CG  1 
ATOM   346  C  CD  . ARG A 1 45  ? 8.212   -5.171  9.911   1.00 9.24  ? 45  ARG A CD  1 
ATOM   347  N  NE  . ARG A 1 45  ? 6.821   -5.198  9.454   1.00 9.46  ? 45  ARG A NE  1 
ATOM   348  C  CZ  . ARG A 1 45  ? 6.214   -6.258  8.922   1.00 9.65  ? 45  ARG A CZ  1 
ATOM   349  N  NH1 . ARG A 1 45  ? 6.869   -7.395  8.721   1.00 10.09 ? 45  ARG A NH1 1 
ATOM   350  N  NH2 . ARG A 1 45  ? 4.944   -6.177  8.559   1.00 9.96  ? 45  ARG A NH2 1 
ATOM   351  N  N   . PHE A 1 46  ? 7.279   -0.764  7.582   1.00 7.33  ? 46  PHE A N   1 
ATOM   352  C  CA  . PHE A 1 46  ? 5.880   -0.350  7.559   1.00 6.84  ? 46  PHE A CA  1 
ATOM   353  C  C   . PHE A 1 46  ? 5.205   -1.100  6.425   1.00 6.54  ? 46  PHE A C   1 
ATOM   354  O  O   . PHE A 1 46  ? 5.882   -1.776  5.649   1.00 6.54  ? 46  PHE A O   1 
ATOM   355  C  CB  . PHE A 1 46  ? 5.735   1.172   7.435   1.00 7.00  ? 46  PHE A CB  1 
ATOM   356  C  CG  . PHE A 1 46  ? 6.027   1.738   6.059   1.00 7.13  ? 46  PHE A CG  1 
ATOM   357  C  CD1 . PHE A 1 46  ? 5.021   1.840   5.101   1.00 7.49  ? 46  PHE A CD1 1 
ATOM   358  C  CD2 . PHE A 1 46  ? 7.290   2.241   5.749   1.00 7.98  ? 46  PHE A CD2 1 
ATOM   359  C  CE1 . PHE A 1 46  ? 5.278   2.394   3.846   1.00 8.11  ? 46  PHE A CE1 1 
ATOM   360  C  CE2 . PHE A 1 46  ? 7.548   2.798   4.490   1.00 8.68  ? 46  PHE A CE2 1 
ATOM   361  C  CZ  . PHE A 1 46  ? 6.547   2.868   3.547   1.00 8.18  ? 46  PHE A CZ  1 
ATOM   362  N  N   . GLN A 1 47  ? 3.883   -1.006  6.328   1.00 6.33  ? 47  GLN A N   1 
ATOM   363  C  CA  . GLN A 1 47  ? 3.182   -1.693  5.248   1.00 6.45  ? 47  GLN A CA  1 
ATOM   364  C  C   . GLN A 1 47  ? 1.894   -1.000  4.843   1.00 6.13  ? 47  GLN A C   1 
ATOM   365  O  O   . GLN A 1 47  ? 1.242   -0.332  5.647   1.00 6.52  ? 47  GLN A O   1 
ATOM   366  C  CB  . GLN A 1 47  ? 2.911   -3.178  5.576   1.00 6.89  ? 47  GLN A CB  1 
ATOM   367  C  CG  . GLN A 1 47  ? 1.960   -3.434  6.750   1.00 7.05  ? 47  GLN A CG  1 
ATOM   368  C  CD  . GLN A 1 47  ? 2.670   -3.703  8.061   1.00 8.69  ? 47  GLN A CD  1 
ATOM   369  O  OE1 . GLN A 1 47  ? 3.799   -3.275  8.272   1.00 9.24  ? 47  GLN A OE1 1 
ATOM   370  N  NE2 . GLN A 1 47  ? 2.002   -4.416  8.958   1.00 8.27  ? 47  GLN A NE2 1 
ATOM   371  N  N   . VAL A 1 48  ? 1.577   -1.161  3.564   1.00 5.31  ? 48  VAL A N   1 
ATOM   372  C  CA  . VAL A 1 48  ? 0.308   -0.775  2.970   1.00 5.62  ? 48  VAL A CA  1 
ATOM   373  C  C   . VAL A 1 48  ? -0.411  -2.075  2.611   1.00 5.44  ? 48  VAL A C   1 
ATOM   374  O  O   . VAL A 1 48  ? 0.125   -2.892  1.847   1.00 5.29  ? 48  VAL A O   1 
ATOM   375  C  CB  . VAL A 1 48  ? 0.543   0.094   1.710   1.00 5.54  ? 48  VAL A CB  1 
ATOM   376  C  CG1 . VAL A 1 48  ? -0.776  0.428   1.011   1.00 7.50  ? 48  VAL A CG1 1 
ATOM   377  C  CG2 . VAL A 1 48  ? 1.314   1.367   2.092   1.00 7.47  ? 48  VAL A CG2 1 
ATOM   378  N  N   . ASP A 1 49  ? -1.595  -2.275  3.188   1.00 5.02  ? 49  ASP A N   1 
ATOM   379  C  CA  . ASP A 1 49  ? -2.406  -3.468  2.970   1.00 5.38  ? 49  ASP A CA  1 
ATOM   380  C  C   . ASP A 1 49  ? -3.691  -3.103  2.241   1.00 5.40  ? 49  ASP A C   1 
ATOM   381  O  O   . ASP A 1 49  ? -4.467  -2.246  2.706   1.00 5.86  ? 49  ASP A O   1 
ATOM   382  C  CB  . ASP A 1 49  ? -2.783  -4.118  4.309   1.00 5.26  ? 49  ASP A CB  1 
ATOM   383  C  CG  . ASP A 1 49  ? -1.620  -4.853  4.981   1.00 5.92  ? 49  ASP A CG  1 
ATOM   384  O  OD1 . ASP A 1 49  ? -0.513  -4.923  4.416   1.00 6.58  ? 49  ASP A OD1 1 
ATOM   385  O  OD2 . ASP A 1 49  ? -1.830  -5.381  6.098   1.00 6.12  ? 49  ASP A OD2 1 
ATOM   386  N  N   . LEU A 1 50  ? -3.913  -3.728  1.093   1.00 5.30  ? 50  LEU A N   1 
ATOM   387  C  CA  . LEU A 1 50  ? -5.176  -3.602  0.364   1.00 5.31  ? 50  LEU A CA  1 
ATOM   388  C  C   . LEU A 1 50  ? -6.031  -4.799  0.755   1.00 5.20  ? 50  LEU A C   1 
ATOM   389  O  O   . LEU A 1 50  ? -5.686  -5.942  0.441   1.00 5.57  ? 50  LEU A O   1 
ATOM   390  C  CB  . LEU A 1 50  ? -4.938  -3.530  -1.141  1.00 6.20  ? 50  LEU A CB  1 
ATOM   391  C  CG  . LEU A 1 50  ? -3.983  -2.426  -1.619  1.00 5.94  ? 50  LEU A CG  1 
ATOM   392  C  CD1 . LEU A 1 50  ? -3.986  -2.348  -3.149  1.00 7.07  ? 50  LEU A CD1 1 
ATOM   393  C  CD2 . LEU A 1 50  ? -4.327  -1.056  -1.008  1.00 7.92  ? 50  LEU A CD2 1 
ATOM   394  N  N   . GLN A 1 51  ? -7.122  -4.521  1.463   1.00 5.52  ? 51  GLN A N   1 
ATOM   395  C  CA  . GLN A 1 51  ? -7.885  -5.537  2.190   1.00 6.05  ? 51  GLN A CA  1 
ATOM   396  C  C   . GLN A 1 51  ? -9.301  -5.713  1.681   1.00 6.27  ? 51  GLN A C   1 
ATOM   397  O  O   . GLN A 1 51  ? -9.924  -4.780  1.173   1.00 6.57  ? 51  GLN A O   1 
ATOM   398  C  CB  . GLN A 1 51  ? -7.984  -5.179  3.680   1.00 6.33  ? 51  GLN A CB  1 
ATOM   399  C  CG  . GLN A 1 51  ? -6.656  -4.891  4.348   1.00 6.82  ? 51  GLN A CG  1 
ATOM   400  C  CD  . GLN A 1 51  ? -6.762  -4.563  5.818   1.00 6.58  ? 51  GLN A CD  1 
ATOM   401  O  OE1 . GLN A 1 51  ? -5.754  -4.314  6.479   1.00 7.20  ? 51  GLN A OE1 1 
ATOM   402  N  NE2 . GLN A 1 51  ? -7.978  -4.580  6.352   1.00 7.56  ? 51  GLN A NE2 1 
ATOM   403  N  N   . ASN A 1 52  ? -9.816  -6.927  1.889   1.00 7.00  ? 52  ASN A N   1 
ATOM   404  C  CA  . ASN A 1 52  ? -11.235 -7.217  1.763   1.00 7.63  ? 52  ASN A CA  1 
ATOM   405  C  C   . ASN A 1 52  ? -11.873 -7.040  3.142   1.00 7.90  ? 52  ASN A C   1 
ATOM   406  O  O   . ASN A 1 52  ? -11.851 -7.951  3.978   1.00 8.16  ? 52  ASN A O   1 
ATOM   407  C  CB  . ASN A 1 52  ? -11.439 -8.638  1.242   1.00 8.09  ? 52  ASN A CB  1 
ATOM   408  C  CG  . ASN A 1 52  ? -12.898 -9.002  1.095   1.00 9.00  ? 52  ASN A CG  1 
ATOM   409  O  OD1 . ASN A 1 52  ? -13.789 -8.214  1.434   1.00 10.78 ? 52  ASN A OD1 1 
ATOM   410  N  ND2 . ASN A 1 52  ? -13.155 -10.209 0.587   1.00 10.78 ? 52  ASN A ND2 1 
ATOM   411  N  N   . GLY A 1 53  ? -12.407 -5.848  3.384   1.00 7.84  ? 53  GLY A N   1 
ATOM   412  C  CA  . GLY A 1 53  ? -12.973 -5.494  4.675   1.00 7.93  ? 53  GLY A CA  1 
ATOM   413  C  C   . GLY A 1 53  ? -11.923 -5.152  5.720   1.00 8.47  ? 53  GLY A C   1 
ATOM   414  O  O   . GLY A 1 53  ? -10.716 -5.081  5.429   1.00 8.00  ? 53  GLY A O   1 
ATOM   415  N  N   . SER A 1 54  ? -12.392 -4.955  6.948   1.00 9.15  ? 54  SER A N   1 
ATOM   416  C  CA  . SER A 1 54  ? -11.564 -4.518  8.072   1.00 10.12 ? 54  SER A CA  1 
ATOM   417  C  C   . SER A 1 54  ? -11.691 -5.432  9.291   1.00 10.25 ? 54  SER A C   1 
ATOM   418  O  O   . SER A 1 54  ? -11.262 -5.073  10.381  1.00 10.35 ? 54  SER A O   1 
ATOM   419  C  CB  . SER A 1 54  ? -11.935 -3.081  8.472   1.00 10.47 ? 54  SER A CB  1 
ATOM   420  O  OG  . SER A 1 54  ? -13.289 -2.999  8.871   1.00 12.87 ? 54  SER A OG  1 
ATOM   421  N  N   . SER A 1 55  ? -12.253 -6.623  9.108   1.00 10.31 ? 55  SER A N   1 
ATOM   422  C  CA  . SER A 1 55  ? -12.432 -7.543  10.227  1.00 11.11 ? 55  SER A CA  1 
ATOM   423  C  C   . SER A 1 55  ? -11.093 -8.010  10.784  1.00 11.28 ? 55  SER A C   1 
ATOM   424  O  O   . SER A 1 55  ? -10.111 -8.146  10.051  1.00 10.88 ? 55  SER A O   1 
ATOM   425  C  CB  . SER A 1 55  ? -13.244 -8.759  9.789   1.00 11.52 ? 55  SER A CB  1 
ATOM   426  O  OG  . SER A 1 55  ? -13.625 -9.525  10.919  1.00 14.19 ? 55  SER A OG  1 
ATOM   427  N  N   . VAL A 1 56  ? -11.064 -8.264  12.085  1.00 11.60 ? 56  VAL A N   1 
ATOM   428  C  CA  . VAL A 1 56  ? -9.936  -8.940  12.713  1.00 12.76 ? 56  VAL A CA  1 
ATOM   429  C  C   . VAL A 1 56  ? -10.303 -10.364 13.149  1.00 13.21 ? 56  VAL A C   1 
ATOM   430  O  O   . VAL A 1 56  ? -9.475  -11.052 13.733  1.00 14.24 ? 56  VAL A O   1 
ATOM   431  C  CB  . VAL A 1 56  ? -9.358  -8.138  13.906  1.00 12.57 ? 56  VAL A CB  1 
ATOM   432  C  CG1 . VAL A 1 56  ? -8.828  -6.783  13.429  1.00 13.19 ? 56  VAL A CG1 1 
ATOM   433  C  CG2 . VAL A 1 56  ? -10.396 -7.972  15.010  1.00 13.27 ? 56  VAL A CG2 1 
ATOM   434  N  N   . LYS A 1 57  ? -11.521 -10.812 12.843  1.00 14.16 ? 57  LYS A N   1 
ATOM   435  C  CA  . LYS A 1 57  ? -11.902 -12.192 13.150  1.00 14.76 ? 57  LYS A CA  1 
ATOM   436  C  C   . LYS A 1 57  ? -13.061 -12.664 12.277  1.00 14.27 ? 57  LYS A C   1 
ATOM   437  O  O   . LYS A 1 57  ? -14.210 -12.300 12.520  1.00 16.00 ? 57  LYS A O   1 
ATOM   438  C  CB  . LYS A 1 57  ? -12.256 -12.352 14.627  1.00 15.44 ? 57  LYS A CB  1 
ATOM   439  C  CG  . LYS A 1 57  ? -12.274 -13.820 15.090  1.00 16.86 ? 57  LYS A CG  1 
ATOM   440  C  CD  . LYS A 1 57  ? -12.142 -13.919 16.592  1.00 18.52 ? 57  LYS A CD  1 
ATOM   441  C  CE  . LYS A 1 57  ? -10.732 -13.613 17.055  1.00 19.35 ? 57  LYS A CE  1 
ATOM   442  N  NZ  . LYS A 1 57  ? -9.786  -14.656 16.593  1.00 19.15 ? 57  LYS A NZ  1 
ATOM   443  N  N   . PRO A 1 58  ? -12.759 -13.443 11.223  1.00 12.70 ? 58  PRO A N   1 
ATOM   444  C  CA  . PRO A 1 58  ? -11.405 -13.770 10.804  1.00 11.54 ? 58  PRO A CA  1 
ATOM   445  C  C   . PRO A 1 58  ? -10.709 -12.539 10.229  1.00 10.73 ? 58  PRO A C   1 
ATOM   446  O  O   . PRO A 1 58  ? -11.365 -11.638 9.711   1.00 11.20 ? 58  PRO A O   1 
ATOM   447  C  CB  . PRO A 1 58  ? -11.624 -14.815 9.716   1.00 11.06 ? 58  PRO A CB  1 
ATOM   448  C  CG  . PRO A 1 58  ? -12.934 -14.462 9.131   1.00 12.54 ? 58  PRO A CG  1 
ATOM   449  C  CD  . PRO A 1 58  ? -13.759 -13.964 10.277  1.00 12.97 ? 58  PRO A CD  1 
ATOM   450  N  N   . ARG A 1 59  ? -9.392  -12.504 10.329  1.00 9.91  ? 59  ARG A N   1 
ATOM   451  C  CA  . ARG A 1 59  ? -8.646  -11.363 9.817   1.00 9.78  ? 59  ARG A CA  1 
ATOM   452  C  C   . ARG A 1 59  ? -8.934  -11.160 8.344   1.00 8.76  ? 59  ARG A C   1 
ATOM   453  O  O   . ARG A 1 59  ? -8.938  -12.117 7.563   1.00 8.68  ? 59  ARG A O   1 
ATOM   454  C  CB  . ARG A 1 59  ? -7.160  -11.550 10.038  1.00 10.62 ? 59  ARG A CB  1 
ATOM   455  C  CG  . ARG A 1 59  ? -6.806  -11.591 11.511  1.00 12.88 ? 59  ARG A CG  1 
ATOM   456  C  CD  . ARG A 1 59  ? -5.374  -11.941 11.705  1.00 14.53 ? 59  ARG A CD  1 
ATOM   457  N  NE  . ARG A 1 59  ? -4.501  -10.911 11.147  1.00 14.05 ? 59  ARG A NE  1 
ATOM   458  C  CZ  . ARG A 1 59  ? -3.245  -11.112 10.757  1.00 14.58 ? 59  ARG A CZ  1 
ATOM   459  N  NH1 . ARG A 1 59  ? -2.682  -12.318 10.833  1.00 14.91 ? 59  ARG A NH1 1 
ATOM   460  N  NH2 . ARG A 1 59  ? -2.550  -10.104 10.266  1.00 13.74 ? 59  ARG A NH2 1 
ATOM   461  N  N   . ALA A 1 60  ? -9.192  -9.911  7.975   1.00 7.89  ? 60  ALA A N   1 
ATOM   462  C  CA  . ALA A 1 60  ? -9.470  -9.556  6.593   1.00 7.08  ? 60  ALA A CA  1 
ATOM   463  C  C   . ALA A 1 60  ? -8.398  -10.091 5.640   1.00 6.91  ? 60  ALA A C   1 
ATOM   464  O  O   . ALA A 1 60  ? -7.199  -9.993  5.909   1.00 6.41  ? 60  ALA A O   1 
ATOM   465  C  CB  . ALA A 1 60  ? -9.585  -8.037  6.455   1.00 7.27  ? 60  ALA A CB  1 
ATOM   466  N  N   . ASP A 1 61  ? -8.837  -10.673 4.529   1.00 6.33  ? 61  ASP A N   1 
ATOM   467  C  CA  . ASP A 1 61  ? -7.900  -11.044 3.473   1.00 6.71  ? 61  ASP A CA  1 
ATOM   468  C  C   . ASP A 1 61  ? -7.135  -9.792  3.042   1.00 6.52  ? 61  ASP A C   1 
ATOM   469  O  O   . ASP A 1 61  ? -7.705  -8.703  2.933   1.00 6.94  ? 61  ASP A O   1 
ATOM   470  C  CB  . ASP A 1 61  ? -8.618  -11.639 2.259   1.00 6.89  ? 61  ASP A CB  1 
ATOM   471  C  CG  . ASP A 1 61  ? -9.188  -13.032 2.505   1.00 7.91  ? 61  ASP A CG  1 
ATOM   472  O  OD1 . ASP A 1 61  ? -8.850  -13.684 3.511   1.00 8.69  ? 61  ASP A OD1 1 
ATOM   473  O  OD2 . ASP A 1 61  ? -9.970  -13.463 1.632   1.00 11.69 ? 61  ASP A OD2 1 
ATOM   474  N  N   . VAL A 1 62  ? -5.835  -9.958  2.842   1.00 5.80  ? 62  VAL A N   1 
ATOM   475  C  CA  . VAL A 1 62  ? -4.988  -8.888  2.317   1.00 5.90  ? 62  VAL A CA  1 
ATOM   476  C  C   . VAL A 1 62  ? -4.598  -9.276  0.897   1.00 5.67  ? 62  VAL A C   1 
ATOM   477  O  O   . VAL A 1 62  ? -3.738  -10.137 0.696   1.00 6.14  ? 62  VAL A O   1 
ATOM   478  C  CB  . VAL A 1 62  ? -3.743  -8.644  3.190   1.00 5.44  ? 62  VAL A CB  1 
ATOM   479  C  CG1 . VAL A 1 62  ? -2.894  -7.500  2.588   1.00 5.77  ? 62  VAL A CG1 1 
ATOM   480  C  CG2 . VAL A 1 62  ? -4.143  -8.352  4.653   1.00 6.43  ? 62  VAL A CG2 1 
ATOM   481  N  N   . ALA A 1 63  ? -5.252  -8.674  -0.087  1.00 5.65  ? 63  ALA A N   1 
ATOM   482  C  CA  . ALA A 1 63  ? -4.937  -8.941  -1.488  1.00 5.98  ? 63  ALA A CA  1 
ATOM   483  C  C   . ALA A 1 63  ? -3.493  -8.559  -1.821  1.00 5.69  ? 63  ALA A C   1 
ATOM   484  O  O   . ALA A 1 63  ? -2.803  -9.267  -2.566  1.00 5.97  ? 63  ALA A O   1 
ATOM   485  C  CB  . ALA A 1 63  ? -5.893  -8.182  -2.397  1.00 6.22  ? 63  ALA A CB  1 
ATOM   486  N  N   . PHE A 1 64  ? -3.034  -7.445  -1.254  1.00 5.28  ? 64  PHE A N   1 
ATOM   487  C  CA  . PHE A 1 64  ? -1.703  -6.907  -1.534  1.00 5.53  ? 64  PHE A CA  1 
ATOM   488  C  C   . PHE A 1 64  ? -1.134  -6.287  -0.269  1.00 5.27  ? 64  PHE A C   1 
ATOM   489  O  O   . PHE A 1 64  ? -1.672  -5.297  0.226   1.00 4.92  ? 64  PHE A O   1 
ATOM   490  C  CB  . PHE A 1 64  ? -1.807  -5.871  -2.665  1.00 5.73  ? 64  PHE A CB  1 
ATOM   491  C  CG  . PHE A 1 64  ? -0.485  -5.301  -3.155  1.00 6.30  ? 64  PHE A CG  1 
ATOM   492  C  CD1 . PHE A 1 64  ? 0.649   -6.084  -3.294  1.00 6.32  ? 64  PHE A CD1 1 
ATOM   493  C  CD2 . PHE A 1 64  ? -0.408  -3.966  -3.526  1.00 7.67  ? 64  PHE A CD2 1 
ATOM   494  C  CE1 . PHE A 1 64  ? 1.840   -5.549  -3.773  1.00 7.22  ? 64  PHE A CE1 1 
ATOM   495  C  CE2 . PHE A 1 64  ? 0.782   -3.422  -4.003  1.00 8.52  ? 64  PHE A CE2 1 
ATOM   496  C  CZ  . PHE A 1 64  ? 1.901   -4.216  -4.136  1.00 6.80  ? 64  PHE A CZ  1 
ATOM   497  N  N   . HIS A 1 65  ? -0.088  -6.911  0.263   1.00 5.18  ? 65  HIS A N   1 
ATOM   498  C  CA  . HIS A 1 65  ? 0.696   -6.434  1.413   1.00 4.96  ? 65  HIS A CA  1 
ATOM   499  C  C   . HIS A 1 65  ? 1.991   -5.934  0.798   1.00 5.24  ? 65  HIS A C   1 
ATOM   500  O  O   . HIS A 1 65  ? 2.731   -6.713  0.207   1.00 5.56  ? 65  HIS A O   1 
ATOM   501  C  CB  . HIS A 1 65  ? 0.925   -7.627  2.370   1.00 5.31  ? 65  HIS A CB  1 
ATOM   502  C  CG  . HIS A 1 65  ? 1.860   -7.392  3.526   1.00 5.56  ? 65  HIS A CG  1 
ATOM   503  N  ND1 . HIS A 1 65  ? 1.517   -6.668  4.649   1.00 6.16  ? 65  HIS A ND1 1 
ATOM   504  C  CD2 . HIS A 1 65  ? 3.083   -7.920  3.786   1.00 7.14  ? 65  HIS A CD2 1 
ATOM   505  C  CE1 . HIS A 1 65  ? 2.507   -6.726  5.528   1.00 7.09  ? 65  HIS A CE1 1 
ATOM   506  N  NE2 . HIS A 1 65  ? 3.474   -7.474  5.024   1.00 7.15  ? 65  HIS A NE2 1 
ATOM   507  N  N   . PHE A 1 66  ? 2.223   -4.630  0.898   1.00 5.00  ? 66  PHE A N   1 
ATOM   508  C  CA  . PHE A 1 66  ? 3.391   -3.955  0.342   1.00 5.36  ? 66  PHE A CA  1 
ATOM   509  C  C   . PHE A 1 66  ? 4.194   -3.464  1.544   1.00 5.43  ? 66  PHE A C   1 
ATOM   510  O  O   . PHE A 1 66  ? 3.767   -2.552  2.242   1.00 5.63  ? 66  PHE A O   1 
ATOM   511  C  CB  . PHE A 1 66  ? 2.916   -2.794  -0.549  1.00 5.73  ? 66  PHE A CB  1 
ATOM   512  C  CG  . PHE A 1 66  ? 4.027   -1.914  -1.091  1.00 5.87  ? 66  PHE A CG  1 
ATOM   513  C  CD1 . PHE A 1 66  ? 4.669   -2.224  -2.288  1.00 5.64  ? 66  PHE A CD1 1 
ATOM   514  C  CD2 . PHE A 1 66  ? 4.412   -0.752  -0.424  1.00 6.39  ? 66  PHE A CD2 1 
ATOM   515  C  CE1 . PHE A 1 66  ? 5.686   -1.406  -2.789  1.00 6.56  ? 66  PHE A CE1 1 
ATOM   516  C  CE2 . PHE A 1 66  ? 5.417   0.069   -0.924  1.00 6.77  ? 66  PHE A CE2 1 
ATOM   517  C  CZ  . PHE A 1 66  ? 6.056   -0.260  -2.104  1.00 6.58  ? 66  PHE A CZ  1 
ATOM   518  N  N   . ASN A 1 67  ? 5.345   -4.081  1.802   1.00 5.60  ? 67  ASN A N   1 
ATOM   519  C  CA  . ASN A 1 67  ? 6.009   -3.999  3.112   1.00 6.29  ? 67  ASN A CA  1 
ATOM   520  C  C   . ASN A 1 67  ? 7.496   -3.661  3.016   1.00 6.37  ? 67  ASN A C   1 
ATOM   521  O  O   . ASN A 1 67  ? 8.338   -4.553  3.024   1.00 6.67  ? 67  ASN A O   1 
ATOM   522  C  CB  . ASN A 1 67  ? 5.760   -5.336  3.827   1.00 6.03  ? 67  ASN A CB  1 
ATOM   523  C  CG  . ASN A 1 67  ? 6.535   -5.522  5.132   1.00 6.93  ? 67  ASN A CG  1 
ATOM   524  O  OD1 . ASN A 1 67  ? 6.938   -6.653  5.436   1.00 7.64  ? 67  ASN A OD1 1 
ATOM   525  N  ND2 . ASN A 1 67  ? 6.711   -4.460  5.914   1.00 7.37  ? 67  ASN A ND2 1 
ATOM   526  N  N   . PRO A 1 68  ? 7.826   -2.363  2.928   1.00 6.27  ? 68  PRO A N   1 
ATOM   527  C  CA  . PRO A 1 68  ? 9.229   -1.944  2.998   1.00 6.77  ? 68  PRO A CA  1 
ATOM   528  C  C   . PRO A 1 68  ? 9.861   -2.298  4.347   1.00 7.32  ? 68  PRO A C   1 
ATOM   529  O  O   . PRO A 1 68  ? 9.247   -2.101  5.393   1.00 7.38  ? 68  PRO A O   1 
ATOM   530  C  CB  . PRO A 1 68  ? 9.147   -0.425  2.806   1.00 6.93  ? 68  PRO A CB  1 
ATOM   531  C  CG  . PRO A 1 68  ? 7.883   -0.225  2.023   1.00 6.53  ? 68  PRO A CG  1 
ATOM   532  C  CD  . PRO A 1 68  ? 6.941   -1.221  2.630   1.00 6.74  ? 68  PRO A CD  1 
ATOM   533  N  N   . ARG A 1 69  ? 11.071  -2.857  4.287   1.00 7.73  ? 69  ARG A N   1 
ATOM   534  C  CA  . ARG A 1 69  ? 11.850  -3.230  5.474   1.00 8.11  ? 69  ARG A CA  1 
ATOM   535  C  C   . ARG A 1 69  ? 13.212  -2.559  5.407   1.00 9.02  ? 69  ARG A C   1 
ATOM   536  O  O   . ARG A 1 69  ? 13.787  -2.416  4.319   1.00 8.73  ? 69  ARG A O   1 
ATOM   537  C  CB  . ARG A 1 69  ? 11.993  -4.742  5.570   1.00 8.35  ? 69  ARG A CB  1 
ATOM   538  C  CG  . ARG A 1 69  ? 10.662  -5.461  5.643   1.00 8.73  ? 69  ARG A CG  1 
ATOM   539  C  CD  . ARG A 1 69  ? 10.821  -6.951  5.869   1.00 9.03  ? 69  ARG A CD  1 
ATOM   540  N  NE  . ARG A 1 69  ? 9.520   -7.608  5.942   1.00 8.97  ? 69  ARG A NE  1 
ATOM   541  C  CZ  . ARG A 1 69  ? 9.333   -8.910  6.146   1.00 8.91  ? 69  ARG A CZ  1 
ATOM   542  N  NH1 . ARG A 1 69  ? 10.375  -9.724  6.318   1.00 10.55 ? 69  ARG A NH1 1 
ATOM   543  N  NH2 . ARG A 1 69  ? 8.109   -9.405  6.197   1.00 8.68  ? 69  ARG A NH2 1 
ATOM   544  N  N   . PHE A 1 70  ? 13.730  -2.148  6.563   1.00 10.45 ? 70  PHE A N   1 
ATOM   545  C  CA  . PHE A 1 70  ? 14.865  -1.224  6.603   1.00 11.88 ? 70  PHE A CA  1 
ATOM   546  C  C   . PHE A 1 70  ? 16.160  -1.785  7.171   1.00 13.48 ? 70  PHE A C   1 
ATOM   547  O  O   . PHE A 1 70  ? 17.205  -1.153  7.037   1.00 13.85 ? 70  PHE A O   1 
ATOM   548  C  CB  . PHE A 1 70  ? 14.450  0.055   7.330   1.00 11.76 ? 70  PHE A CB  1 
ATOM   549  C  CG  . PHE A 1 70  ? 13.410  0.825   6.581   1.00 11.37 ? 70  PHE A CG  1 
ATOM   550  C  CD1 . PHE A 1 70  ? 12.061  0.521   6.729   1.00 11.18 ? 70  PHE A CD1 1 
ATOM   551  C  CD2 . PHE A 1 70  ? 13.779  1.795   5.668   1.00 10.72 ? 70  PHE A CD2 1 
ATOM   552  C  CE1 . PHE A 1 70  ? 11.097  1.195   5.990   1.00 10.82 ? 70  PHE A CE1 1 
ATOM   553  C  CE2 . PHE A 1 70  ? 12.821  2.480   4.928   1.00 10.53 ? 70  PHE A CE2 1 
ATOM   554  C  CZ  . PHE A 1 70  ? 11.476  2.178   5.095   1.00 10.80 ? 70  PHE A CZ  1 
ATOM   555  N  N   . LYS A 1 71  ? 16.103  -2.962  7.783   1.00 15.13 ? 71  LYS A N   1 
ATOM   556  C  CA  . LYS A 1 71  ? 17.307  -3.566  8.351   1.00 16.86 ? 71  LYS A CA  1 
ATOM   557  C  C   . LYS A 1 71  ? 18.277  -4.003  7.247   1.00 17.48 ? 71  LYS A C   1 
ATOM   558  O  O   . LYS A 1 71  ? 17.872  -4.294  6.112   1.00 17.30 ? 71  LYS A O   1 
ATOM   559  C  CB  . LYS A 1 71  ? 16.949  -4.737  9.270   1.00 17.63 ? 71  LYS A CB  1 
ATOM   560  C  CG  . LYS A 1 71  ? 16.296  -4.333  10.585  1.00 19.77 ? 71  LYS A CG  1 
ATOM   561  C  CD  . LYS A 1 71  ? 15.815  -5.561  11.348  1.00 22.51 ? 71  LYS A CD  1 
ATOM   562  C  CE  . LYS A 1 71  ? 15.133  -5.192  12.652  1.00 24.35 ? 71  LYS A CE  1 
ATOM   563  N  NZ  . LYS A 1 71  ? 14.693  -6.406  13.397  1.00 25.92 ? 71  LYS A NZ  1 
ATOM   564  N  N   . ARG A 1 72  ? 19.564  -4.025  7.599   1.00 17.85 ? 72  ARG A N   1 
ATOM   565  C  CA  . ARG A 1 72  ? 20.641  -4.418  6.688   1.00 18.35 ? 72  ARG A CA  1 
ATOM   566  C  C   . ARG A 1 72  ? 20.562  -3.570  5.413   1.00 17.47 ? 72  ARG A C   1 
ATOM   567  O  O   . ARG A 1 72  ? 20.521  -2.345  5.498   1.00 17.52 ? 72  ARG A O   1 
ATOM   568  C  CB  . ARG A 1 72  ? 20.617  -5.932  6.401   1.00 18.89 ? 72  ARG A CB  1 
ATOM   569  C  CG  . ARG A 1 72  ? 20.937  -6.831  7.600   1.00 21.99 ? 72  ARG A CG  1 
ATOM   570  C  CD  . ARG A 1 72  ? 19.985  -6.604  8.753   1.00 24.73 ? 72  ARG A CD  1 
ATOM   571  N  NE  . ARG A 1 72  ? 19.706  -7.809  9.534   1.00 28.07 ? 72  ARG A NE  1 
ATOM   572  C  CZ  . ARG A 1 72  ? 18.663  -8.620  9.345   1.00 29.62 ? 72  ARG A CZ  1 
ATOM   573  N  NH1 . ARG A 1 72  ? 17.771  -8.390  8.381   1.00 30.61 ? 72  ARG A NH1 1 
ATOM   574  N  NH2 . ARG A 1 72  ? 18.513  -9.682  10.127  1.00 30.87 ? 72  ARG A NH2 1 
ATOM   575  N  N   . ALA A 1 73  ? 20.514  -4.197  4.239   1.00 16.68 ? 73  ALA A N   1 
ATOM   576  C  CA  . ALA A 1 73  ? 20.510  -3.444  2.986   1.00 15.90 ? 73  ALA A CA  1 
ATOM   577  C  C   . ALA A 1 73  ? 19.129  -2.885  2.617   1.00 15.00 ? 73  ALA A C   1 
ATOM   578  O  O   . ALA A 1 73  ? 19.020  -2.058  1.717   1.00 15.51 ? 73  ALA A O   1 
ATOM   579  C  CB  . ALA A 1 73  ? 21.038  -4.316  1.853   1.00 15.87 ? 73  ALA A CB  1 
ATOM   580  N  N   . GLY A 1 74  ? 18.082  -3.336  3.300   1.00 14.06 ? 74  GLY A N   1 
ATOM   581  C  CA  . GLY A 1 74  ? 16.720  -2.920  2.966   1.00 12.62 ? 74  GLY A CA  1 
ATOM   582  C  C   . GLY A 1 74  ? 16.125  -3.764  1.855   1.00 11.75 ? 74  GLY A C   1 
ATOM   583  O  O   . GLY A 1 74  ? 16.837  -4.350  1.029   1.00 11.89 ? 74  GLY A O   1 
ATOM   584  N  N   . CYS A 1 75  ? 14.804  -3.836  1.837   1.00 10.07 ? 75  CYS A N   1 
ATOM   585  C  CA  . CYS A 1 75  ? 14.092  -4.521  0.765   1.00 9.07  ? 75  CYS A CA  1 
ATOM   586  C  C   . CYS A 1 75  ? 12.622  -4.127  0.849   1.00 8.20  ? 75  CYS A C   1 
ATOM   587  O  O   . CYS A 1 75  ? 12.218  -3.377  1.747   1.00 7.91  ? 75  CYS A O   1 
ATOM   588  C  CB  . CYS A 1 75  ? 14.233  -6.047  0.874   1.00 9.36  ? 75  CYS A CB  1 
ATOM   589  S  SG  . CYS A 1 75  ? 13.464  -6.767  2.347   1.00 10.57 ? 75  CYS A SG  1 
ATOM   590  N  N   . ILE A 1 76  ? 11.836  -4.616  -0.101  1.00 7.04  ? 76  ILE A N   1 
ATOM   591  C  CA  . ILE A 1 76  ? 10.380  -4.553  -0.011  1.00 6.61  ? 76  ILE A CA  1 
ATOM   592  C  C   . ILE A 1 76  ? 9.848   -5.974  -0.130  1.00 6.65  ? 76  ILE A C   1 
ATOM   593  O  O   . ILE A 1 76  ? 10.178  -6.685  -1.083  1.00 6.98  ? 76  ILE A O   1 
ATOM   594  C  CB  . ILE A 1 76  ? 9.743   -3.682  -1.119  1.00 6.62  ? 76  ILE A CB  1 
ATOM   595  C  CG1 . ILE A 1 76  ? 10.319  -2.251  -1.108  1.00 7.15  ? 76  ILE A CG1 1 
ATOM   596  C  CG2 . ILE A 1 76  ? 8.221   -3.676  -0.947  1.00 6.89  ? 76  ILE A CG2 1 
ATOM   597  C  CD1 . ILE A 1 76  ? 10.066  -1.493  -2.406  1.00 8.60  ? 76  ILE A CD1 1 
ATOM   598  N  N   . VAL A 1 77  ? 9.060   -6.398  0.849   1.00 6.58  ? 77  VAL A N   1 
ATOM   599  C  CA  . VAL A 1 77  ? 8.402   -7.702  0.798   1.00 6.91  ? 77  VAL A CA  1 
ATOM   600  C  C   . VAL A 1 77  ? 6.946   -7.512  0.399   1.00 6.51  ? 77  VAL A C   1 
ATOM   601  O  O   . VAL A 1 77  ? 6.261   -6.660  0.959   1.00 6.47  ? 77  VAL A O   1 
ATOM   602  C  CB  . VAL A 1 77  ? 8.484   -8.421  2.162   1.00 6.78  ? 77  VAL A CB  1 
ATOM   603  C  CG1 . VAL A 1 77  ? 7.644   -9.702  2.158   1.00 7.96  ? 77  VAL A CG1 1 
ATOM   604  C  CG2 . VAL A 1 77  ? 9.950   -8.721  2.507   1.00 8.55  ? 77  VAL A CG2 1 
ATOM   605  N  N   . CYS A 1 78  ? 6.473   -8.286  -0.571  1.00 5.83  ? 78  CYS A N   1 
ATOM   606  C  CA  . CYS A 1 78  ? 5.067   -8.283  -0.935  1.00 5.92  ? 78  CYS A CA  1 
ATOM   607  C  C   . CYS A 1 78  ? 4.489   -9.680  -0.747  1.00 5.62  ? 78  CYS A C   1 
ATOM   608  O  O   . CYS A 1 78  ? 5.174   -10.685 -0.982  1.00 6.14  ? 78  CYS A O   1 
ATOM   609  C  CB  . CYS A 1 78  ? 4.865   -7.805  -2.374  1.00 6.16  ? 78  CYS A CB  1 
ATOM   610  S  SG  . CYS A 1 78  ? 5.347   -6.086  -2.667  1.00 7.05  ? 78  CYS A SG  1 
ATOM   611  N  N   . ASN A 1 79  ? 3.228   -9.751  -0.329  1.00 5.51  ? 79  ASN A N   1 
ATOM   612  C  CA  . ASN A 1 79  ? 2.561   -11.036 -0.131  1.00 5.78  ? 79  ASN A CA  1 
ATOM   613  C  C   . ASN A 1 79  ? 1.051   -10.831 -0.083  1.00 6.12  ? 79  ASN A C   1 
ATOM   614  O  O   . ASN A 1 79  ? 0.554   -9.703  -0.241  1.00 5.71  ? 79  ASN A O   1 
ATOM   615  C  CB  . ASN A 1 79  ? 3.071   -11.689 1.171   1.00 5.78  ? 79  ASN A CB  1 
ATOM   616  C  CG  . ASN A 1 79  ? 2.986   -13.231 1.175   1.00 5.83  ? 79  ASN A CG  1 
ATOM   617  O  OD1 . ASN A 1 79  ? 2.311   -13.860 0.361   1.00 6.34  ? 79  ASN A OD1 1 
ATOM   618  N  ND2 . ASN A 1 79  ? 3.674   -13.824 2.142   1.00 7.05  ? 79  ASN A ND2 1 
ATOM   619  N  N   . THR A 1 80  ? 0.341   -11.936 0.117   1.00 5.98  ? 80  THR A N   1 
ATOM   620  C  CA  . THR A 1 80  ? -1.105  -11.997 0.188   1.00 6.28  ? 80  THR A CA  1 
ATOM   621  C  C   . THR A 1 80  ? -1.505  -12.862 1.387   1.00 6.51  ? 80  THR A C   1 
ATOM   622  O  O   . THR A 1 80  ? -0.896  -13.910 1.636   1.00 6.82  ? 80  THR A O   1 
ATOM   623  C  CB  . THR A 1 80  ? -1.674  -12.614 -1.116  1.00 6.37  ? 80  THR A CB  1 
ATOM   624  O  OG1 . THR A 1 80  ? -1.451  -11.712 -2.208  1.00 6.37  ? 80  THR A OG1 1 
ATOM   625  C  CG2 . THR A 1 80  ? -3.170  -12.915 -1.006  1.00 7.49  ? 80  THR A CG2 1 
ATOM   626  N  N   . LEU A 1 81  ? -2.511  -12.400 2.129   1.00 6.55  ? 81  LEU A N   1 
ATOM   627  C  CA  . LEU A 1 81  ? -3.091  -13.134 3.257   1.00 7.05  ? 81  LEU A CA  1 
ATOM   628  C  C   . LEU A 1 81  ? -4.482  -13.611 2.836   1.00 7.33  ? 81  LEU A C   1 
ATOM   629  O  O   . LEU A 1 81  ? -5.343  -12.787 2.530   1.00 6.99  ? 81  LEU A O   1 
ATOM   630  C  CB  . LEU A 1 81  ? -3.188  -12.225 4.489   1.00 7.16  ? 81  LEU A CB  1 
ATOM   631  C  CG  . LEU A 1 81  ? -3.599  -12.920 5.801   1.00 6.81  ? 81  LEU A CG  1 
ATOM   632  C  CD1 . LEU A 1 81  ? -2.395  -13.616 6.417   1.00 8.38  ? 81  LEU A CD1 1 
ATOM   633  C  CD2 . LEU A 1 81  ? -4.218  -11.930 6.793   1.00 7.88  ? 81  LEU A CD2 1 
ATOM   634  N  N   . ILE A 1 82  ? -4.687  -14.931 2.784   1.00 8.21  ? 82  ILE A N   1 
ATOM   635  C  CA  . ILE A 1 82  ? -5.981  -15.532 2.426   1.00 8.76  ? 82  ILE A CA  1 
ATOM   636  C  C   . ILE A 1 82  ? -6.398  -16.450 3.566   1.00 9.18  ? 82  ILE A C   1 
ATOM   637  O  O   . ILE A 1 82  ? -5.623  -17.303 3.986   1.00 8.98  ? 82  ILE A O   1 
ATOM   638  C  CB  . ILE A 1 82  ? -5.883  -16.352 1.132   1.00 8.90  ? 82  ILE A CB  1 
ATOM   639  C  CG1 . ILE A 1 82  ? -5.750  -15.415 -0.072  1.00 8.88  ? 82  ILE A CG1 1 
ATOM   640  C  CG2 . ILE A 1 82  ? -7.104  -17.252 0.956   1.00 10.41 ? 82  ILE A CG2 1 
ATOM   641  C  CD1 . ILE A 1 82  ? -5.247  -16.106 -1.330  1.00 10.97 ? 82  ILE A CD1 1 
ATOM   642  N  N   . ASN A 1 83  ? -7.611  -16.249 4.073   1.00 9.40  ? 83  ASN A N   1 
ATOM   643  C  CA  . ASN A 1 83  ? -8.140  -17.050 5.176   1.00 10.07 ? 83  ASN A CA  1 
ATOM   644  C  C   . ASN A 1 83  ? -7.104  -17.201 6.294   1.00 10.04 ? 83  ASN A C   1 
ATOM   645  O  O   . ASN A 1 83  ? -6.841  -18.294 6.818   1.00 10.78 ? 83  ASN A O   1 
ATOM   646  C  CB  . ASN A 1 83  ? -8.663  -18.400 4.653   1.00 10.14 ? 83  ASN A CB  1 
ATOM   647  C  CG  . ASN A 1 83  ? -9.835  -18.235 3.687   1.00 11.51 ? 83  ASN A CG  1 
ATOM   648  O  OD1 . ASN A 1 83  ? -10.546 -17.235 3.727   1.00 12.72 ? 83  ASN A OD1 1 
ATOM   649  N  ND2 . ASN A 1 83  ? -10.038 -19.219 2.812   1.00 14.97 ? 83  ASN A ND2 1 
ATOM   650  N  N   . GLU A 1 84  ? -6.507  -16.062 6.648   1.00 9.92  ? 84  GLU A N   1 
ATOM   651  C  CA  . GLU A 1 84  ? -5.582  -15.931 7.777   1.00 9.71  ? 84  GLU A CA  1 
ATOM   652  C  C   . GLU A 1 84  ? -4.223  -16.604 7.590   1.00 10.82 ? 84  GLU A C   1 
ATOM   653  O  O   . GLU A 1 84  ? -3.480  -16.762 8.559   1.00 11.65 ? 84  GLU A O   1 
ATOM   654  C  CB  . GLU A 1 84  ? -6.242  -16.388 9.096   1.00 10.23 ? 84  GLU A CB  1 
ATOM   655  C  CG  . GLU A 1 84  ? -7.549  -15.658 9.363   1.00 9.54  ? 84  GLU A CG  1 
ATOM   656  C  CD  . GLU A 1 84  ? -8.071  -15.863 10.769  1.00 9.83  ? 84  GLU A CD  1 
ATOM   657  O  OE1 . GLU A 1 84  ? -8.319  -17.026 11.160  1.00 10.48 ? 84  GLU A OE1 1 
ATOM   658  O  OE2 . GLU A 1 84  ? -8.266  -14.849 11.466  1.00 10.69 ? 84  GLU A OE2 1 
ATOM   659  N  N   . LYS A 1 85  ? -3.879  -16.939 6.349   1.00 10.68 ? 85  LYS A N   1 
ATOM   660  C  CA  . LYS A 1 85  ? -2.591  -17.570 6.038   1.00 11.16 ? 85  LYS A CA  1 
ATOM   661  C  C   . LYS A 1 85  ? -1.819  -16.778 4.979   1.00 9.85  ? 85  LYS A C   1 
ATOM   662  O  O   . LYS A 1 85  ? -2.382  -16.394 3.947   1.00 9.35  ? 85  LYS A O   1 
ATOM   663  C  CB  . LYS A 1 85  ? -2.808  -19.007 5.551   1.00 11.79 ? 85  LYS A CB  1 
ATOM   664  C  CG  . LYS A 1 85  ? -3.490  -19.924 6.572   1.00 15.19 ? 85  LYS A CG  1 
ATOM   665  C  CD  . LYS A 1 85  ? -2.648  -20.119 7.826   1.00 19.13 ? 85  LYS A CD  1 
ATOM   666  C  CE  . LYS A 1 85  ? -3.243  -21.190 8.734   1.00 20.69 ? 85  LYS A CE  1 
ATOM   667  N  NZ  . LYS A 1 85  ? -2.736  -21.102 10.135  1.00 22.78 ? 85  LYS A NZ  1 
ATOM   668  N  N   . TRP A 1 86  ? -0.530  -16.569 5.235   1.00 9.35  ? 86  TRP A N   1 
ATOM   669  C  CA  . TRP A 1 86  ? 0.347   -15.924 4.264   1.00 9.15  ? 86  TRP A CA  1 
ATOM   670  C  C   . TRP A 1 86  ? 0.733   -16.872 3.145   1.00 9.19  ? 86  TRP A C   1 
ATOM   671  O  O   . TRP A 1 86  ? 0.937   -18.072 3.360   1.00 10.34 ? 86  TRP A O   1 
ATOM   672  C  CB  . TRP A 1 86  ? 1.622   -15.410 4.922   1.00 8.90  ? 86  TRP A CB  1 
ATOM   673  C  CG  . TRP A 1 86  ? 1.409   -14.209 5.772   1.00 8.54  ? 86  TRP A CG  1 
ATOM   674  C  CD1 . TRP A 1 86  ? 1.481   -14.143 7.128   1.00 9.34  ? 86  TRP A CD1 1 
ATOM   675  C  CD2 . TRP A 1 86  ? 1.055   -12.895 5.321   1.00 8.47  ? 86  TRP A CD2 1 
ATOM   676  N  NE1 . TRP A 1 86  ? 1.210   -12.859 7.562   1.00 8.87  ? 86  TRP A NE1 1 
ATOM   677  C  CE2 . TRP A 1 86  ? 0.945   -12.076 6.466   1.00 8.81  ? 86  TRP A CE2 1 
ATOM   678  C  CE3 . TRP A 1 86  ? 0.844   -12.327 4.061   1.00 8.06  ? 86  TRP A CE3 1 
ATOM   679  C  CZ2 . TRP A 1 86  ? 0.611   -10.722 6.390   1.00 9.22  ? 86  TRP A CZ2 1 
ATOM   680  C  CZ3 . TRP A 1 86  ? 0.509   -10.987 3.988   1.00 6.96  ? 86  TRP A CZ3 1 
ATOM   681  C  CH2 . TRP A 1 86  ? 0.404   -10.196 5.144   1.00 8.00  ? 86  TRP A CH2 1 
ATOM   682  N  N   . GLY A 1 87  ? 0.850   -16.322 1.950   1.00 8.60  ? 87  GLY A N   1 
ATOM   683  C  CA  . GLY A 1 87  ? 1.364   -17.051 0.809   1.00 8.70  ? 87  GLY A CA  1 
ATOM   684  C  C   . GLY A 1 87  ? 2.871   -16.949 0.695   1.00 8.31  ? 87  GLY A C   1 
ATOM   685  O  O   . GLY A 1 87  ? 3.575   -16.655 1.661   1.00 8.15  ? 87  GLY A O   1 
ATOM   686  N  N   . ARG A 1 88  ? 3.357   -17.184 -0.517  1.00 8.83  ? 88  ARG A N   1 
ATOM   687  C  CA  . ARG A 1 88  ? 4.778   -17.098 -0.811  1.00 9.20  ? 88  ARG A CA  1 
ATOM   688  C  C   . ARG A 1 88  ? 5.195   -15.637 -0.961  1.00 8.54  ? 88  ARG A C   1 
ATOM   689  O  O   . ARG A 1 88  ? 4.584   -14.890 -1.722  1.00 9.18  ? 88  ARG A O   1 
ATOM   690  C  CB  A ARG A 1 88  ? 5.066   -17.864 -2.102  0.65 10.00 ? 88  ARG A CB  1 
ATOM   691  C  CB  B ARG A 1 88  ? 5.112   -17.870 -2.087  0.35 9.64  ? 88  ARG A CB  1 
ATOM   692  C  CG  A ARG A 1 88  ? 6.524   -18.194 -2.351  0.65 11.58 ? 88  ARG A CG  1 
ATOM   693  C  CG  B ARG A 1 88  ? 4.780   -19.345 -2.003  0.35 10.81 ? 88  ARG A CG  1 
ATOM   694  C  CD  A ARG A 1 88  ? 6.650   -19.047 -3.604  0.65 14.38 ? 88  ARG A CD  1 
ATOM   695  C  CD  B ARG A 1 88  ? 5.106   -20.083 -3.286  0.35 12.69 ? 88  ARG A CD  1 
ATOM   696  N  NE  A ARG A 1 88  ? 8.020   -19.480 -3.844  0.65 16.37 ? 88  ARG A NE  1 
ATOM   697  N  NE  B ARG A 1 88  ? 4.122   -21.129 -3.556  0.35 14.91 ? 88  ARG A NE  1 
ATOM   698  C  CZ  A ARG A 1 88  ? 8.468   -19.986 -4.993  0.65 16.07 ? 88  ARG A CZ  1 
ATOM   699  C  CZ  B ARG A 1 88  ? 3.850   -22.132 -2.727  0.35 16.30 ? 88  ARG A CZ  1 
ATOM   700  N  NH1 A ARG A 1 88  ? 7.664   -20.124 -6.046  0.65 17.49 ? 88  ARG A NH1 1 
ATOM   701  N  NH1 B ARG A 1 88  ? 4.489   -22.232 -1.569  0.35 17.11 ? 88  ARG A NH1 1 
ATOM   702  N  NH2 A ARG A 1 88  ? 9.738   -20.350 -5.093  0.65 16.87 ? 88  ARG A NH2 1 
ATOM   703  N  NH2 B ARG A 1 88  ? 2.939   -23.039 -3.057  0.35 17.26 ? 88  ARG A NH2 1 
ATOM   704  N  N   . GLU A 1 89  ? 6.241   -15.227 -0.255  1.00 7.58  ? 89  GLU A N   1 
ATOM   705  C  CA  . GLU A 1 89  ? 6.750   -13.862 -0.343  1.00 7.70  ? 89  GLU A CA  1 
ATOM   706  C  C   . GLU A 1 89  ? 7.386   -13.577 -1.687  1.00 7.33  ? 89  GLU A C   1 
ATOM   707  O  O   . GLU A 1 89  ? 8.033   -14.451 -2.283  1.00 7.93  ? 89  GLU A O   1 
ATOM   708  C  CB  . GLU A 1 89  ? 7.802   -13.605 0.735   1.00 7.89  ? 89  GLU A CB  1 
ATOM   709  C  CG  . GLU A 1 89  ? 7.223   -13.554 2.123   1.00 9.00  ? 89  GLU A CG  1 
ATOM   710  C  CD  . GLU A 1 89  ? 8.219   -13.167 3.198   1.00 9.94  ? 89  GLU A CD  1 
ATOM   711  O  OE1 . GLU A 1 89  ? 9.449   -13.261 2.964   1.00 11.49 ? 89  GLU A OE1 1 
ATOM   712  O  OE2 . GLU A 1 89  ? 7.762   -12.784 4.297   1.00 10.80 ? 89  GLU A OE2 1 
ATOM   713  N  N   . GLU A 1 90  ? 7.227   -12.336 -2.143  1.00 7.15  ? 90  GLU A N   1 
ATOM   714  C  CA  . GLU A 1 90  ? 7.977   -11.804 -3.277  1.00 6.80  ? 90  GLU A CA  1 
ATOM   715  C  C   . GLU A 1 90  ? 8.821   -10.661 -2.761  1.00 7.09  ? 90  GLU A C   1 
ATOM   716  O  O   . GLU A 1 90  ? 8.281   -9.656  -2.293  1.00 7.48  ? 90  GLU A O   1 
ATOM   717  C  CB  . GLU A 1 90  ? 7.029   -11.312 -4.372  1.00 6.81  ? 90  GLU A CB  1 
ATOM   718  C  CG  . GLU A 1 90  ? 6.163   -12.428 -4.926  1.00 7.10  ? 90  GLU A CG  1 
ATOM   719  C  CD  . GLU A 1 90  ? 5.265   -12.016 -6.074  1.00 7.21  ? 90  GLU A CD  1 
ATOM   720  O  OE1 . GLU A 1 90  ? 5.587   -11.032 -6.777  1.00 7.93  ? 90  GLU A OE1 1 
ATOM   721  O  OE2 . GLU A 1 90  ? 4.251   -12.712 -6.299  1.00 7.61  ? 90  GLU A OE2 1 
ATOM   722  N  N   . ILE A 1 91  ? 10.143  -10.797 -2.832  1.00 7.38  ? 91  ILE A N   1 
ATOM   723  C  CA  . ILE A 1 91  ? 11.042  -9.774  -2.308  1.00 8.24  ? 91  ILE A CA  1 
ATOM   724  C  C   . ILE A 1 91  ? 11.674  -8.975  -3.436  1.00 8.09  ? 91  ILE A C   1 
ATOM   725  O  O   . ILE A 1 91  ? 12.181  -9.543  -4.407  1.00 9.39  ? 91  ILE A O   1 
ATOM   726  C  CB  . ILE A 1 91  ? 12.127  -10.388 -1.386  1.00 8.78  ? 91  ILE A CB  1 
ATOM   727  C  CG1 . ILE A 1 91  ? 11.453  -11.202 -0.265  1.00 10.79 ? 91  ILE A CG1 1 
ATOM   728  C  CG2 . ILE A 1 91  ? 13.026  -9.297  -0.811  1.00 10.04 ? 91  ILE A CG2 1 
ATOM   729  C  CD1 . ILE A 1 91  ? 12.382  -11.662 0.843   1.00 13.73 ? 91  ILE A CD1 1 
ATOM   730  N  N   . THR A 1 92  ? 11.643  -7.653  -3.291  1.00 7.73  ? 92  THR A N   1 
ATOM   731  C  CA  . THR A 1 92  ? 12.261  -6.721  -4.222  1.00 7.78  ? 92  THR A CA  1 
ATOM   732  C  C   . THR A 1 92  ? 13.440  -6.097  -3.490  1.00 8.12  ? 92  THR A C   1 
ATOM   733  O  O   . THR A 1 92  ? 13.284  -5.547  -2.401  1.00 7.82  ? 92  THR A O   1 
ATOM   734  C  CB  . THR A 1 92  ? 11.251  -5.647  -4.671  1.00 7.56  ? 92  THR A CB  1 
ATOM   735  O  OG1 . THR A 1 92  ? 10.211  -6.284  -5.416  1.00 8.32  ? 92  THR A OG1 1 
ATOM   736  C  CG2 . THR A 1 92  ? 11.913  -4.572  -5.532  1.00 8.79  ? 92  THR A CG2 1 
ATOM   737  N  N   . TYR A 1 93  ? 14.625  -6.206  -4.085  1.00 8.58  ? 93  TYR A N   1 
ATOM   738  C  CA  . TYR A 1 93  ? 15.875  -5.793  -3.426  1.00 9.55  ? 93  TYR A CA  1 
ATOM   739  C  C   . TYR A 1 93  ? 16.287  -4.363  -3.746  1.00 10.82 ? 93  TYR A C   1 
ATOM   740  O  O   . TYR A 1 93  ? 16.963  -3.728  -2.934  1.00 11.64 ? 93  TYR A O   1 
ATOM   741  C  CB  . TYR A 1 93  ? 17.012  -6.769  -3.760  1.00 9.87  ? 93  TYR A CB  1 
ATOM   742  C  CG  . TYR A 1 93  ? 16.785  -8.123  -3.142  1.00 10.00 ? 93  TYR A CG  1 
ATOM   743  C  CD1 . TYR A 1 93  ? 17.154  -8.386  -1.828  1.00 11.05 ? 93  TYR A CD1 1 
ATOM   744  C  CD2 . TYR A 1 93  ? 16.163  -9.130  -3.852  1.00 11.65 ? 93  TYR A CD2 1 
ATOM   745  C  CE1 . TYR A 1 93  ? 16.921  -9.630  -1.250  1.00 11.89 ? 93  TYR A CE1 1 
ATOM   746  C  CE2 . TYR A 1 93  ? 15.925  -10.365 -3.287  1.00 13.12 ? 93  TYR A CE2 1 
ATOM   747  C  CZ  . TYR A 1 93  ? 16.305  -10.609 -1.988  1.00 12.87 ? 93  TYR A CZ  1 
ATOM   748  O  OH  . TYR A 1 93  ? 16.073  -11.843 -1.427  1.00 16.26 ? 93  TYR A OH  1 
ATOM   749  N  N   . ASP A 1 94  ? 15.892  -3.861  -4.909  1.00 11.74 ? 94  ASP A N   1 
ATOM   750  C  CA  . ASP A 1 94  ? 16.190  -2.477  -5.280  1.00 13.07 ? 94  ASP A CA  1 
ATOM   751  C  C   . ASP A 1 94  ? 15.081  -1.613  -4.686  1.00 12.94 ? 94  ASP A C   1 
ATOM   752  O  O   . ASP A 1 94  ? 14.028  -1.407  -5.300  1.00 13.59 ? 94  ASP A O   1 
ATOM   753  C  CB  . ASP A 1 94  ? 16.287  -2.330  -6.807  1.00 13.82 ? 94  ASP A CB  1 
ATOM   754  C  CG  . ASP A 1 94  ? 16.723  -0.944  -7.250  1.00 15.87 ? 94  ASP A CG  1 
ATOM   755  O  OD1 . ASP A 1 94  ? 17.082  -0.111  -6.394  1.00 19.01 ? 94  ASP A OD1 1 
ATOM   756  O  OD2 . ASP A 1 94  ? 16.713  -0.697  -8.480  1.00 20.17 ? 94  ASP A OD2 1 
ATOM   757  N  N   . THR A 1 95  ? 15.320  -1.154  -3.463  1.00 12.74 ? 95  THR A N   1 
ATOM   758  C  CA  . THR A 1 95  ? 14.341  -0.360  -2.717  1.00 12.25 ? 95  THR A CA  1 
ATOM   759  C  C   . THR A 1 95  ? 14.791  1.092   -2.611  1.00 12.21 ? 95  THR A C   1 
ATOM   760  O  O   . THR A 1 95  ? 15.946  1.363   -2.278  1.00 12.45 ? 95  THR A O   1 
ATOM   761  C  CB  . THR A 1 95  ? 14.078  -0.915  -1.298  1.00 12.32 ? 95  THR A CB  1 
ATOM   762  O  OG1 . THR A 1 95  ? 13.219  -0.004  -0.600  1.00 10.99 ? 95  THR A OG1 1 
ATOM   763  C  CG2 . THR A 1 95  ? 15.371  -1.102  -0.503  1.00 13.04 ? 95  THR A CG2 1 
ATOM   764  N  N   . PRO A 1 96  ? 13.878  2.036   -2.890  1.00 11.98 ? 96  PRO A N   1 
ATOM   765  C  CA  . PRO A 1 96  ? 14.212  3.452   -2.799  1.00 12.47 ? 96  PRO A CA  1 
ATOM   766  C  C   . PRO A 1 96  ? 13.952  4.054   -1.423  1.00 12.65 ? 96  PRO A C   1 
ATOM   767  O  O   . PRO A 1 96  ? 14.336  5.198   -1.182  1.00 13.70 ? 96  PRO A O   1 
ATOM   768  C  CB  . PRO A 1 96  ? 13.271  4.078   -3.817  1.00 13.01 ? 96  PRO A CB  1 
ATOM   769  C  CG  . PRO A 1 96  ? 12.067  3.244   -3.737  1.00 13.16 ? 96  PRO A CG  1 
ATOM   770  C  CD  . PRO A 1 96  ? 12.539  1.838   -3.474  1.00 12.57 ? 96  PRO A CD  1 
ATOM   771  N  N   . PHE A 1 97  ? 13.311  3.311   -0.526  1.00 11.65 ? 97  PHE A N   1 
ATOM   772  C  CA  . PHE A 1 97  ? 12.932  3.867   0.769   1.00 11.51 ? 97  PHE A CA  1 
ATOM   773  C  C   . PHE A 1 97  ? 14.149  4.003   1.673   1.00 12.21 ? 97  PHE A C   1 
ATOM   774  O  O   . PHE A 1 97  ? 15.039  3.157   1.656   1.00 12.77 ? 97  PHE A O   1 
ATOM   775  C  CB  . PHE A 1 97  ? 11.878  2.995   1.457   1.00 11.00 ? 97  PHE A CB  1 
ATOM   776  C  CG  . PHE A 1 97  ? 10.565  2.935   0.732   1.00 9.23  ? 97  PHE A CG  1 
ATOM   777  C  CD1 . PHE A 1 97  ? 9.644   3.963   0.847   1.00 9.04  ? 97  PHE A CD1 1 
ATOM   778  C  CD2 . PHE A 1 97  ? 10.248  1.844   -0.058  1.00 8.70  ? 97  PHE A CD2 1 
ATOM   779  C  CE1 . PHE A 1 97  ? 8.429   3.909   0.182   1.00 8.58  ? 97  PHE A CE1 1 
ATOM   780  C  CE2 . PHE A 1 97  ? 9.025   1.783   -0.732  1.00 8.22  ? 97  PHE A CE2 1 
ATOM   781  C  CZ  . PHE A 1 97  ? 8.114   2.816   -0.603  1.00 8.15  ? 97  PHE A CZ  1 
ATOM   782  N  N   . LYS A 1 98  ? 14.169  5.074   2.461   1.00 12.75 ? 98  LYS A N   1 
ATOM   783  C  CA  . LYS A 1 98  ? 15.256  5.328   3.406   1.00 13.02 ? 98  LYS A CA  1 
ATOM   784  C  C   . LYS A 1 98  ? 14.706  5.960   4.673   1.00 12.81 ? 98  LYS A C   1 
ATOM   785  O  O   . LYS A 1 98  ? 13.827  6.817   4.612   1.00 12.42 ? 98  LYS A O   1 
ATOM   786  C  CB  . LYS A 1 98  ? 16.287  6.288   2.804   1.00 13.60 ? 98  LYS A CB  1 
ATOM   787  C  CG  . LYS A 1 98  ? 17.075  5.758   1.616   1.00 15.75 ? 98  LYS A CG  1 
ATOM   788  C  CD  . LYS A 1 98  ? 18.053  4.667   2.021   1.00 19.58 ? 98  LYS A CD  1 
ATOM   789  C  CE  . LYS A 1 98  ? 19.248  4.597   1.071   1.00 21.62 ? 98  LYS A CE  1 
ATOM   790  N  NZ  . LYS A 1 98  ? 18.867  4.729   -0.363  1.00 23.78 ? 98  LYS A NZ  1 
ATOM   791  N  N   . ARG A 1 99  ? 15.250  5.552   5.818   1.00 13.07 ? 99  ARG A N   1 
ATOM   792  C  CA  . ARG A 1 99  ? 14.946  6.214   7.083   1.00 13.75 ? 99  ARG A CA  1 
ATOM   793  C  C   . ARG A 1 99  ? 15.222  7.714   6.966   1.00 14.30 ? 99  ARG A C   1 
ATOM   794  O  O   . ARG A 1 99  ? 16.215  8.123   6.357   1.00 14.61 ? 99  ARG A O   1 
ATOM   795  C  CB  . ARG A 1 99  ? 15.774  5.612   8.222   1.00 13.85 ? 99  ARG A CB  1 
ATOM   796  C  CG  . ARG A 1 99  ? 15.385  4.191   8.603   1.00 14.75 ? 99  ARG A CG  1 
ATOM   797  C  CD  . ARG A 1 99  ? 16.470  3.510   9.419   1.00 14.86 ? 99  ARG A CD  1 
ATOM   798  N  NE  . ARG A 1 99  ? 16.044  2.194   9.889   1.00 15.06 ? 99  ARG A NE  1 
ATOM   799  C  CZ  . ARG A 1 99  ? 16.853  1.164   10.156  1.00 16.50 ? 99  ARG A CZ  1 
ATOM   800  N  NH1 . ARG A 1 99  ? 18.175  1.263   9.999   1.00 19.28 ? 99  ARG A NH1 1 
ATOM   801  N  NH2 . ARG A 1 99  ? 16.340  0.018   10.584  1.00 16.96 ? 99  ARG A NH2 1 
ATOM   802  N  N   . GLU A 1 100 ? 14.326  8.511   7.544   1.00 14.92 ? 100 GLU A N   1 
ATOM   803  C  CA  . GLU A 1 100 ? 14.403  9.979   7.563   1.00 15.76 ? 100 GLU A CA  1 
ATOM   804  C  C   . GLU A 1 100 ? 14.203  10.643  6.197   1.00 15.70 ? 100 GLU A C   1 
ATOM   805  O  O   . GLU A 1 100 ? 14.562  11.810  6.023   1.00 17.21 ? 100 GLU A O   1 
ATOM   806  C  CB  A GLU A 1 100 ? 15.715  10.470  8.198   0.60 16.25 ? 100 GLU A CB  1 
ATOM   807  C  CB  B GLU A 1 100 ? 15.725  10.456  8.183   0.40 16.00 ? 100 GLU A CB  1 
ATOM   808  C  CG  A GLU A 1 100 ? 15.971  9.965   9.608   0.60 17.51 ? 100 GLU A CG  1 
ATOM   809  C  CG  B GLU A 1 100 ? 16.086  9.799   9.500   0.40 16.72 ? 100 GLU A CG  1 
ATOM   810  C  CD  A GLU A 1 100 ? 17.235  10.561  10.216  0.60 19.30 ? 100 GLU A CD  1 
ATOM   811  C  CD  B GLU A 1 100 ? 17.302  10.436  10.138  0.40 17.75 ? 100 GLU A CD  1 
ATOM   812  O  OE1 A GLU A 1 100 ? 17.446  11.787  10.081  0.60 20.70 ? 100 GLU A OE1 1 
ATOM   813  O  OE1 B GLU A 1 100 ? 17.234  10.761  11.338  0.40 17.44 ? 100 GLU A OE1 1 
ATOM   814  O  OE2 A GLU A 1 100 ? 18.016  9.803   10.823  0.60 19.78 ? 100 GLU A OE2 1 
ATOM   815  O  OE2 B GLU A 1 100 ? 18.316  10.628  9.433   0.40 18.80 ? 100 GLU A OE2 1 
ATOM   816  N  N   . LYS A 1 101 ? 13.628  9.925   5.232   1.00 14.94 ? 101 LYS A N   1 
ATOM   817  C  CA  . LYS A 1 101 ? 13.337  10.500  3.921   1.00 14.09 ? 101 LYS A CA  1 
ATOM   818  C  C   . LYS A 1 101 ? 11.859  10.405  3.558   1.00 13.53 ? 101 LYS A C   1 
ATOM   819  O  O   . LYS A 1 101 ? 11.176  9.438   3.915   1.00 13.14 ? 101 LYS A O   1 
ATOM   820  C  CB  . LYS A 1 101 ? 14.166  9.814   2.832   1.00 14.44 ? 101 LYS A CB  1 
ATOM   821  C  CG  . LYS A 1 101 ? 15.676  9.961   2.992   1.00 15.62 ? 101 LYS A CG  1 
ATOM   822  C  CD  . LYS A 1 101 ? 16.147  11.404  2.918   1.00 18.54 ? 101 LYS A CD  1 
ATOM   823  C  CE  . LYS A 1 101 ? 17.640  11.501  3.188   1.00 20.07 ? 101 LYS A CE  1 
ATOM   824  N  NZ  . LYS A 1 101 ? 18.132  12.907  3.166   1.00 21.70 ? 101 LYS A NZ  1 
ATOM   825  N  N   . SER A 1 102 ? 11.386  11.409  2.831   1.00 12.49 ? 102 SER A N   1 
ATOM   826  C  CA  . SER A 1 102 ? 10.016  11.441  2.340   1.00 12.52 ? 102 SER A CA  1 
ATOM   827  C  C   . SER A 1 102 ? 9.900   10.649  1.043   1.00 11.84 ? 102 SER A C   1 
ATOM   828  O  O   . SER A 1 102 ? 10.879  10.451  0.325   1.00 12.19 ? 102 SER A O   1 
ATOM   829  C  CB  A SER A 1 102 ? 9.541   12.878  2.186   0.65 12.73 ? 102 SER A CB  1 
ATOM   830  C  CB  B SER A 1 102 ? 9.563   12.886  2.097   0.35 12.59 ? 102 SER A CB  1 
ATOM   831  O  OG  A SER A 1 102 ? 9.472   13.472  3.472   0.65 13.49 ? 102 SER A OG  1 
ATOM   832  O  OG  B SER A 1 102 ? 10.225  13.461  0.977   0.35 13.32 ? 102 SER A OG  1 
ATOM   833  N  N   . PHE A 1 103 ? 8.688   10.194  0.756   1.00 10.48 ? 103 PHE A N   1 
ATOM   834  C  CA  . PHE A 1 103 ? 8.422   9.347   -0.398  1.00 10.05 ? 103 PHE A CA  1 
ATOM   835  C  C   . PHE A 1 103 ? 7.042   9.626   -0.970  1.00 9.80  ? 103 PHE A C   1 
ATOM   836  O  O   . PHE A 1 103 ? 6.181   10.197  -0.298  1.00 9.27  ? 103 PHE A O   1 
ATOM   837  C  CB  . PHE A 1 103 ? 8.506   7.861   -0.016  1.00 9.98  ? 103 PHE A CB  1 
ATOM   838  C  CG  . PHE A 1 103 ? 7.506   7.449   1.041   1.00 9.05  ? 103 PHE A CG  1 
ATOM   839  C  CD1 . PHE A 1 103 ? 6.174   7.225   0.714   1.00 8.90  ? 103 PHE A CD1 1 
ATOM   840  C  CD2 . PHE A 1 103 ? 7.896   7.306   2.360   1.00 9.10  ? 103 PHE A CD2 1 
ATOM   841  C  CE1 . PHE A 1 103 ? 5.255   6.870   1.690   1.00 8.83  ? 103 PHE A CE1 1 
ATOM   842  C  CE2 . PHE A 1 103 ? 6.976   6.944   3.337   1.00 8.85  ? 103 PHE A CE2 1 
ATOM   843  C  CZ  . PHE A 1 103 ? 5.655   6.722   2.999   1.00 8.67  ? 103 PHE A CZ  1 
ATOM   844  N  N   . GLU A 1 104 ? 6.855   9.204   -2.215  1.00 9.44  ? 104 GLU A N   1 
ATOM   845  C  CA  . GLU A 1 104 ? 5.547   9.083   -2.836  1.00 9.91  ? 104 GLU A CA  1 
ATOM   846  C  C   . GLU A 1 104 ? 5.406   7.686   -3.427  1.00 9.42  ? 104 GLU A C   1 
ATOM   847  O  O   . GLU A 1 104 ? 6.214   7.282   -4.254  1.00 10.49 ? 104 GLU A O   1 
ATOM   848  C  CB  . GLU A 1 104 ? 5.376   10.110  -3.948  1.00 10.57 ? 104 GLU A CB  1 
ATOM   849  C  CG  . GLU A 1 104 ? 4.062   9.972   -4.689  1.00 12.31 ? 104 GLU A CG  1 
ATOM   850  C  CD  . GLU A 1 104 ? 4.038   10.740  -5.979  1.00 15.38 ? 104 GLU A CD  1 
ATOM   851  O  OE1 . GLU A 1 104 ? 4.810   10.387  -6.900  1.00 17.40 ? 104 GLU A OE1 1 
ATOM   852  O  OE2 . GLU A 1 104 ? 3.238   11.688  -6.068  1.00 18.61 ? 104 GLU A OE2 1 
ATOM   853  N  N   . ILE A 1 105 ? 4.376   6.958   -3.001  1.00 7.67  ? 105 ILE A N   1 
ATOM   854  C  CA  . ILE A 1 105 ? 4.034   5.653   -3.554  1.00 6.97  ? 105 ILE A CA  1 
ATOM   855  C  C   . ILE A 1 105 ? 2.847   5.837   -4.491  1.00 6.68  ? 105 ILE A C   1 
ATOM   856  O  O   . ILE A 1 105 ? 1.849   6.439   -4.091  1.00 6.97  ? 105 ILE A O   1 
ATOM   857  C  CB  . ILE A 1 105 ? 3.615   4.685   -2.431  1.00 6.87  ? 105 ILE A CB  1 
ATOM   858  C  CG1 . ILE A 1 105 ? 4.790   4.405   -1.487  1.00 7.43  ? 105 ILE A CG1 1 
ATOM   859  C  CG2 . ILE A 1 105 ? 3.076   3.374   -3.032  1.00 7.63  ? 105 ILE A CG2 1 
ATOM   860  C  CD1 . ILE A 1 105 ? 4.378   3.765   -0.159  1.00 8.82  ? 105 ILE A CD1 1 
ATOM   861  N  N   . VAL A 1 106 ? 2.940   5.326   -5.720  1.00 6.46  ? 106 VAL A N   1 
ATOM   862  C  CA  . VAL A 1 106 ? 1.799   5.275   -6.621  1.00 6.46  ? 106 VAL A CA  1 
ATOM   863  C  C   . VAL A 1 106 ? 1.563   3.815   -6.989  1.00 5.67  ? 106 VAL A C   1 
ATOM   864  O  O   . VAL A 1 106 ? 2.408   3.177   -7.636  1.00 5.64  ? 106 VAL A O   1 
ATOM   865  C  CB  . VAL A 1 106 ? 2.003   6.134   -7.893  1.00 6.14  ? 106 VAL A CB  1 
ATOM   866  C  CG1 . VAL A 1 106 ? 0.787   6.030   -8.789  1.00 7.62  ? 106 VAL A CG1 1 
ATOM   867  C  CG2 . VAL A 1 106 ? 2.302   7.596   -7.516  1.00 7.08  ? 106 VAL A CG2 1 
ATOM   868  N  N   . ILE A 1 107 ? 0.431   3.275   -6.533  1.00 5.46  ? 107 ILE A N   1 
ATOM   869  C  CA  . ILE A 1 107 ? 0.004   1.927   -6.893  1.00 5.61  ? 107 ILE A CA  1 
ATOM   870  C  C   . ILE A 1 107 ? -0.995  2.045   -8.029  1.00 5.83  ? 107 ILE A C   1 
ATOM   871  O  O   . ILE A 1 107 ? -2.028  2.683   -7.870  1.00 6.39  ? 107 ILE A O   1 
ATOM   872  C  CB  . ILE A 1 107 ? -0.682  1.208   -5.710  1.00 5.45  ? 107 ILE A CB  1 
ATOM   873  C  CG1 . ILE A 1 107 ? 0.278   1.096   -4.525  1.00 5.43  ? 107 ILE A CG1 1 
ATOM   874  C  CG2 . ILE A 1 107 ? -1.180  -0.164  -6.139  1.00 6.49  ? 107 ILE A CG2 1 
ATOM   875  C  CD1 . ILE A 1 107 ? -0.367  0.653   -3.210  1.00 7.83  ? 107 ILE A CD1 1 
ATOM   876  N  N   . MET A 1 108 ? -0.681  1.437   -9.172  1.00 5.65  ? 108 MET A N   1 
ATOM   877  C  CA  . MET A 1 108 ? -1.608  1.369   -10.290 1.00 5.38  ? 108 MET A CA  1 
ATOM   878  C  C   . MET A 1 108 ? -2.161  -0.041  -10.415 1.00 5.88  ? 108 MET A C   1 
ATOM   879  O  O   . MET A 1 108 ? -1.407  -1.024  -10.458 1.00 5.89  ? 108 MET A O   1 
ATOM   880  C  CB  . MET A 1 108 ? -0.935  1.778   -11.596 1.00 5.16  ? 108 MET A CB  1 
ATOM   881  C  CG  . MET A 1 108 ? -1.871  1.718   -12.803 1.00 5.60  ? 108 MET A CG  1 
ATOM   882  S  SD  . MET A 1 108 ? -1.185  2.394   -14.333 1.00 6.74  ? 108 MET A SD  1 
ATOM   883  C  CE  . MET A 1 108 ? 0.281   1.374   -14.523 1.00 7.75  ? 108 MET A CE  1 
ATOM   884  N  N   . VAL A 1 109 ? -3.479  -0.142  -10.466 1.00 6.76  ? 109 VAL A N   1 
ATOM   885  C  CA  . VAL A 1 109 ? -4.141  -1.429  -10.625 1.00 8.22  ? 109 VAL A CA  1 
ATOM   886  C  C   . VAL A 1 109 ? -4.255  -1.712  -12.120 1.00 8.98  ? 109 VAL A C   1 
ATOM   887  O  O   . VAL A 1 109 ? -4.803  -0.898  -12.864 1.00 10.99 ? 109 VAL A O   1 
ATOM   888  C  CB  . VAL A 1 109 ? -5.544  -1.421  -9.974  1.00 9.20  ? 109 VAL A CB  1 
ATOM   889  C  CG1 . VAL A 1 109 ? -6.158  -2.825  -10.017 1.00 11.68 ? 109 VAL A CG1 1 
ATOM   890  C  CG2 . VAL A 1 109 ? -5.474  -0.909  -8.556  1.00 10.97 ? 109 VAL A CG2 1 
ATOM   891  N  N   . LEU A 1 110 ? -3.678  -2.820  -12.574 1.00 8.95  ? 110 LEU A N   1 
ATOM   892  C  CA  . LEU A 1 110 ? -3.852  -3.294  -13.952 1.00 9.70  ? 110 LEU A CA  1 
ATOM   893  C  C   . LEU A 1 110 ? -4.687  -4.576  -13.930 1.00 10.46 ? 110 LEU A C   1 
ATOM   894  O  O   . LEU A 1 110 ? -5.062  -5.067  -12.867 1.00 11.06 ? 110 LEU A O   1 
ATOM   895  C  CB  . LEU A 1 110 ? -2.495  -3.517  -14.626 1.00 9.56  ? 110 LEU A CB  1 
ATOM   896  C  CG  . LEU A 1 110 ? -1.615  -2.260  -14.739 1.00 9.59  ? 110 LEU A CG  1 
ATOM   897  C  CD1 . LEU A 1 110 ? -0.222  -2.627  -15.198 1.00 11.50 ? 110 LEU A CD1 1 
ATOM   898  C  CD2 . LEU A 1 110 ? -2.252  -1.246  -15.699 1.00 11.79 ? 110 LEU A CD2 1 
ATOM   899  N  N   . LYS A 1 111 ? -5.005  -5.103  -15.105 1.00 10.97 ? 111 LYS A N   1 
ATOM   900  C  CA  . LYS A 1 111 ? -5.905  -6.253  -15.187 1.00 11.60 ? 111 LYS A CA  1 
ATOM   901  C  C   . LYS A 1 111 ? -5.379  -7.481  -14.439 1.00 11.03 ? 111 LYS A C   1 
ATOM   902  O  O   . LYS A 1 111 ? -6.147  -8.132  -13.722 1.00 10.94 ? 111 LYS A O   1 
ATOM   903  C  CB  . LYS A 1 111 ? -6.211  -6.606  -16.648 1.00 12.15 ? 111 LYS A CB  1 
ATOM   904  C  CG  . LYS A 1 111 ? -7.326  -7.664  -16.834 1.00 14.60 ? 111 LYS A CG  1 
ATOM   905  C  CD  . LYS A 1 111 ? -8.712  -7.145  -16.461 1.00 17.83 ? 111 LYS A CD  1 
ATOM   906  C  CE  . LYS A 1 111 ? -9.815  -8.179  -16.703 1.00 19.97 ? 111 LYS A CE  1 
ATOM   907  N  NZ  . LYS A 1 111 ? -9.736  -9.317  -15.757 1.00 21.65 ? 111 LYS A NZ  1 
ATOM   908  N  N   . ASP A 1 112 ? -4.093  -7.784  -14.605 1.00 10.71 ? 112 ASP A N   1 
ATOM   909  C  CA  . ASP A 1 112 ? -3.513  -9.012  -14.044 1.00 10.91 ? 112 ASP A CA  1 
ATOM   910  C  C   . ASP A 1 112 ? -2.537  -8.785  -12.892 1.00 9.59  ? 112 ASP A C   1 
ATOM   911  O  O   . ASP A 1 112 ? -2.068  -9.751  -12.290 1.00 9.29  ? 112 ASP A O   1 
ATOM   912  C  CB  . ASP A 1 112 ? -2.795  -9.809  -15.142 1.00 11.52 ? 112 ASP A CB  1 
ATOM   913  C  CG  . ASP A 1 112 ? -3.747  -10.378 -16.192 1.00 14.08 ? 112 ASP A CG  1 
ATOM   914  O  OD1 . ASP A 1 112 ? -4.967  -10.484 -15.942 1.00 17.01 ? 112 ASP A OD1 1 
ATOM   915  O  OD2 . ASP A 1 112 ? -3.248  -10.735 -17.273 1.00 19.62 ? 112 ASP A OD2 1 
ATOM   916  N  N   . LYS A 1 113 ? -2.222  -7.526  -12.588 1.00 8.50  ? 113 LYS A N   1 
ATOM   917  C  CA  . LYS A 1 113 ? -1.212  -7.199  -11.582 1.00 8.01  ? 113 LYS A CA  1 
ATOM   918  C  C   . LYS A 1 113 ? -1.371  -5.776  -11.073 1.00 6.84  ? 113 LYS A C   1 
ATOM   919  O  O   . LYS A 1 113 ? -2.055  -4.963  -11.688 1.00 6.98  ? 113 LYS A O   1 
ATOM   920  C  CB  . LYS A 1 113 ? 0.188   -7.349  -12.184 1.00 8.48  ? 113 LYS A CB  1 
ATOM   921  C  CG  . LYS A 1 113 ? 0.466   -6.372  -13.335 1.00 9.53  ? 113 LYS A CG  1 
ATOM   922  C  CD  . LYS A 1 113 ? 1.668   -6.806  -14.148 1.00 11.87 ? 113 LYS A CD  1 
ATOM   923  C  CE  . LYS A 1 113 ? 1.928   -5.878  -15.321 1.00 13.80 ? 113 LYS A CE  1 
ATOM   924  N  NZ  . LYS A 1 113 ? 0.953   -6.075  -16.420 1.00 17.74 ? 113 LYS A NZ  1 
ATOM   925  N  N   . PHE A 1 114 ? -0.703  -5.500  -9.958  1.00 5.58  ? 114 PHE A N   1 
ATOM   926  C  CA  . PHE A 1 114 ? -0.396  -4.136  -9.534  1.00 5.52  ? 114 PHE A CA  1 
ATOM   927  C  C   . PHE A 1 114 ? 0.964   -3.741  -10.082 1.00 5.82  ? 114 PHE A C   1 
ATOM   928  O  O   . PHE A 1 114 ? 1.869   -4.584  -10.208 1.00 5.85  ? 114 PHE A O   1 
ATOM   929  C  CB  . PHE A 1 114 ? -0.317  -4.020  -8.009  1.00 6.19  ? 114 PHE A CB  1 
ATOM   930  C  CG  . PHE A 1 114 ? -1.578  -4.407  -7.298  1.00 6.29  ? 114 PHE A CG  1 
ATOM   931  C  CD1 . PHE A 1 114 ? -2.612  -3.493  -7.143  1.00 7.39  ? 114 PHE A CD1 1 
ATOM   932  C  CD2 . PHE A 1 114 ? -1.727  -5.679  -6.772  1.00 6.11  ? 114 PHE A CD2 1 
ATOM   933  C  CE1 . PHE A 1 114 ? -3.770  -3.853  -6.483  1.00 7.56  ? 114 PHE A CE1 1 
ATOM   934  C  CE2 . PHE A 1 114 ? -2.878  -6.044  -6.114  1.00 7.35  ? 114 PHE A CE2 1 
ATOM   935  C  CZ  . PHE A 1 114 ? -3.902  -5.134  -5.971  1.00 7.36  ? 114 PHE A CZ  1 
ATOM   936  N  N   . GLN A 1 115 ? 1.106   -2.461  -10.394 1.00 5.28  ? 115 GLN A N   1 
ATOM   937  C  CA  . GLN A 1 115 ? 2.412   -1.876  -10.668 1.00 5.18  ? 115 GLN A CA  1 
ATOM   938  C  C   . GLN A 1 115 ? 2.624   -0.761  -9.662  1.00 4.85  ? 115 GLN A C   1 
ATOM   939  O  O   . GLN A 1 115 ? 1.696   0.014   -9.374  1.00 5.30  ? 115 GLN A O   1 
ATOM   940  C  CB  . GLN A 1 115 ? 2.494   -1.351  -12.101 1.00 5.62  ? 115 GLN A CB  1 
ATOM   941  C  CG  . GLN A 1 115 ? 3.853   -0.703  -12.463 1.00 5.70  ? 115 GLN A CG  1 
ATOM   942  C  CD  . GLN A 1 115 ? 3.889   0.801   -12.286 1.00 5.45  ? 115 GLN A CD  1 
ATOM   943  O  OE1 . GLN A 1 115 ? 2.857   1.466   -12.303 1.00 6.22  ? 115 GLN A OE1 1 
ATOM   944  N  NE2 . GLN A 1 115 ? 5.096   1.342   -12.136 1.00 6.51  ? 115 GLN A NE2 1 
ATOM   945  N  N   . VAL A 1 116 ? 3.824   -0.696  -9.094  1.00 4.85  ? 116 VAL A N   1 
ATOM   946  C  CA  . VAL A 1 116 ? 4.132   0.302   -8.074  1.00 5.20  ? 116 VAL A CA  1 
ATOM   947  C  C   . VAL A 1 116 ? 5.347   1.130   -8.470  1.00 5.36  ? 116 VAL A C   1 
ATOM   948  O  O   . VAL A 1 116 ? 6.405   0.584   -8.791  1.00 6.05  ? 116 VAL A O   1 
ATOM   949  C  CB  . VAL A 1 116 ? 4.358   -0.333  -6.677  1.00 5.22  ? 116 VAL A CB  1 
ATOM   950  C  CG1 . VAL A 1 116 ? 4.521   0.766   -5.623  1.00 6.35  ? 116 VAL A CG1 1 
ATOM   951  C  CG2 . VAL A 1 116 ? 3.209   -1.257  -6.313  1.00 6.45  ? 116 VAL A CG2 1 
ATOM   952  N  N   . ALA A 1 117 ? 5.164   2.448   -8.464  1.00 6.27  ? 117 ALA A N   1 
ATOM   953  C  CA  . ALA A 1 117 ? 6.242   3.406   -8.641  1.00 6.94  ? 117 ALA A CA  1 
ATOM   954  C  C   . ALA A 1 117 ? 6.457   4.135   -7.332  1.00 7.73  ? 117 ALA A C   1 
ATOM   955  O  O   . ALA A 1 117 ? 5.496   4.431   -6.625  1.00 8.39  ? 117 ALA A O   1 
ATOM   956  C  CB  . ALA A 1 117 ? 5.913   4.395   -9.757  1.00 7.27  ? 117 ALA A CB  1 
ATOM   957  N  N   . VAL A 1 118 ? 7.712   4.391   -6.986  1.00 8.64  ? 118 VAL A N   1 
ATOM   958  C  CA  . VAL A 1 118 ? 8.061   5.146   -5.790  1.00 9.55  ? 118 VAL A CA  1 
ATOM   959  C  C   . VAL A 1 118 ? 8.977   6.285   -6.204  1.00 10.59 ? 118 VAL A C   1 
ATOM   960  O  O   . VAL A 1 118 ? 9.955   6.078   -6.933  1.00 10.32 ? 118 VAL A O   1 
ATOM   961  C  CB  . VAL A 1 118 ? 8.764   4.267   -4.731  1.00 9.67  ? 118 VAL A CB  1 
ATOM   962  C  CG1 . VAL A 1 118 ? 9.094   5.089   -3.474  1.00 11.01 ? 118 VAL A CG1 1 
ATOM   963  C  CG2 . VAL A 1 118 ? 7.915   3.037   -4.383  1.00 10.01 ? 118 VAL A CG2 1 
ATOM   964  N  N   . ASN A 1 119 ? 8.639   7.491   -5.768  1.00 11.28 ? 119 ASN A N   1 
ATOM   965  C  CA  . ASN A 1 119 ? 9.423   8.677   -6.089  1.00 12.34 ? 119 ASN A CA  1 
ATOM   966  C  C   . ASN A 1 119 ? 9.628   8.794   -7.591  1.00 12.72 ? 119 ASN A C   1 
ATOM   967  O  O   . ASN A 1 119 ? 10.719  9.162   -8.049  1.00 13.99 ? 119 ASN A O   1 
ATOM   968  C  CB  . ASN A 1 119 ? 10.767  8.662   -5.349  1.00 12.86 ? 119 ASN A CB  1 
ATOM   969  C  CG  . ASN A 1 119 ? 10.598  8.577   -3.852  1.00 13.28 ? 119 ASN A CG  1 
ATOM   970  O  OD1 . ASN A 1 119 ? 9.556   8.978   -3.318  1.00 15.26 ? 119 ASN A OD1 1 
ATOM   971  N  ND2 . ASN A 1 119 ? 11.600  8.056   -3.161  1.00 13.79 ? 119 ASN A ND2 1 
ATOM   972  N  N   . GLY A 1 120 ? 8.574   8.484   -8.348  1.00 12.65 ? 120 GLY A N   1 
ATOM   973  C  CA  . GLY A 1 120 ? 8.557   8.657   -9.794  1.00 13.05 ? 120 GLY A CA  1 
ATOM   974  C  C   . GLY A 1 120 ? 9.335   7.633   -10.595 1.00 13.10 ? 120 GLY A C   1 
ATOM   975  O  O   . GLY A 1 120 ? 9.612   7.866   -11.771 1.00 15.11 ? 120 GLY A O   1 
ATOM   976  N  N   . LYS A 1 121 ? 9.683   6.503   -9.983  1.00 11.30 ? 121 LYS A N   1 
ATOM   977  C  CA  . LYS A 1 121 ? 10.440  5.442   -10.652 1.00 11.01 ? 121 LYS A CA  1 
ATOM   978  C  C   . LYS A 1 121 ? 9.744   4.100   -10.464 1.00 9.53  ? 121 LYS A C   1 
ATOM   979  O  O   . LYS A 1 121 ? 9.364   3.744   -9.345  1.00 8.53  ? 121 LYS A O   1 
ATOM   980  C  CB  . LYS A 1 121 ? 11.855  5.395   -10.085 1.00 11.96 ? 121 LYS A CB  1 
ATOM   981  C  CG  . LYS A 1 121 ? 12.731  4.267   -10.597 1.00 14.36 ? 121 LYS A CG  1 
ATOM   982  C  CD  . LYS A 1 121 ? 14.185  4.475   -10.182 1.00 18.83 ? 121 LYS A CD  1 
ATOM   983  C  CE  . LYS A 1 121 ? 15.054  3.289   -10.559 1.00 21.08 ? 121 LYS A CE  1 
ATOM   984  N  NZ  . LYS A 1 121 ? 14.669  2.049   -9.828  1.00 23.52 ? 121 LYS A NZ  1 
ATOM   985  N  N   . HIS A 1 122 ? 9.600   3.354   -11.553 1.00 8.08  ? 122 HIS A N   1 
ATOM   986  C  CA  . HIS A 1 122 ? 9.035   2.017   -11.498 1.00 7.99  ? 122 HIS A CA  1 
ATOM   987  C  C   . HIS A 1 122 ? 9.828   1.144   -10.523 1.00 7.89  ? 122 HIS A C   1 
ATOM   988  O  O   . HIS A 1 122 ? 11.056  1.041   -10.624 1.00 9.32  ? 122 HIS A O   1 
ATOM   989  C  CB  . HIS A 1 122 ? 9.039   1.371   -12.886 1.00 7.67  ? 122 HIS A CB  1 
ATOM   990  C  CG  . HIS A 1 122 ? 8.667   -0.073  -12.855 1.00 8.10  ? 122 HIS A CG  1 
ATOM   991  N  ND1 . HIS A 1 122 ? 7.459   -0.509  -12.353 1.00 7.40  ? 122 HIS A ND1 1 
ATOM   992  C  CD2 . HIS A 1 122 ? 9.363   -1.183  -13.191 1.00 9.31  ? 122 HIS A CD2 1 
ATOM   993  C  CE1 . HIS A 1 122 ? 7.419   -1.826  -12.410 1.00 7.90  ? 122 HIS A CE1 1 
ATOM   994  N  NE2 . HIS A 1 122 ? 8.561   -2.260  -12.913 1.00 9.15  ? 122 HIS A NE2 1 
ATOM   995  N  N   . THR A 1 123 ? 9.126   0.506   -9.591  1.00 7.22  ? 123 THR A N   1 
ATOM   996  C  CA  . THR A 1 123 ? 9.759   -0.235  -8.500  1.00 7.58  ? 123 THR A CA  1 
ATOM   997  C  C   . THR A 1 123 ? 9.457   -1.737  -8.530  1.00 6.99  ? 123 THR A C   1 
ATOM   998  O  O   . THR A 1 123 ? 10.373  -2.555  -8.383  1.00 7.83  ? 123 THR A O   1 
ATOM   999  C  CB  . THR A 1 123 ? 9.376   0.375   -7.149  1.00 7.61  ? 123 THR A CB  1 
ATOM   1000 O  OG1 . THR A 1 123 ? 9.856   1.729   -7.104  1.00 9.01  ? 123 THR A OG1 1 
ATOM   1001 C  CG2 . THR A 1 123 ? 9.978   -0.411  -5.993  1.00 9.15  ? 123 THR A CG2 1 
ATOM   1002 N  N   . LEU A 1 124 ? 8.193   -2.121  -8.709  1.00 6.43  ? 124 LEU A N   1 
ATOM   1003 C  CA  . LEU A 1 124 ? 7.864   -3.540  -8.766  1.00 6.22  ? 124 LEU A CA  1 
ATOM   1004 C  C   . LEU A 1 124 ? 6.499   -3.794  -9.376  1.00 5.90  ? 124 LEU A C   1 
ATOM   1005 O  O   . LEU A 1 124 ? 5.677   -2.886  -9.497  1.00 6.13  ? 124 LEU A O   1 
ATOM   1006 C  CB  . LEU A 1 124 ? 7.953   -4.187  -7.370  1.00 6.34  ? 124 LEU A CB  1 
ATOM   1007 C  CG  . LEU A 1 124 ? 7.060   -3.652  -6.242  1.00 5.86  ? 124 LEU A CG  1 
ATOM   1008 C  CD1 . LEU A 1 124 ? 5.647   -4.207  -6.320  1.00 7.24  ? 124 LEU A CD1 1 
ATOM   1009 C  CD2 . LEU A 1 124 ? 7.657   -3.977  -4.864  1.00 7.32  ? 124 LEU A CD2 1 
ATOM   1010 N  N   . LEU A 1 125 ? 6.299   -5.043  -9.777  1.00 6.36  ? 125 LEU A N   1 
ATOM   1011 C  CA  . LEU A 1 125 ? 5.011   -5.589  -10.157 1.00 6.14  ? 125 LEU A CA  1 
ATOM   1012 C  C   . LEU A 1 125 ? 4.593   -6.632  -9.132  1.00 6.03  ? 125 LEU A C   1 
ATOM   1013 O  O   . LEU A 1 125 ? 5.437   -7.271  -8.496  1.00 6.49  ? 125 LEU A O   1 
ATOM   1014 C  CB  . LEU A 1 125 ? 5.086   -6.285  -11.517 1.00 6.62  ? 125 LEU A CB  1 
ATOM   1015 C  CG  . LEU A 1 125 ? 5.541   -5.453  -12.707 1.00 6.03  ? 125 LEU A CG  1 
ATOM   1016 C  CD1 . LEU A 1 125 ? 5.676   -6.345  -13.945 1.00 8.47  ? 125 LEU A CD1 1 
ATOM   1017 C  CD2 . LEU A 1 125 ? 4.597   -4.271  -12.951 1.00 7.06  ? 125 LEU A CD2 1 
ATOM   1018 N  N   . TYR A 1 126 ? 3.290   -6.823  -8.978  1.00 5.58  ? 126 TYR A N   1 
ATOM   1019 C  CA  . TYR A 1 126 ? 2.771   -7.912  -8.137  1.00 5.75  ? 126 TYR A CA  1 
ATOM   1020 C  C   . TYR A 1 126 ? 1.515   -8.488  -8.768  1.00 5.43  ? 126 TYR A C   1 
ATOM   1021 O  O   . TYR A 1 126 ? 0.485   -7.812  -8.827  1.00 6.03  ? 126 TYR A O   1 
ATOM   1022 C  CB  . TYR A 1 126 ? 2.464   -7.409  -6.731  1.00 5.80  ? 126 TYR A CB  1 
ATOM   1023 C  CG  . TYR A 1 126 ? 2.109   -8.497  -5.732  1.00 5.49  ? 126 TYR A CG  1 
ATOM   1024 C  CD1 . TYR A 1 126 ? 3.102   -9.201  -5.068  1.00 6.30  ? 126 TYR A CD1 1 
ATOM   1025 C  CD2 . TYR A 1 126 ? 0.782   -8.821  -5.467  1.00 6.27  ? 126 TYR A CD2 1 
ATOM   1026 C  CE1 . TYR A 1 126 ? 2.793   -10.200 -4.157  1.00 5.45  ? 126 TYR A CE1 1 
ATOM   1027 C  CE2 . TYR A 1 126 ? 0.453   -9.818  -4.550  1.00 6.76  ? 126 TYR A CE2 1 
ATOM   1028 C  CZ  . TYR A 1 126 ? 1.468   -10.504 -3.903  1.00 5.72  ? 126 TYR A CZ  1 
ATOM   1029 O  OH  . TYR A 1 126 ? 1.176   -11.482 -2.972  1.00 6.51  ? 126 TYR A OH  1 
ATOM   1030 N  N   . GLY A 1 127 ? 1.587   -9.729  -9.235  1.00 5.83  ? 127 GLY A N   1 
ATOM   1031 C  CA  . GLY A 1 127 ? 0.431   -10.367 -9.844  1.00 6.03  ? 127 GLY A CA  1 
ATOM   1032 C  C   . GLY A 1 127 ? -0.716  -10.549 -8.869  1.00 5.92  ? 127 GLY A C   1 
ATOM   1033 O  O   . GLY A 1 127 ? -0.496  -10.896 -7.700  1.00 6.31  ? 127 GLY A O   1 
ATOM   1034 N  N   . HIS A 1 128 ? -1.942  -10.325 -9.340  1.00 6.25  ? 128 HIS A N   1 
ATOM   1035 C  CA  . HIS A 1 128 ? -3.106  -10.538 -8.488  1.00 6.29  ? 128 HIS A CA  1 
ATOM   1036 C  C   . HIS A 1 128 ? -3.233  -11.993 -8.071  1.00 6.33  ? 128 HIS A C   1 
ATOM   1037 O  O   . HIS A 1 128 ? -3.138  -12.891 -8.911  1.00 6.78  ? 128 HIS A O   1 
ATOM   1038 C  CB  . HIS A 1 128 ? -4.411  -10.150 -9.180  1.00 6.38  ? 128 HIS A CB  1 
ATOM   1039 C  CG  . HIS A 1 128 ? -4.498  -8.706  -9.550  1.00 6.13  ? 128 HIS A CG  1 
ATOM   1040 N  ND1 . HIS A 1 128 ? -4.225  -7.687  -8.665  1.00 6.66  ? 128 HIS A ND1 1 
ATOM   1041 C  CD2 . HIS A 1 128 ? -4.842  -8.115  -10.717 1.00 7.09  ? 128 HIS A CD2 1 
ATOM   1042 C  CE1 . HIS A 1 128 ? -4.356  -6.528  -9.285  1.00 7.05  ? 128 HIS A CE1 1 
ATOM   1043 N  NE2 . HIS A 1 128 ? -4.751  -6.758  -10.525 1.00 7.20  ? 128 HIS A NE2 1 
ATOM   1044 N  N   . ARG A 1 129 ? -3.444  -12.195 -6.772  1.00 6.13  ? 129 ARG A N   1 
ATOM   1045 C  CA  . ARG A 1 129 ? -3.761  -13.495 -6.181  1.00 6.43  ? 129 ARG A CA  1 
ATOM   1046 C  C   . ARG A 1 129 ? -5.199  -13.543 -5.655  1.00 7.12  ? 129 ARG A C   1 
ATOM   1047 O  O   . ARG A 1 129 ? -5.747  -14.637 -5.507  1.00 7.77  ? 129 ARG A O   1 
ATOM   1048 C  CB  . ARG A 1 129 ? -2.783  -13.799 -5.046  1.00 6.53  ? 129 ARG A CB  1 
ATOM   1049 C  CG  . ARG A 1 129 ? -1.339  -13.846 -5.496  1.00 6.53  ? 129 ARG A CG  1 
ATOM   1050 C  CD  . ARG A 1 129 ? -0.470  -14.360 -4.383  1.00 6.68  ? 129 ARG A CD  1 
ATOM   1051 N  NE  . ARG A 1 129 ? 0.952   -14.122 -4.617  1.00 6.51  ? 129 ARG A NE  1 
ATOM   1052 C  CZ  . ARG A 1 129 ? 1.894   -14.309 -3.698  1.00 6.23  ? 129 ARG A CZ  1 
ATOM   1053 N  NH1 . ARG A 1 129 ? 1.592   -14.769 -2.489  1.00 6.81  ? 129 ARG A NH1 1 
ATOM   1054 N  NH2 . ARG A 1 129 ? 3.154   -14.028 -3.985  1.00 7.47  ? 129 ARG A NH2 1 
ATOM   1055 N  N   . ILE A 1 130 ? -5.768  -12.384 -5.336  1.00 7.18  ? 130 ILE A N   1 
ATOM   1056 C  CA  . ILE A 1 130 ? -7.198  -12.207 -5.062  1.00 7.60  ? 130 ILE A CA  1 
ATOM   1057 C  C   . ILE A 1 130 ? -7.700  -11.195 -6.084  1.00 7.93  ? 130 ILE A C   1 
ATOM   1058 O  O   . ILE A 1 130 ? -6.995  -10.238 -6.393  1.00 7.99  ? 130 ILE A O   1 
ATOM   1059 C  CB  . ILE A 1 130 ? -7.443  -11.634 -3.640  1.00 7.63  ? 130 ILE A CB  1 
ATOM   1060 C  CG1 . ILE A 1 130 ? -6.851  -12.552 -2.568  1.00 8.38  ? 130 ILE A CG1 1 
ATOM   1061 C  CG2 . ILE A 1 130 ? -8.930  -11.431 -3.395  1.00 8.79  ? 130 ILE A CG2 1 
ATOM   1062 C  CD1 . ILE A 1 130 ? -7.053  -12.048 -1.140  1.00 9.53  ? 130 ILE A CD1 1 
ATOM   1063 N  N   . GLY A 1 131 ? -8.902  -11.376 -6.617  1.00 7.62  ? 131 GLY A N   1 
ATOM   1064 C  CA  . GLY A 1 131 ? -9.448  -10.400 -7.562  1.00 8.33  ? 131 GLY A CA  1 
ATOM   1065 C  C   . GLY A 1 131 ? -9.527  -9.017  -6.932  1.00 8.40  ? 131 GLY A C   1 
ATOM   1066 O  O   . GLY A 1 131 ? -10.006 -8.883  -5.805  1.00 8.63  ? 131 GLY A O   1 
ATOM   1067 N  N   . PRO A 1 132 ? -9.069  -7.969  -7.644  1.00 9.06  ? 132 PRO A N   1 
ATOM   1068 C  CA  . PRO A 1 132 ? -9.079  -6.643  -7.018  1.00 9.13  ? 132 PRO A CA  1 
ATOM   1069 C  C   . PRO A 1 132 ? -10.476 -6.101  -6.722  1.00 8.96  ? 132 PRO A C   1 
ATOM   1070 O  O   . PRO A 1 132 ? -10.623 -5.163  -5.938  1.00 8.83  ? 132 PRO A O   1 
ATOM   1071 C  CB  . PRO A 1 132 ? -8.343  -5.755  -8.030  1.00 10.30 ? 132 PRO A CB  1 
ATOM   1072 C  CG  . PRO A 1 132 ? -8.235  -6.519  -9.245  1.00 10.99 ? 132 PRO A CG  1 
ATOM   1073 C  CD  . PRO A 1 132 ? -8.366  -7.958  -8.936  1.00 9.44  ? 132 PRO A CD  1 
ATOM   1074 N  N   . GLU A 1 133 ? -11.487 -6.687  -7.356  1.00 8.52  ? 133 GLU A N   1 
ATOM   1075 C  CA  . GLU A 1 133 ? -12.875 -6.377  -7.043  1.00 8.36  ? 133 GLU A CA  1 
ATOM   1076 C  C   . GLU A 1 133 ? -13.243 -6.641  -5.582  1.00 8.57  ? 133 GLU A C   1 
ATOM   1077 O  O   . GLU A 1 133 ? -14.212 -6.083  -5.086  1.00 9.44  ? 133 GLU A O   1 
ATOM   1078 C  CB  . GLU A 1 133 ? -13.827 -7.146  -7.981  1.00 8.89  ? 133 GLU A CB  1 
ATOM   1079 C  CG  . GLU A 1 133 ? -13.834 -8.680  -7.802  1.00 8.82  ? 133 GLU A CG  1 
ATOM   1080 C  CD  . GLU A 1 133 ? -12.689 -9.415  -8.498  1.00 9.71  ? 133 GLU A CD  1 
ATOM   1081 O  OE1 . GLU A 1 133 ? -11.854 -8.784  -9.197  1.00 10.09 ? 133 GLU A OE1 1 
ATOM   1082 O  OE2 . GLU A 1 133 ? -12.625 -10.652 -8.360  1.00 10.91 ? 133 GLU A OE2 1 
ATOM   1083 N  N   . LYS A 1 134 ? -12.475 -7.488  -4.899  1.00 7.91  ? 134 LYS A N   1 
ATOM   1084 C  CA  . LYS A 1 134 ? -12.709 -7.782  -3.483  1.00 8.38  ? 134 LYS A CA  1 
ATOM   1085 C  C   . LYS A 1 134 ? -12.109 -6.749  -2.532  1.00 7.93  ? 134 LYS A C   1 
ATOM   1086 O  O   . LYS A 1 134 ? -12.367 -6.788  -1.334  1.00 8.52  ? 134 LYS A O   1 
ATOM   1087 C  CB  . LYS A 1 134 ? -12.146 -9.159  -3.124  1.00 8.77  ? 134 LYS A CB  1 
ATOM   1088 C  CG  . LYS A 1 134 ? -12.915 -10.328 -3.753  1.00 10.93 ? 134 LYS A CG  1 
ATOM   1089 C  CD  . LYS A 1 134 ? -14.225 -10.632 -3.012  1.00 13.89 ? 134 LYS A CD  1 
ATOM   1090 C  CE  . LYS A 1 134 ? -15.161 -11.565 -3.813  1.00 16.00 ? 134 LYS A CE  1 
ATOM   1091 N  NZ  . LYS A 1 134 ? -14.522 -12.849 -4.199  1.00 18.78 ? 134 LYS A NZ  1 
ATOM   1092 N  N   . ILE A 1 135 ? -11.288 -5.844  -3.052  1.00 7.33  ? 135 ILE A N   1 
ATOM   1093 C  CA  . ILE A 1 135 ? -10.592 -4.863  -2.225  1.00 7.34  ? 135 ILE A CA  1 
ATOM   1094 C  C   . ILE A 1 135 ? -11.483 -3.651  -1.995  1.00 7.34  ? 135 ILE A C   1 
ATOM   1095 O  O   . ILE A 1 135 ? -11.894 -2.993  -2.948  1.00 8.39  ? 135 ILE A O   1 
ATOM   1096 C  CB  . ILE A 1 135 ? -9.287  -4.396  -2.903  1.00 6.88  ? 135 ILE A CB  1 
ATOM   1097 C  CG1 . ILE A 1 135 ? -8.334  -5.582  -3.118  1.00 6.76  ? 135 ILE A CG1 1 
ATOM   1098 C  CG2 . ILE A 1 135 ? -8.618  -3.315  -2.062  1.00 7.29  ? 135 ILE A CG2 1 
ATOM   1099 C  CD1 . ILE A 1 135 ? -7.183  -5.278  -4.057  1.00 7.14  ? 135 ILE A CD1 1 
ATOM   1100 N  N   . ASP A 1 136 ? -11.766 -3.350  -0.735  1.00 6.96  ? 136 ASP A N   1 
ATOM   1101 C  CA  . ASP A 1 136 ? -12.552 -2.163  -0.388  1.00 7.20  ? 136 ASP A CA  1 
ATOM   1102 C  C   . ASP A 1 136 ? -11.980 -1.378  0.805   1.00 6.90  ? 136 ASP A C   1 
ATOM   1103 O  O   . ASP A 1 136 ? -12.616 -0.436  1.270   1.00 7.39  ? 136 ASP A O   1 
ATOM   1104 C  CB  . ASP A 1 136 ? -14.013 -2.553  -0.114  1.00 7.91  ? 136 ASP A CB  1 
ATOM   1105 C  CG  . ASP A 1 136 ? -14.170 -3.408  1.132   1.00 9.01  ? 136 ASP A CG  1 
ATOM   1106 O  OD1 . ASP A 1 136 ? -13.176 -3.666  1.840   1.00 8.30  ? 136 ASP A OD1 1 
ATOM   1107 O  OD2 . ASP A 1 136 ? -15.314 -3.833  1.431   1.00 13.33 ? 136 ASP A OD2 1 
ATOM   1108 N  N   . THR A 1 137 ? -10.793 -1.741  1.289   1.00 6.51  ? 137 THR A N   1 
ATOM   1109 C  CA  . THR A 1 137 ? -10.230 -1.169  2.492   1.00 6.68  ? 137 THR A CA  1 
ATOM   1110 C  C   . THR A 1 137 ? -8.718  -0.993  2.356   1.00 6.30  ? 137 THR A C   1 
ATOM   1111 O  O   . THR A 1 137 ? -8.027  -1.878  1.832   1.00 6.68  ? 137 THR A O   1 
ATOM   1112 C  CB  . THR A 1 137 ? -10.534 -2.044  3.724   1.00 6.81  ? 137 THR A CB  1 
ATOM   1113 O  OG1 . THR A 1 137 ? -11.952 -2.188  3.873   1.00 7.64  ? 137 THR A OG1 1 
ATOM   1114 C  CG2 . THR A 1 137 ? -9.947  -1.432  4.990   1.00 6.84  ? 137 THR A CG2 1 
ATOM   1115 N  N   . LEU A 1 138 ? -8.234  0.158   2.813   1.00 6.12  ? 138 LEU A N   1 
ATOM   1116 C  CA  . LEU A 1 138 ? -6.825  0.499   2.817   1.00 6.09  ? 138 LEU A CA  1 
ATOM   1117 C  C   . LEU A 1 138 ? -6.324  0.530   4.250   1.00 6.04  ? 138 LEU A C   1 
ATOM   1118 O  O   . LEU A 1 138 ? -6.832  1.300   5.061   1.00 6.71  ? 138 LEU A O   1 
ATOM   1119 C  CB  . LEU A 1 138 ? -6.624  1.873   2.158   1.00 6.45  ? 138 LEU A CB  1 
ATOM   1120 C  CG  . LEU A 1 138 ? -5.228  2.500   2.236   1.00 7.05  ? 138 LEU A CG  1 
ATOM   1121 C  CD1 . LEU A 1 138 ? -4.178  1.594   1.617   1.00 7.66  ? 138 LEU A CD1 1 
ATOM   1122 C  CD2 . LEU A 1 138 ? -5.193  3.869   1.573   1.00 7.79  ? 138 LEU A CD2 1 
ATOM   1123 N  N   . GLY A 1 139 ? -5.335  -0.305  4.565   1.00 5.78  ? 139 GLY A N   1 
ATOM   1124 C  CA  . GLY A 1 139 ? -4.668  -0.277  5.858   1.00 6.10  ? 139 GLY A CA  1 
ATOM   1125 C  C   . GLY A 1 139 ? -3.257  0.247   5.685   1.00 5.86  ? 139 GLY A C   1 
ATOM   1126 O  O   . GLY A 1 139 ? -2.573  -0.122  4.730   1.00 6.00  ? 139 GLY A O   1 
ATOM   1127 N  N   . ILE A 1 140 ? -2.817  1.125   6.579   1.00 5.79  ? 140 ILE A N   1 
ATOM   1128 C  CA  . ILE A 1 140 ? -1.421  1.560   6.621   1.00 6.14  ? 140 ILE A CA  1 
ATOM   1129 C  C   . ILE A 1 140 ? -0.963  1.404   8.059   1.00 6.35  ? 140 ILE A C   1 
ATOM   1130 O  O   . ILE A 1 140 ? -1.579  1.957   8.982   1.00 6.60  ? 140 ILE A O   1 
ATOM   1131 C  CB  . ILE A 1 140 ? -1.232  3.004   6.133   1.00 5.87  ? 140 ILE A CB  1 
ATOM   1132 C  CG1 . ILE A 1 140 ? -1.787  3.173   4.713   1.00 6.29  ? 140 ILE A CG1 1 
ATOM   1133 C  CG2 . ILE A 1 140 ? 0.261   3.367   6.160   1.00 7.48  ? 140 ILE A CG2 1 
ATOM   1134 C  CD1 . ILE A 1 140 ? -1.698  4.599   4.167   1.00 8.43  ? 140 ILE A CD1 1 
ATOM   1135 N  N   . TYR A 1 141 ? 0.110   0.639   8.234   1.00 6.43  ? 141 TYR A N   1 
ATOM   1136 C  CA  . TYR A 1 141 ? 0.525   0.161   9.535   1.00 6.64  ? 141 TYR A CA  1 
ATOM   1137 C  C   . TYR A 1 141 ? 2.033   0.274   9.702   1.00 6.91  ? 141 TYR A C   1 
ATOM   1138 O  O   . TYR A 1 141 ? 2.780   0.288   8.724   1.00 6.71  ? 141 TYR A O   1 
ATOM   1139 C  CB  . TYR A 1 141 ? 0.145   -1.310  9.681   1.00 7.14  ? 141 TYR A CB  1 
ATOM   1140 C  CG  . TYR A 1 141 ? -1.294  -1.655  9.389   1.00 7.31  ? 141 TYR A CG  1 
ATOM   1141 C  CD1 . TYR A 1 141 ? -2.321  -1.130  10.150  1.00 8.03  ? 141 TYR A CD1 1 
ATOM   1142 C  CD2 . TYR A 1 141 ? -1.628  -2.532  8.361   1.00 6.31  ? 141 TYR A CD2 1 
ATOM   1143 C  CE1 . TYR A 1 141 ? -3.647  -1.476  9.907   1.00 8.19  ? 141 TYR A CE1 1 
ATOM   1144 C  CE2 . TYR A 1 141 ? -2.947  -2.881  8.107   1.00 6.58  ? 141 TYR A CE2 1 
ATOM   1145 C  CZ  . TYR A 1 141 ? -3.956  -2.346  8.876   1.00 7.86  ? 141 TYR A CZ  1 
ATOM   1146 O  OH  . TYR A 1 141 ? -5.267  -2.705  8.640   1.00 7.49  ? 141 TYR A OH  1 
ATOM   1147 N  N   . GLY A 1 142 ? 2.476   0.318   10.954  1.00 7.29  ? 142 GLY A N   1 
ATOM   1148 C  CA  . GLY A 1 142 ? 3.900   0.277   11.282  1.00 8.05  ? 142 GLY A CA  1 
ATOM   1149 C  C   . GLY A 1 142 ? 4.527   1.648   11.441  1.00 8.42  ? 142 GLY A C   1 
ATOM   1150 O  O   . GLY A 1 142 ? 3.849   2.649   11.696  1.00 8.77  ? 142 GLY A O   1 
ATOM   1151 N  N   . LYS A 1 143 ? 5.841   1.698   11.281  1.00 8.95  ? 143 LYS A N   1 
ATOM   1152 C  CA  . LYS A 1 143 ? 6.589   2.922   11.567  1.00 9.54  ? 143 LYS A CA  1 
ATOM   1153 C  C   . LYS A 1 143 ? 6.717   3.761   10.308  1.00 9.41  ? 143 LYS A C   1 
ATOM   1154 O  O   . LYS A 1 143 ? 7.667   3.645   9.545   1.00 9.61  ? 143 LYS A O   1 
ATOM   1155 C  CB  . LYS A 1 143 ? 7.944   2.593   12.206  1.00 10.00 ? 143 LYS A CB  1 
ATOM   1156 C  CG  . LYS A 1 143 ? 7.789   2.082   13.639  1.00 12.54 ? 143 LYS A CG  1 
ATOM   1157 C  CD  . LYS A 1 143 ? 9.081   2.127   14.452  1.00 15.29 ? 143 LYS A CD  1 
ATOM   1158 C  CE  . LYS A 1 143 ? 8.803   1.860   15.922  1.00 17.23 ? 143 LYS A CE  1 
ATOM   1159 N  NZ  . LYS A 1 143 ? 10.030  1.965   16.768  1.00 19.51 ? 143 LYS A NZ  1 
ATOM   1160 N  N   . VAL A 1 144 ? 5.695   4.581   10.089  1.00 8.98  ? 144 VAL A N   1 
ATOM   1161 C  CA  . VAL A 1 144 ? 5.622   5.454   8.934   1.00 8.60  ? 144 VAL A CA  1 
ATOM   1162 C  C   . VAL A 1 144 ? 4.741   6.648   9.281   1.00 8.72  ? 144 VAL A C   1 
ATOM   1163 O  O   . VAL A 1 144 ? 3.840   6.530   10.104  1.00 8.86  ? 144 VAL A O   1 
ATOM   1164 C  CB  . VAL A 1 144 ? 5.086   4.695   7.682   1.00 8.19  ? 144 VAL A CB  1 
ATOM   1165 C  CG1 . VAL A 1 144 ? 3.604   4.284   7.839   1.00 9.13  ? 144 VAL A CG1 1 
ATOM   1166 C  CG2 . VAL A 1 144 ? 5.310   5.511   6.425   1.00 8.66  ? 144 VAL A CG2 1 
ATOM   1167 N  N   . ASN A 1 145 ? 5.036   7.789   8.670   1.00 8.80  ? 145 ASN A N   1 
ATOM   1168 C  CA  . ASN A 1 145 ? 4.252   9.007   8.839   1.00 9.03  ? 145 ASN A CA  1 
ATOM   1169 C  C   . ASN A 1 145 ? 3.618   9.301   7.492   1.00 8.74  ? 145 ASN A C   1 
ATOM   1170 O  O   . ASN A 1 145 ? 4.324   9.399   6.500   1.00 9.82  ? 145 ASN A O   1 
ATOM   1171 C  CB  A ASN A 1 145 ? 5.138   10.179  9.275   0.50 9.39  ? 145 ASN A CB  1 
ATOM   1172 C  CB  B ASN A 1 145 ? 5.164   10.154  9.273   0.50 9.64  ? 145 ASN A CB  1 
ATOM   1173 C  CG  A ASN A 1 145 ? 5.727   9.979   10.657  0.50 10.26 ? 145 ASN A CG  1 
ATOM   1174 C  CG  B ASN A 1 145 ? 4.395   11.377  9.697   0.50 11.64 ? 145 ASN A CG  1 
ATOM   1175 O  OD1 A ASN A 1 145 ? 6.510   9.060   10.881  0.50 11.95 ? 145 ASN A OD1 1 
ATOM   1176 O  OD1 B ASN A 1 145 ? 3.442   11.787  9.036   0.50 13.83 ? 145 ASN A OD1 1 
ATOM   1177 N  ND2 A ASN A 1 145 ? 5.357   10.848  11.592  0.50 12.41 ? 145 ASN A ND2 1 
ATOM   1178 N  ND2 B ASN A 1 145 ? 4.816   11.984  10.804  0.50 14.78 ? 145 ASN A ND2 1 
ATOM   1179 N  N   . ILE A 1 146 ? 2.296   9.412   7.444   1.00 7.73  ? 146 ILE A N   1 
ATOM   1180 C  CA  . ILE A 1 146 ? 1.595   9.642   6.187   1.00 7.21  ? 146 ILE A CA  1 
ATOM   1181 C  C   . ILE A 1 146 ? 1.096   11.087  6.114   1.00 6.79  ? 146 ILE A C   1 
ATOM   1182 O  O   . ILE A 1 146 ? 0.369   11.548  7.008   1.00 7.73  ? 146 ILE A O   1 
ATOM   1183 C  CB  . ILE A 1 146 ? 0.431   8.648   6.025   1.00 6.89  ? 146 ILE A CB  1 
ATOM   1184 C  CG1 . ILE A 1 146 ? 0.952   7.206   6.012   1.00 6.54  ? 146 ILE A CG1 1 
ATOM   1185 C  CG2 . ILE A 1 146 ? -0.370  8.949   4.759   1.00 7.25  ? 146 ILE A CG2 1 
ATOM   1186 C  CD1 . ILE A 1 146 ? 1.936   6.887   4.899   1.00 7.87  ? 146 ILE A CD1 1 
ATOM   1187 N  N   . HIS A 1 147 ? 1.466   11.766  5.035   1.00 6.50  ? 147 HIS A N   1 
ATOM   1188 C  CA  . HIS A 1 147 ? 1.043   13.141  4.801   1.00 7.01  ? 147 HIS A CA  1 
ATOM   1189 C  C   . HIS A 1 147 ? -0.310  13.168  4.102   1.00 6.91  ? 147 HIS A C   1 
ATOM   1190 O  O   . HIS A 1 147 ? -1.201  13.931  4.484   1.00 6.34  ? 147 HIS A O   1 
ATOM   1191 C  CB  . HIS A 1 147 ? 2.078   13.881  3.956   1.00 7.23  ? 147 HIS A CB  1 
ATOM   1192 C  CG  . HIS A 1 147 ? 3.471   13.802  4.492   1.00 7.98  ? 147 HIS A CG  1 
ATOM   1193 N  ND1 . HIS A 1 147 ? 4.577   14.058  3.711   1.00 10.99 ? 147 HIS A ND1 1 
ATOM   1194 C  CD2 . HIS A 1 147 ? 3.940   13.483  5.720   1.00 9.44  ? 147 HIS A CD2 1 
ATOM   1195 C  CE1 . HIS A 1 147 ? 5.668   13.902  4.438   1.00 9.63  ? 147 HIS A CE1 1 
ATOM   1196 N  NE2 . HIS A 1 147 ? 5.313   13.552  5.657   1.00 10.14 ? 147 HIS A NE2 1 
ATOM   1197 N  N   . SER A 1 148 ? -0.483  12.332  3.082   1.00 6.94  ? 148 SER A N   1 
ATOM   1198 C  CA  . SER A 1 148 ? -1.728  12.315  2.331   1.00 7.04  ? 148 SER A CA  1 
ATOM   1199 C  C   . SER A 1 148 ? -1.954  10.989  1.629   1.00 6.67  ? 148 SER A C   1 
ATOM   1200 O  O   . SER A 1 148 ? -1.003  10.285  1.281   1.00 6.86  ? 148 SER A O   1 
ATOM   1201 C  CB  . SER A 1 148 ? -1.763  13.444  1.290   1.00 7.44  ? 148 SER A CB  1 
ATOM   1202 O  OG  . SER A 1 148 ? -0.747  13.269  0.321   1.00 9.65  ? 148 SER A OG  1 
ATOM   1203 N  N   . ILE A 1 149 ? -3.234  10.677  1.441   1.00 6.31  ? 149 ILE A N   1 
ATOM   1204 C  CA  . ILE A 1 149 ? -3.693  9.540   0.650   1.00 6.74  ? 149 ILE A CA  1 
ATOM   1205 C  C   . ILE A 1 149 ? -4.691  10.091  -0.359  1.00 6.68  ? 149 ILE A C   1 
ATOM   1206 O  O   . ILE A 1 149 ? -5.552  10.884  0.013   1.00 6.56  ? 149 ILE A O   1 
ATOM   1207 C  CB  . ILE A 1 149 ? -4.444  8.514   1.531   1.00 6.43  ? 149 ILE A CB  1 
ATOM   1208 C  CG1 . ILE A 1 149 ? -3.555  7.973   2.660   1.00 7.71  ? 149 ILE A CG1 1 
ATOM   1209 C  CG2 . ILE A 1 149 ? -4.991  7.361   0.687   1.00 8.47  ? 149 ILE A CG2 1 
ATOM   1210 C  CD1 . ILE A 1 149 ? -4.347  7.321   3.779   1.00 8.18  ? 149 ILE A CD1 1 
ATOM   1211 N  N   . GLY A 1 150 ? -4.608  9.674   -1.617  1.00 6.65  ? 150 GLY A N   1 
ATOM   1212 C  CA  . GLY A 1 150 ? -5.594  10.085  -2.604  1.00 7.27  ? 150 GLY A CA  1 
ATOM   1213 C  C   . GLY A 1 150 ? -5.744  9.032   -3.667  1.00 6.90  ? 150 GLY A C   1 
ATOM   1214 O  O   . GLY A 1 150 ? -4.898  8.138   -3.793  1.00 7.27  ? 150 GLY A O   1 
ATOM   1215 N  N   . PHE A 1 151 ? -6.799  9.159   -4.457  1.00 6.86  ? 151 PHE A N   1 
ATOM   1216 C  CA  . PHE A 1 151 ? -7.152  8.151   -5.446  1.00 6.78  ? 151 PHE A CA  1 
ATOM   1217 C  C   . PHE A 1 151 ? -7.402  8.768   -6.807  1.00 7.34  ? 151 PHE A C   1 
ATOM   1218 O  O   . PHE A 1 151 ? -7.785  9.938   -6.912  1.00 8.27  ? 151 PHE A O   1 
ATOM   1219 C  CB  . PHE A 1 151 ? -8.416  7.414   -5.003  1.00 7.17  ? 151 PHE A CB  1 
ATOM   1220 C  CG  . PHE A 1 151 ? -8.280  6.712   -3.678  1.00 6.90  ? 151 PHE A CG  1 
ATOM   1221 C  CD1 . PHE A 1 151 ? -8.580  7.371   -2.497  1.00 7.45  ? 151 PHE A CD1 1 
ATOM   1222 C  CD2 . PHE A 1 151 ? -7.836  5.394   -3.611  1.00 7.50  ? 151 PHE A CD2 1 
ATOM   1223 C  CE1 . PHE A 1 151 ? -8.461  6.734   -1.284  1.00 7.57  ? 151 PHE A CE1 1 
ATOM   1224 C  CE2 . PHE A 1 151 ? -7.711  4.759   -2.394  1.00 8.06  ? 151 PHE A CE2 1 
ATOM   1225 C  CZ  . PHE A 1 151 ? -8.021  5.423   -1.230  1.00 8.17  ? 151 PHE A CZ  1 
ATOM   1226 N  N   . SER A 1 152 ? -7.211  7.982   -7.853  1.00 7.48  ? 152 SER A N   1 
ATOM   1227 C  CA  . SER A 1 152 ? -7.705  8.363   -9.167  1.00 8.41  ? 152 SER A CA  1 
ATOM   1228 C  C   . SER A 1 152 ? -8.431  7.149   -9.722  1.00 8.65  ? 152 SER A C   1 
ATOM   1229 O  O   . SER A 1 152 ? -7.807  6.203   -10.204 1.00 8.35  ? 152 SER A O   1 
ATOM   1230 C  CB  . SER A 1 152 ? -6.551  8.796   -10.070 1.00 8.59  ? 152 SER A CB  1 
ATOM   1231 O  OG  . SER A 1 152 ? -7.037  9.349   -11.286 1.00 12.73 ? 152 SER A OG  1 
ATOM   1232 N  N   . PHE A 1 153 ? -9.755  7.163   -9.621  1.00 9.60  ? 153 PHE A N   1 
ATOM   1233 C  CA  . PHE A 1 153 ? -10.567 6.027   -10.033 1.00 11.19 ? 153 PHE A CA  1 
ATOM   1234 C  C   . PHE A 1 153 ? -10.844 6.065   -11.525 1.00 13.26 ? 153 PHE A C   1 
ATOM   1235 O  O   . PHE A 1 153 ? -11.281 7.085   -12.055 1.00 14.87 ? 153 PHE A O   1 
ATOM   1236 C  CB  . PHE A 1 153 ? -11.873 6.002   -9.242  1.00 10.82 ? 153 PHE A CB  1 
ATOM   1237 C  CG  . PHE A 1 153 ? -11.672 5.768   -7.775  1.00 9.80  ? 153 PHE A CG  1 
ATOM   1238 C  CD1 . PHE A 1 153 ? -11.238 4.528   -7.315  1.00 8.97  ? 153 PHE A CD1 1 
ATOM   1239 C  CD2 . PHE A 1 153 ? -11.894 6.782   -6.851  1.00 9.56  ? 153 PHE A CD2 1 
ATOM   1240 C  CE1 . PHE A 1 153 ? -11.045 4.312   -5.965  1.00 8.82  ? 153 PHE A CE1 1 
ATOM   1241 C  CE2 . PHE A 1 153 ? -11.705 6.563   -5.499  1.00 9.05  ? 153 PHE A CE2 1 
ATOM   1242 C  CZ  . PHE A 1 153 ? -11.278 5.321   -5.058  1.00 9.05  ? 153 PHE A CZ  1 
ATOM   1243 N  N   . SER A 1 154 ? -10.589 4.950   -12.203 1.00 15.10 ? 154 SER A N   1 
ATOM   1244 C  CA  . SER A 1 154 ? -10.899 4.839   -13.627 1.00 16.63 ? 154 SER A CA  1 
ATOM   1245 C  C   . SER A 1 154 ? -12.343 4.382   -13.823 1.00 17.76 ? 154 SER A C   1 
ATOM   1246 O  O   . SER A 1 154 ? -13.051 4.074   -12.863 1.00 18.80 ? 154 SER A O   1 
ATOM   1247 C  CB  . SER A 1 154 ? -9.943  3.860   -14.301 1.00 16.82 ? 154 SER A CB  1 
ATOM   1248 O  OG  . SER A 1 154 ? -9.998  2.603   -13.659 1.00 17.78 ? 154 SER A OG  1 
ATOM   1249 O  OXT . SER A 1 154 ? -12.842 4.304   -14.951 1.00 19.24 ? 154 SER A OXT 1 
HETATM 1250 C  C2  . BGC B 2 .   ? 9.816   -14.540 6.882   1.00 15.89 ? 1   BGC B C2  1 
HETATM 1251 C  C3  . BGC B 2 .   ? 9.133   -13.280 7.404   1.00 13.42 ? 1   BGC B C3  1 
HETATM 1252 C  C4  . BGC B 2 .   ? 7.702   -13.581 7.832   1.00 12.99 ? 1   BGC B C4  1 
HETATM 1253 C  C5  . BGC B 2 .   ? 7.654   -14.779 8.787   1.00 15.07 ? 1   BGC B C5  1 
HETATM 1254 C  C6  . BGC B 2 .   ? 6.239   -15.175 9.205   1.00 15.33 ? 1   BGC B C6  1 
HETATM 1255 C  C1  . BGC B 2 .   ? 9.663   -15.664 7.904   1.00 17.42 ? 1   BGC B C1  1 
HETATM 1256 O  O1  . BGC B 2 .   ? 10.274  -16.860 7.407   1.00 21.34 ? 1   BGC B O1  1 
HETATM 1257 O  O2  . BGC B 2 .   ? 11.198  -14.251 6.670   1.00 16.84 ? 1   BGC B O2  1 
HETATM 1258 O  O3  . BGC B 2 .   ? 9.155   -12.255 6.403   1.00 11.80 ? 1   BGC B O3  1 
HETATM 1259 O  O4  . BGC B 2 .   ? 7.193   -12.415 8.484   1.00 11.00 ? 1   BGC B O4  1 
HETATM 1260 O  O5  . BGC B 2 .   ? 8.275   -15.896 8.147   1.00 16.99 ? 1   BGC B O5  1 
HETATM 1261 O  O6  . BGC B 2 .   ? 5.412   -15.455 8.068   1.00 17.99 ? 1   BGC B O6  1 
HETATM 1262 C  C1  . GAL B 2 .   ? 5.897   -12.010 8.077   1.00 9.60  ? 2   GAL B C1  1 
HETATM 1263 C  C2  . GAL B 2 .   ? 5.498   -10.838 8.960   1.00 9.43  ? 2   GAL B C2  1 
HETATM 1264 C  C3  . GAL B 2 .   ? 4.184   -10.217 8.498   1.00 8.62  ? 2   GAL B C3  1 
HETATM 1265 C  C4  . GAL B 2 .   ? 4.224   -9.941  6.995   1.00 8.64  ? 2   GAL B C4  1 
HETATM 1266 C  C5  . GAL B 2 .   ? 4.667   -11.200 6.251   1.00 8.32  ? 2   GAL B C5  1 
HETATM 1267 C  C6  . GAL B 2 .   ? 4.746   -11.001 4.748   1.00 8.63  ? 2   GAL B C6  1 
HETATM 1268 O  O2  . GAL B 2 .   ? 5.362   -11.275 10.322  1.00 11.06 ? 2   GAL B O2  1 
HETATM 1269 O  O3  . GAL B 2 .   ? 3.968   -9.010  9.253   1.00 8.45  ? 2   GAL B O3  1 
HETATM 1270 O  O4  . GAL B 2 .   ? 5.101   -8.833  6.743   1.00 7.93  ? 2   GAL B O4  1 
HETATM 1271 O  O5  . GAL B 2 .   ? 5.957   -11.598 6.718   1.00 8.81  ? 2   GAL B O5  1 
HETATM 1272 O  O6  . GAL B 2 .   ? 5.133   -12.239 4.141   1.00 8.96  ? 2   GAL B O6  1 
HETATM 1273 C  C1  . NAG B 2 .   ? 2.648   -8.868  9.742   1.00 8.97  ? 3   NAG B C1  1 
HETATM 1274 C  C2  . NAG B 2 .   ? 2.653   -8.156  11.084  1.00 9.70  ? 3   NAG B C2  1 
HETATM 1275 C  C3  . NAG B 2 .   ? 1.214   -8.032  11.566  1.00 10.33 ? 3   NAG B C3  1 
HETATM 1276 C  C4  . NAG B 2 .   ? 0.351   -7.367  10.488  1.00 8.49  ? 3   NAG B C4  1 
HETATM 1277 C  C5  . NAG B 2 .   ? 0.522   -8.084  9.150   1.00 8.16  ? 3   NAG B C5  1 
HETATM 1278 C  C6  . NAG B 2 .   ? -0.281  -7.470  8.007   1.00 6.87  ? 3   NAG B C6  1 
HETATM 1279 C  C7  . NAG B 2 .   ? 4.656   -8.481  12.439  1.00 12.64 ? 3   NAG B C7  1 
HETATM 1280 C  C8  . NAG B 2 .   ? 5.481   -9.311  13.385  1.00 15.14 ? 3   NAG B C8  1 
HETATM 1281 N  N2  . NAG B 2 .   ? 3.461   -8.931  12.030  1.00 11.20 ? 3   NAG B N2  1 
HETATM 1282 O  O3  . NAG B 2 .   ? 1.117   -7.259  12.766  1.00 11.58 ? 3   NAG B O3  1 
HETATM 1283 O  O4  . NAG B 2 .   ? -1.017  -7.472  10.857  1.00 8.11  ? 3   NAG B O4  1 
HETATM 1284 O  O5  . NAG B 2 .   ? 1.903   -8.109  8.782   1.00 7.56  ? 3   NAG B O5  1 
HETATM 1285 O  O6  . NAG B 2 .   ? -0.032  -6.062  7.871   1.00 6.91  ? 3   NAG B O6  1 
HETATM 1286 O  O7  . NAG B 2 .   ? 5.073   -7.391  12.068  1.00 15.08 ? 3   NAG B O7  1 
HETATM 1287 C  C1  . FUC B 2 .   ? 1.128   -8.009  13.999  1.00 14.22 ? 4   FUC B C1  1 
HETATM 1288 C  C2  . FUC B 2 .   ? 0.951   -7.052  15.172  1.00 17.30 ? 4   FUC B C2  1 
HETATM 1289 C  C3  . FUC B 2 .   ? -0.467  -6.490  15.176  1.00 17.86 ? 4   FUC B C3  1 
HETATM 1290 C  C4  . FUC B 2 .   ? -1.492  -7.612  15.174  1.00 17.94 ? 4   FUC B C4  1 
HETATM 1291 C  C5  . FUC B 2 .   ? -1.243  -8.550  14.006  1.00 17.70 ? 4   FUC B C5  1 
HETATM 1292 C  C6  . FUC B 2 .   ? -2.193  -9.742  14.049  1.00 18.90 ? 4   FUC B C6  1 
HETATM 1293 O  O2  . FUC B 2 .   ? 1.908   -5.998  15.073  1.00 19.32 ? 4   FUC B O2  1 
HETATM 1294 O  O3  . FUC B 2 .   ? -0.678  -5.665  16.325  1.00 21.20 ? 4   FUC B O3  1 
HETATM 1295 O  O4  . FUC B 2 .   ? -1.407  -8.336  16.415  1.00 19.31 ? 4   FUC B O4  1 
HETATM 1296 O  O5  . FUC B 2 .   ? 0.108   -9.013  14.034  1.00 14.10 ? 4   FUC B O5  1 
HETATM 1297 C  C1  . GAL B 2 .   ? -1.766  -6.265  10.837  1.00 8.87  ? 5   GAL B C1  1 
HETATM 1298 C  C2  . GAL B 2 .   ? -3.233  -6.640  11.045  1.00 9.12  ? 5   GAL B C2  1 
HETATM 1299 C  C3  . GAL B 2 .   ? -4.113  -5.402  11.202  1.00 8.87  ? 5   GAL B C3  1 
HETATM 1300 C  C4  . GAL B 2 .   ? -3.515  -4.490  12.268  1.00 9.55  ? 5   GAL B C4  1 
HETATM 1301 C  C5  . GAL B 2 .   ? -2.050  -4.207  11.969  1.00 10.36 ? 5   GAL B C5  1 
HETATM 1302 C  C6  . GAL B 2 .   ? -1.460  -3.314  13.046  1.00 11.87 ? 5   GAL B C6  1 
HETATM 1303 O  O2  . GAL B 2 .   ? -3.692  -7.456  9.969   1.00 9.33  ? 5   GAL B O2  1 
HETATM 1304 O  O3  . GAL B 2 .   ? -5.449  -5.782  11.548  1.00 9.54  ? 5   GAL B O3  1 
HETATM 1305 O  O4  . GAL B 2 .   ? -3.618  -5.123  13.550  1.00 10.66 ? 5   GAL B O4  1 
HETATM 1306 O  O5  . GAL B 2 .   ? -1.302  -5.421  11.889  1.00 8.73  ? 5   GAL B O5  1 
HETATM 1307 O  O6  . GAL B 2 .   ? -0.135  -2.959  12.673  1.00 13.18 ? 5   GAL B O6  1 
HETATM 1308 C  C1  . MPD C 3 .   ? -9.157  -16.066 -2.140  1.00 19.93 ? 160 MPD A C1  1 
HETATM 1309 C  C2  . MPD C 3 .   ? -10.337 -17.030 -2.200  1.00 20.30 ? 160 MPD A C2  1 
HETATM 1310 O  O2  . MPD C 3 .   ? -11.445 -16.431 -1.486  1.00 18.83 ? 160 MPD A O2  1 
HETATM 1311 C  CM  . MPD C 3 .   ? -10.781 -17.240 -3.645  1.00 20.39 ? 160 MPD A CM  1 
HETATM 1312 C  C3  . MPD C 3 .   ? -10.033 -18.335 -1.458  1.00 21.86 ? 160 MPD A C3  1 
HETATM 1313 C  C4  . MPD C 3 .   ? -9.259  -19.384 -2.253  1.00 23.04 ? 160 MPD A C4  1 
HETATM 1314 O  O4  . MPD C 3 .   ? -7.935  -18.948 -2.472  1.00 24.22 ? 160 MPD A O4  1 
HETATM 1315 C  C5  . MPD C 3 .   ? -9.240  -20.707 -1.493  1.00 24.07 ? 160 MPD A C5  1 
HETATM 1316 CL CL  . CL  D 4 .   ? 0.369   -11.711 10.460  1.00 13.36 ? 161 CL  A CL  1 
HETATM 1317 CL CL  . CL  E 4 .   ? -2.016  -6.607  -16.522 1.00 17.66 ? 162 CL  A CL  1 
HETATM 1318 CL CL  . CL  F 4 .   ? 0.402   0.049   13.390  1.00 18.08 ? 163 CL  A CL  1 
HETATM 1319 O  O   . HOH G 5 .   ? -3.648  -14.388 12.886  1.00 30.12 ? 164 HOH A O   1 
HETATM 1320 O  O   . HOH G 5 .   ? 0.351   -13.397 -11.649 1.00 30.15 ? 165 HOH A O   1 
HETATM 1321 O  O   . HOH G 5 .   ? 12.787  0.984   -12.864 1.00 30.25 ? 166 HOH A O   1 
HETATM 1322 O  O   . HOH G 5 .   ? -6.653  -22.596 -0.206  1.00 30.25 ? 167 HOH A O   1 
HETATM 1323 O  O   . HOH G 5 .   ? 12.054  0.462   15.830  1.00 30.26 ? 168 HOH A O   1 
HETATM 1324 O  O   . HOH G 5 .   ? 15.323  -9.739  2.729   1.00 30.39 ? 169 HOH A O   1 
HETATM 1325 O  O   . HOH G 5 .   ? -11.955 -6.214  -10.734 1.00 30.42 ? 170 HOH A O   1 
HETATM 1326 O  O   . HOH G 5 .   ? -3.799  -18.688 10.712  1.00 30.74 ? 171 HOH A O   1 
HETATM 1327 O  O   . HOH G 5 .   ? -11.506 11.170  7.806   1.00 30.79 ? 172 HOH A O   1 
HETATM 1328 O  O   . HOH G 5 .   ? 23.209  -4.657  -1.130  1.00 30.92 ? 173 HOH A O   1 
HETATM 1329 O  O   . HOH G 5 .   ? -17.137 -9.872  -0.697  1.00 31.06 ? 174 HOH A O   1 
HETATM 1330 O  O   . HOH G 5 .   ? -2.426  12.631  12.788  1.00 31.38 ? 175 HOH A O   1 
HETATM 1331 O  O   . HOH G 5 .   ? 14.427  -6.959  7.514   1.00 31.42 ? 176 HOH A O   1 
HETATM 1332 O  O   . HOH G 5 .   ? 18.134  6.122   11.465  1.00 31.54 ? 177 HOH A O   1 
HETATM 1333 O  O   . HOH G 5 .   ? -4.302  16.472  -4.943  1.00 31.69 ? 178 HOH A O   1 
HETATM 1334 O  O   . HOH G 5 .   ? 1.858   -18.191 -5.011  1.00 31.96 ? 179 HOH A O   1 
HETATM 1335 O  O   . HOH G 5 .   ? -15.760 -6.360  2.515   1.00 32.10 ? 180 HOH A O   1 
HETATM 1336 O  O   . HOH G 5 .   ? 15.824  0.746   14.239  1.00 32.26 ? 181 HOH A O   1 
HETATM 1337 O  O   . HOH G 5 .   ? 6.266   -15.926 -4.912  1.00 32.27 ? 182 HOH A O   1 
HETATM 1338 O  O   . HOH G 5 .   ? 16.997  -7.147  14.600  1.00 32.37 ? 183 HOH A O   1 
HETATM 1339 O  O   . HOH G 5 .   ? -15.838 -5.302  10.132  1.00 32.53 ? 184 HOH A O   1 
HETATM 1340 O  O   . HOH G 5 .   ? 7.663   -3.973  13.627  1.00 32.84 ? 185 HOH A O   1 
HETATM 1341 O  O   . HOH G 5 .   ? 10.355  16.297  1.144   1.00 33.03 ? 186 HOH A O   1 
HETATM 1342 O  O   . HOH G 5 .   ? -9.905  3.514   12.259  1.00 33.26 ? 187 HOH A O   1 
HETATM 1343 O  O   . HOH G 5 .   ? -13.541 -9.108  16.330  1.00 33.34 ? 188 HOH A O   1 
HETATM 1344 O  O   . HOH G 5 .   ? -17.275 2.434   5.305   1.00 33.34 ? 189 HOH A O   1 
HETATM 1345 O  O   . HOH G 5 .   ? -13.126 1.757   -15.914 1.00 33.49 ? 190 HOH A O   1 
HETATM 1346 O  O   . HOH G 5 .   ? -4.830  -22.903 11.620  1.00 33.52 ? 191 HOH A O   1 
HETATM 1347 O  O   . HOH G 5 .   ? -7.245  -20.891 2.113   1.00 33.55 ? 192 HOH A O   1 
HETATM 1348 O  O   . HOH G 5 .   ? 19.716  0.228   3.858   1.00 33.56 ? 193 HOH A O   1 
HETATM 1349 O  O   . HOH G 5 .   ? 2.754   -1.885  14.722  1.00 33.74 ? 194 HOH A O   1 
HETATM 1350 O  O   . HOH G 5 .   ? 5.373   -17.220 3.854   1.00 33.78 ? 195 HOH A O   1 
HETATM 1351 O  O   . HOH G 5 .   ? -18.391 1.779   -6.315  1.00 33.87 ? 196 HOH A O   1 
HETATM 1352 O  O   . HOH G 5 .   ? 16.249  4.410   -6.532  1.00 33.90 ? 197 HOH A O   1 
HETATM 1353 O  O   . HOH G 5 .   ? 16.928  -7.987  3.937   1.00 34.48 ? 198 HOH A O   1 
HETATM 1354 O  O   . HOH G 5 .   ? 7.807   -19.775 0.834   1.00 34.70 ? 199 HOH A O   1 
HETATM 1355 O  O   . HOH G 5 .   ? 3.352   -13.015 10.672  1.00 34.81 ? 200 HOH A O   1 
HETATM 1356 O  O   . HOH G 5 .   ? 9.357   11.827  -3.308  1.00 34.85 ? 201 HOH A O   1 
HETATM 1357 O  O   . HOH G 5 .   ? 12.819  -16.818 6.170   1.00 35.01 ? 202 HOH A O   1 
HETATM 1358 O  O   . HOH G 5 .   ? 12.850  12.053  -0.638  1.00 35.04 ? 203 HOH A O   1 
HETATM 1359 O  O   . HOH G 5 .   ? 20.047  -2.625  -4.564  1.00 35.07 ? 204 HOH A O   1 
HETATM 1360 O  O   . HOH G 5 .   ? -1.056  -22.109 4.062   1.00 35.29 ? 205 HOH A O   1 
HETATM 1361 O  O   . HOH G 5 .   ? -15.558 5.860   5.317   1.00 35.33 ? 206 HOH A O   1 
HETATM 1362 O  O   . HOH G 5 .   ? 9.483   -7.749  12.565  1.00 35.79 ? 207 HOH A O   1 
HETATM 1363 O  O   . HOH G 5 .   ? 19.323  -6.882  12.409  1.00 35.90 ? 208 HOH A O   1 
HETATM 1364 O  O   . HOH G 5 .   ? 3.001   -15.541 10.948  1.00 36.20 ? 209 HOH A O   1 
HETATM 1365 O  O   . HOH G 5 .   ? -11.673 1.352   11.255  1.00 36.36 ? 210 HOH A O   1 
HETATM 1366 O  O   . HOH G 5 .   ? -1.589  16.477  -6.015  1.00 36.49 ? 211 HOH A O   1 
HETATM 1367 O  O   . HOH G 5 .   ? -5.868  -20.574 -2.068  1.00 36.89 ? 212 HOH A O   1 
HETATM 1368 O  O   . HOH G 5 .   ? -12.738 0.948   7.531   1.00 37.14 ? 213 HOH A O   1 
HETATM 1369 O  O   . HOH G 5 .   ? 14.409  10.543  -4.515  1.00 37.62 ? 214 HOH A O   1 
HETATM 1370 O  O   . HOH G 5 .   ? 13.230  12.017  10.426  1.00 38.52 ? 215 HOH A O   1 
HETATM 1371 O  O   . HOH G 5 .   ? 8.484   13.648  11.331  1.00 40.28 ? 216 HOH A O   1 
HETATM 1372 O  O   . HOH G 5 .   ? 16.767  9.202   -0.742  1.00 41.42 ? 217 HOH A O   1 
HETATM 1373 O  O   . HOH G 5 .   ? 19.371  11.060  6.380   1.00 44.05 ? 218 HOH A O   1 
HETATM 1374 O  O   A HOH G 5 .   ? -7.976  -3.996  9.344   0.70 6.48  ? 219 HOH A O   1 
HETATM 1375 O  O   B HOH G 5 .   ? -8.381  -5.505  9.319   0.30 13.31 ? 219 HOH A O   1 
HETATM 1376 O  O   A HOH G 5 .   ? -5.072  -3.541  -17.558 0.70 6.77  ? 220 HOH A O   1 
HETATM 1377 O  O   B HOH G 5 .   ? -4.647  -2.701  -17.611 0.30 11.26 ? 220 HOH A O   1 
HETATM 1378 O  O   A HOH G 5 .   ? -8.191  -15.754 -5.982  0.70 7.09  ? 221 HOH A O   1 
HETATM 1379 O  O   B HOH G 5 .   ? -7.692  -16.557 -6.056  0.30 8.90  ? 221 HOH A O   1 
HETATM 1380 O  O   A HOH G 5 .   ? -7.405  -6.784  9.702   0.70 8.16  ? 222 HOH A O   1 
HETATM 1381 O  O   B HOH G 5 .   ? -7.062  -7.675  9.985   0.30 9.93  ? 222 HOH A O   1 
HETATM 1382 O  O   A HOH G 5 .   ? -12.319 -13.912 -1.925  0.70 8.27  ? 223 HOH A O   1 
HETATM 1383 O  O   B HOH G 5 .   ? -11.549 -13.827 -2.914  0.30 13.78 ? 223 HOH A O   1 
HETATM 1384 O  O   A HOH G 5 .   ? 6.690   3.848   -13.198 0.70 8.28  ? 224 HOH A O   1 
HETATM 1385 O  O   B HOH G 5 .   ? -5.866  15.398  9.467   0.30 10.99 ? 224 HOH A O   1 
HETATM 1386 O  O   . HOH G 5 .   ? 12.851  -9.488  -7.010  0.70 9.11  ? 225 HOH A O   1 
HETATM 1387 O  O   A HOH G 5 .   ? -10.957 15.486  -4.350  0.70 9.28  ? 226 HOH A O   1 
HETATM 1388 O  O   B HOH G 5 .   ? -10.078 16.022  -3.998  0.30 12.37 ? 226 HOH A O   1 
HETATM 1389 O  O   A HOH G 5 .   ? -15.054 7.840   -8.132  0.70 11.64 ? 227 HOH A O   1 
HETATM 1390 O  O   B HOH G 5 .   ? -15.883 7.604   -7.755  0.30 11.45 ? 227 HOH A O   1 
HETATM 1391 O  O   . HOH G 5 .   ? -13.306 -12.382 -6.458  0.70 12.51 ? 228 HOH A O   1 
HETATM 1392 O  O   A HOH G 5 .   ? -6.069  -4.786  15.128  0.70 13.89 ? 229 HOH A O   1 
HETATM 1393 O  O   B HOH G 5 .   ? 16.912  7.306   15.542  0.30 12.79 ? 229 HOH A O   1 
HETATM 1394 O  O   A HOH G 5 .   ? -11.620 -16.022 5.982   0.70 15.06 ? 230 HOH A O   1 
HETATM 1395 O  O   B HOH G 5 .   ? -10.417 -16.779 7.386   0.30 11.88 ? 230 HOH A O   1 
HETATM 1396 O  O   A HOH G 5 .   ? -13.360 8.726   1.813   0.70 18.65 ? 231 HOH A O   1 
HETATM 1397 O  O   B HOH G 5 .   ? -12.624 10.026  2.062   0.30 15.13 ? 231 HOH A O   1 
HETATM 1398 O  O   A HOH G 5 .   ? 3.393   7.025   12.736  0.70 18.13 ? 232 HOH A O   1 
HETATM 1399 O  O   B HOH G 5 .   ? 2.420   8.403   11.836  0.30 15.11 ? 232 HOH A O   1 
HETATM 1400 O  O   A HOH G 5 .   ? 9.359   -0.780  12.545  0.50 5.04  ? 234 HOH A O   1 
HETATM 1401 O  O   A HOH G 5 .   ? 2.123   -4.174  13.484  0.50 9.69  ? 236 HOH A O   1 
HETATM 1402 O  O   B HOH G 5 .   ? 2.168   -4.568  11.997  0.50 10.06 ? 236 HOH A O   1 
HETATM 1403 O  O   A HOH G 5 .   ? -7.108  -3.711  12.618  0.50 10.06 ? 237 HOH A O   1 
HETATM 1404 O  O   B HOH G 5 .   ? 14.732  3.652   18.185  0.30 12.48 ? 237 HOH A O   1 
HETATM 1405 O  O   A HOH G 5 .   ? 1.533   12.722  9.239   0.30 10.19 ? 242 HOH A O   1 
HETATM 1406 O  O   B HOH G 5 .   ? 1.595   13.688  8.517   0.50 11.82 ? 242 HOH A O   1 
HETATM 1407 O  O   A HOH G 5 .   ? -10.624 0.357   -16.647 0.50 11.99 ? 244 HOH A O   1 
HETATM 1408 O  O   A HOH G 5 .   ? 12.635  10.503  12.629  0.50 12.25 ? 246 HOH A O   1 
HETATM 1409 O  O   B HOH G 5 .   ? 11.613  10.587  12.860  0.30 12.42 ? 246 HOH A O   1 
HETATM 1410 O  O   A HOH G 5 .   ? -1.258  16.070  -1.121  0.50 13.08 ? 247 HOH A O   1 
HETATM 1411 O  O   B HOH G 5 .   ? -0.284  15.651  -1.041  0.50 14.38 ? 247 HOH A O   1 
HETATM 1412 O  O   A HOH G 5 .   ? 13.201  -10.145 4.750   0.50 13.84 ? 248 HOH A O   1 
HETATM 1413 O  O   B HOH G 5 .   ? 13.341  -9.184  6.461   0.30 13.08 ? 248 HOH A O   1 
HETATM 1414 O  O   A HOH G 5 .   ? 2.613   2.673   14.139  0.30 13.22 ? 250 HOH A O   1 
HETATM 1415 O  O   B HOH G 5 .   ? 3.346   4.250   13.856  0.30 15.21 ? 250 HOH A O   1 
HETATM 1416 O  O   . HOH G 5 .   ? -0.649  -6.628  18.883  0.50 23.46 ? 251 HOH A O   1 
HETATM 1417 O  O   B HOH G 5 .   ? -13.859 -1.062  -11.703 0.30 6.60  ? 252 HOH A O   1 
HETATM 1418 O  O   B HOH G 5 .   ? -14.507 6.178   2.189   0.30 10.40 ? 256 HOH A O   1 
HETATM 1419 O  O   C HOH G 5 .   ? -13.722 5.582   2.685   0.30 18.74 ? 256 HOH A O   1 
HETATM 1420 O  O   A HOH G 5 .   ? -4.092  17.496  -1.885  0.30 10.50 ? 257 HOH A O   1 
HETATM 1421 O  O   B HOH G 5 .   ? -4.919  18.218  -2.566  0.30 10.78 ? 257 HOH A O   1 
HETATM 1422 O  O   C HOH G 5 .   ? 2.584   -4.465  -18.682 0.30 13.82 ? 257 HOH A O   1 
HETATM 1423 O  O   . HOH G 5 .   ? -7.530  -16.283 16.403  0.30 10.67 ? 258 HOH A O   1 
HETATM 1424 O  O   A HOH G 5 .   ? 11.070  -15.101 1.601   0.30 11.31 ? 262 HOH A O   1 
HETATM 1425 O  O   B HOH G 5 .   ? 10.175  -16.122 2.440   0.30 13.87 ? 262 HOH A O   1 
HETATM 1426 O  O   . HOH G 5 .   ? 8.994   -19.389 -1.597  0.30 12.06 ? 265 HOH A O   1 
HETATM 1427 O  O   A HOH G 5 .   ? -6.199  12.949  10.894  0.30 14.82 ? 279 HOH A O   1 
HETATM 1428 O  O   B HOH G 5 .   ? -4.990  13.102  12.229  0.30 15.37 ? 279 HOH A O   1 
HETATM 1429 O  O   . HOH G 5 .   ? -3.995  -6.301  7.480   1.00 7.48  ? 286 HOH A O   1 
HETATM 1430 O  O   . HOH G 5 .   ? 1.603   -12.570 -7.017  1.00 7.50  ? 287 HOH A O   1 
HETATM 1431 O  O   . HOH G 5 .   ? -3.858  -10.088 -4.959  1.00 7.72  ? 288 HOH A O   1 
HETATM 1432 O  O   . HOH G 5 .   ? -5.385  -8.093  -6.058  1.00 7.90  ? 289 HOH A O   1 
HETATM 1433 O  O   . HOH G 5 .   ? 2.252   3.509   -10.566 1.00 8.47  ? 290 HOH A O   1 
HETATM 1434 O  O   . HOH G 5 .   ? 4.199   -11.003 -9.115  1.00 8.84  ? 291 HOH A O   1 
HETATM 1435 O  O   . HOH G 5 .   ? 8.161   -7.562  -4.172  1.00 9.29  ? 292 HOH A O   1 
HETATM 1436 O  O   . HOH G 5 .   ? -8.527  14.793  5.673   1.00 9.31  ? 293 HOH A O   1 
HETATM 1437 O  O   . HOH G 5 .   ? -7.186  -13.511 5.763   1.00 9.50  ? 294 HOH A O   1 
HETATM 1438 O  O   . HOH G 5 .   ? -12.948 -8.371  6.571   1.00 9.68  ? 295 HOH A O   1 
HETATM 1439 O  O   . HOH G 5 .   ? -4.237  17.177  10.621  1.00 9.85  ? 296 HOH A O   1 
HETATM 1440 O  O   . HOH G 5 .   ? 6.689   -8.563  -6.359  1.00 10.23 ? 297 HOH A O   1 
HETATM 1441 O  O   . HOH G 5 .   ? 8.532   -6.854  -9.950  1.00 10.63 ? 298 HOH A O   1 
HETATM 1442 O  O   . HOH G 5 .   ? -0.976  -16.234 -1.688  1.00 10.65 ? 299 HOH A O   1 
HETATM 1443 O  O   . HOH G 5 .   ? -10.791 8.175   0.996   1.00 10.67 ? 300 HOH A O   1 
HETATM 1444 O  O   . HOH G 5 .   ? -11.708 -10.778 3.988   1.00 10.68 ? 301 HOH A O   1 
HETATM 1445 O  O   . HOH G 5 .   ? -10.906 15.048  -1.557  1.00 10.92 ? 302 HOH A O   1 
HETATM 1446 O  O   . HOH G 5 .   ? 5.229   -3.017  10.611  1.00 11.49 ? 303 HOH A O   1 
HETATM 1447 O  O   . HOH G 5 .   ? -1.437  11.523  -1.762  1.00 11.54 ? 304 HOH A O   1 
HETATM 1448 O  O   . HOH G 5 .   ? 11.800  6.788   2.118   1.00 11.70 ? 305 HOH A O   1 
HETATM 1449 O  O   . HOH G 5 .   ? 6.544   -9.527  -9.856  1.00 11.72 ? 306 HOH A O   1 
HETATM 1450 O  O   . HOH G 5 .   ? -1.978  -15.342 -9.019  1.00 11.86 ? 307 HOH A O   1 
HETATM 1451 O  O   . HOH G 5 .   ? -2.212  -16.366 0.706   1.00 12.14 ? 308 HOH A O   1 
HETATM 1452 O  O   . HOH G 5 .   ? -9.465  -18.788 9.304   1.00 12.18 ? 309 HOH A O   1 
HETATM 1453 O  O   . HOH G 5 .   ? -11.066 -11.888 -0.370  1.00 12.36 ? 310 HOH A O   1 
HETATM 1454 O  O   . HOH G 5 .   ? -5.947  -8.492  7.815   1.00 12.61 ? 311 HOH A O   1 
HETATM 1455 O  O   . HOH G 5 .   ? -6.495  6.469   11.787  1.00 12.71 ? 312 HOH A O   1 
HETATM 1456 O  O   . HOH G 5 .   ? 13.056  -0.442  2.024   1.00 12.78 ? 313 HOH A O   1 
HETATM 1457 O  O   . HOH G 5 .   ? -12.196 -2.950  -5.913  1.00 12.84 ? 314 HOH A O   1 
HETATM 1458 O  O   . HOH G 5 .   ? -9.859  15.546  3.129   1.00 12.89 ? 315 HOH A O   1 
HETATM 1459 O  O   . HOH G 5 .   ? -15.175 8.621   -5.428  1.00 13.21 ? 316 HOH A O   1 
HETATM 1460 O  O   . HOH G 5 .   ? -12.390 -21.454 4.123   1.00 13.45 ? 317 HOH A O   1 
HETATM 1461 O  O   . HOH G 5 .   ? -10.244 6.323   3.029   1.00 13.73 ? 318 HOH A O   1 
HETATM 1462 O  O   . HOH G 5 .   ? -8.462  18.546  -0.671  1.00 13.85 ? 319 HOH A O   1 
HETATM 1463 O  O   . HOH G 5 .   ? 6.737   -1.486  12.537  1.00 13.94 ? 320 HOH A O   1 
HETATM 1464 O  O   . HOH G 5 .   ? -2.590  -12.476 -11.727 1.00 13.97 ? 321 HOH A O   1 
HETATM 1465 O  O   . HOH G 5 .   ? 9.108   -7.896  -7.452  1.00 14.02 ? 322 HOH A O   1 
HETATM 1466 O  O   . HOH G 5 .   ? -8.245  4.761   10.599  1.00 14.08 ? 323 HOH A O   1 
HETATM 1467 O  O   . HOH G 5 .   ? 1.281   -18.173 -2.306  1.00 14.17 ? 324 HOH A O   1 
HETATM 1468 O  O   . HOH G 5 .   ? -10.944 -15.918 1.156   1.00 14.56 ? 325 HOH A O   1 
HETATM 1469 O  O   . HOH G 5 .   ? -4.585  -17.101 -5.276  1.00 14.63 ? 326 HOH A O   1 
HETATM 1470 O  O   . HOH G 5 .   ? 11.688  -12.716 4.429   1.00 14.70 ? 327 HOH A O   1 
HETATM 1471 O  O   . HOH G 5 .   ? 9.182   -4.988  -13.904 1.00 14.79 ? 328 HOH A O   1 
HETATM 1472 O  O   . HOH G 5 .   ? 17.391  3.496   5.696   1.00 14.88 ? 329 HOH A O   1 
HETATM 1473 O  O   . HOH G 5 .   ? -13.051 5.119   6.127   1.00 15.01 ? 330 HOH A O   1 
HETATM 1474 O  O   . HOH G 5 .   ? 10.646  4.411   -14.107 1.00 15.06 ? 331 HOH A O   1 
HETATM 1475 O  O   . HOH G 5 .   ? 5.849   7.769   -7.650  1.00 15.08 ? 332 HOH A O   1 
HETATM 1476 O  O   . HOH G 5 .   ? 4.712   7.796   -10.149 1.00 15.11 ? 333 HOH A O   1 
HETATM 1477 O  O   . HOH G 5 .   ? -12.817 -11.105 7.232   1.00 15.25 ? 334 HOH A O   1 
HETATM 1478 O  O   . HOH G 5 .   ? -2.578  -17.699 -3.511  1.00 15.28 ? 335 HOH A O   1 
HETATM 1479 O  O   . HOH G 5 .   ? 0.735   -17.781 7.663   1.00 15.45 ? 336 HOH A O   1 
HETATM 1480 O  O   . HOH G 5 .   ? -7.887  9.765   8.710   1.00 15.49 ? 337 HOH A O   1 
HETATM 1481 O  O   . HOH G 5 .   ? -11.983 12.737  1.561   1.00 15.56 ? 338 HOH A O   1 
HETATM 1482 O  O   . HOH G 5 .   ? -7.353  12.496  8.475   1.00 15.67 ? 339 HOH A O   1 
HETATM 1483 O  O   . HOH G 5 .   ? 15.592  0.614   2.804   1.00 15.90 ? 340 HOH A O   1 
HETATM 1484 O  O   . HOH G 5 .   ? -6.880  9.119   11.104  1.00 15.93 ? 341 HOH A O   1 
HETATM 1485 O  O   . HOH G 5 .   ? 0.696   9.948   9.778   1.00 16.06 ? 342 HOH A O   1 
HETATM 1486 O  O   . HOH G 5 .   ? -11.281 7.228   5.379   1.00 16.53 ? 343 HOH A O   1 
HETATM 1487 O  O   . HOH G 5 .   ? 13.031  -1.834  -7.859  1.00 16.71 ? 344 HOH A O   1 
HETATM 1488 O  O   . HOH G 5 .   ? -15.782 -11.902 0.640   1.00 16.77 ? 345 HOH A O   1 
HETATM 1489 O  O   . HOH G 5 .   ? 9.310   -8.385  9.717   1.00 16.82 ? 346 HOH A O   1 
HETATM 1490 O  O   . HOH G 5 .   ? 9.273   -16.657 -1.211  1.00 17.12 ? 347 HOH A O   1 
HETATM 1491 O  O   . HOH G 5 .   ? 20.673  -5.862  -1.377  1.00 17.14 ? 348 HOH A O   1 
HETATM 1492 O  O   . HOH G 5 .   ? 12.194  8.097   -0.190  1.00 17.14 ? 349 HOH A O   1 
HETATM 1493 O  O   . HOH G 5 .   ? 0.835   -14.588 -8.807  1.00 17.14 ? 350 HOH A O   1 
HETATM 1494 O  O   . HOH G 5 .   ? 17.314  0.755   5.000   1.00 17.42 ? 351 HOH A O   1 
HETATM 1495 O  O   . HOH G 5 .   ? 18.719  -3.985  -0.930  1.00 17.53 ? 352 HOH A O   1 
HETATM 1496 O  O   . HOH G 5 .   ? -5.597  -1.357  13.278  1.00 17.55 ? 353 HOH A O   1 
HETATM 1497 O  O   . HOH G 5 .   ? -10.650 -13.580 5.950   1.00 17.82 ? 354 HOH A O   1 
HETATM 1498 O  O   . HOH G 5 .   ? -4.849  -19.636 2.611   1.00 17.86 ? 355 HOH A O   1 
HETATM 1499 O  O   . HOH G 5 .   ? 7.662   -17.154 1.519   1.00 18.03 ? 356 HOH A O   1 
HETATM 1500 O  O   . HOH G 5 .   ? -10.220 8.545   7.644   1.00 18.25 ? 357 HOH A O   1 
HETATM 1501 O  O   . HOH G 5 .   ? 6.128   13.084  -0.358  1.00 18.28 ? 358 HOH A O   1 
HETATM 1502 O  O   . HOH G 5 .   ? -6.262  -18.748 11.755  1.00 18.29 ? 359 HOH A O   1 
HETATM 1503 O  O   . HOH G 5 .   ? 19.639  -5.062  -5.529  1.00 18.71 ? 360 HOH A O   1 
HETATM 1504 O  O   . HOH G 5 .   ? 13.718  -4.493  8.803   1.00 18.76 ? 361 HOH A O   1 
HETATM 1505 O  O   . HOH G 5 .   ? 12.302  4.854   -6.731  1.00 19.07 ? 362 HOH A O   1 
HETATM 1506 O  O   . HOH G 5 .   ? 2.170   -11.462 12.810  1.00 19.25 ? 363 HOH A O   1 
HETATM 1507 O  O   . HOH G 5 .   ? -8.175  -10.753 16.068  1.00 19.34 ? 364 HOH A O   1 
HETATM 1508 O  O   . HOH G 5 .   ? -10.584 22.456  -5.836  1.00 19.34 ? 365 HOH A O   1 
HETATM 1509 O  O   . HOH G 5 .   ? -13.562 -7.663  13.519  1.00 19.42 ? 366 HOH A O   1 
HETATM 1510 O  O   . HOH G 5 .   ? -14.043 -0.795  4.971   1.00 19.46 ? 367 HOH A O   1 
HETATM 1511 O  O   . HOH G 5 .   ? -15.274 -5.280  7.400   1.00 19.63 ? 368 HOH A O   1 
HETATM 1512 O  O   . HOH G 5 .   ? 5.128   -14.991 5.350   1.00 20.08 ? 369 HOH A O   1 
HETATM 1513 O  O   . HOH G 5 .   ? -13.259 9.005   4.583   1.00 20.22 ? 370 HOH A O   1 
HETATM 1514 O  O   . HOH G 5 .   ? -8.937  -13.892 13.992  1.00 20.34 ? 371 HOH A O   1 
HETATM 1515 O  O   . HOH G 5 .   ? -5.612  -8.398  12.761  1.00 20.50 ? 372 HOH A O   1 
HETATM 1516 O  O   . HOH G 5 .   ? 15.681  -5.761  5.206   1.00 20.85 ? 373 HOH A O   1 
HETATM 1517 O  O   . HOH G 5 .   ? -2.650  -19.040 1.122   1.00 20.88 ? 374 HOH A O   1 
HETATM 1518 O  O   . HOH G 5 .   ? -8.123  22.539  -12.464 1.00 20.95 ? 375 HOH A O   1 
HETATM 1519 O  O   . HOH G 5 .   ? -9.066  -21.795 6.476   1.00 20.97 ? 376 HOH A O   1 
HETATM 1520 O  O   . HOH G 5 .   ? -4.990  6.058   -14.814 1.00 21.30 ? 377 HOH A O   1 
HETATM 1521 O  O   . HOH G 5 .   ? -14.826 -14.360 -0.761  1.00 21.30 ? 378 HOH A O   1 
HETATM 1522 O  O   . HOH G 5 .   ? -9.282  -8.241  -13.150 1.00 21.33 ? 379 HOH A O   1 
HETATM 1523 O  O   . HOH G 5 .   ? 16.601  -5.194  16.457  1.00 21.52 ? 380 HOH A O   1 
HETATM 1524 O  O   . HOH G 5 .   ? 17.000  2.894   -0.330  1.00 21.73 ? 381 HOH A O   1 
HETATM 1525 O  O   . HOH G 5 .   ? -3.782  13.063  -1.965  1.00 21.77 ? 382 HOH A O   1 
HETATM 1526 O  O   . HOH G 5 .   ? -17.154 7.262   -4.197  1.00 21.81 ? 383 HOH A O   1 
HETATM 1527 O  O   . HOH G 5 .   ? 0.199   8.447   13.660  1.00 21.98 ? 384 HOH A O   1 
HETATM 1528 O  O   . HOH G 5 .   ? 20.167  -7.760  0.511   1.00 22.00 ? 385 HOH A O   1 
HETATM 1529 O  O   . HOH G 5 .   ? -13.270 2.627   -10.617 1.00 22.08 ? 386 HOH A O   1 
HETATM 1530 O  O   . HOH G 5 .   ? 5.316   -0.614  14.717  1.00 22.32 ? 387 HOH A O   1 
HETATM 1531 O  O   . HOH G 5 .   ? -15.143 -4.720  -2.915  1.00 22.33 ? 388 HOH A O   1 
HETATM 1532 O  O   . HOH G 5 .   ? 19.938  -0.702  7.815   1.00 22.81 ? 389 HOH A O   1 
HETATM 1533 O  O   . HOH G 5 .   ? -10.015 -9.776  -11.201 1.00 22.94 ? 390 HOH A O   1 
HETATM 1534 O  O   . HOH G 5 .   ? -9.732  13.272  7.482   1.00 23.12 ? 391 HOH A O   1 
HETATM 1535 O  O   . HOH G 5 .   ? 4.154   -13.612 -10.248 1.00 23.16 ? 392 HOH A O   1 
HETATM 1536 O  O   . HOH G 5 .   ? 18.266  -0.451  -2.685  1.00 23.34 ? 393 HOH A O   1 
HETATM 1537 O  O   . HOH G 5 .   ? 13.066  13.766  2.385   1.00 23.38 ? 394 HOH A O   1 
HETATM 1538 O  O   . HOH G 5 .   ? 16.059  10.460  15.532  1.00 23.39 ? 395 HOH A O   1 
HETATM 1539 O  O   . HOH G 5 .   ? 12.644  2.036   -7.219  1.00 23.46 ? 396 HOH A O   1 
HETATM 1540 O  O   . HOH G 5 .   ? -7.131  -20.512 8.291   1.00 23.51 ? 397 HOH A O   1 
HETATM 1541 O  O   . HOH G 5 .   ? -3.325  -19.688 -1.686  1.00 23.59 ? 398 HOH A O   1 
HETATM 1542 O  O   . HOH G 5 .   ? -15.191 -6.601  -0.487  1.00 23.74 ? 399 HOH A O   1 
HETATM 1543 O  O   . HOH G 5 .   ? 7.843   -11.496 11.639  1.00 23.93 ? 400 HOH A O   1 
HETATM 1544 O  O   . HOH G 5 .   ? 5.435   13.764  -3.129  1.00 24.31 ? 401 HOH A O   1 
HETATM 1545 O  O   . HOH G 5 .   ? -13.566 -16.323 0.578   1.00 24.35 ? 402 HOH A O   1 
HETATM 1546 O  O   . HOH G 5 .   ? 15.230  2.005   -5.915  1.00 24.40 ? 403 HOH A O   1 
HETATM 1547 O  O   . HOH G 5 .   ? 17.974  11.239  13.680  1.00 24.41 ? 404 HOH A O   1 
HETATM 1548 O  O   . HOH G 5 .   ? -17.543 -3.012  0.111   1.00 24.62 ? 405 HOH A O   1 
HETATM 1549 O  O   . HOH G 5 .   ? 7.599   11.559  -6.764  1.00 24.89 ? 406 HOH A O   1 
HETATM 1550 O  O   . HOH G 5 .   ? -13.579 -0.766  -3.654  1.00 25.11 ? 407 HOH A O   1 
HETATM 1551 O  O   . HOH G 5 .   ? -10.161 -5.775  -12.685 1.00 25.18 ? 408 HOH A O   1 
HETATM 1552 O  O   . HOH G 5 .   ? -6.344  -14.760 13.707  1.00 25.30 ? 409 HOH A O   1 
HETATM 1553 O  O   . HOH G 5 .   ? 17.753  -7.065  1.560   1.00 25.48 ? 410 HOH A O   1 
HETATM 1554 O  O   . HOH G 5 .   ? -7.653  0.412   13.728  1.00 25.56 ? 411 HOH A O   1 
HETATM 1555 O  O   . HOH G 5 .   ? 14.160  7.642   -4.435  1.00 25.75 ? 412 HOH A O   1 
HETATM 1556 O  O   . HOH G 5 .   ? -16.516 -8.584  -5.206  1.00 25.84 ? 413 HOH A O   1 
HETATM 1557 O  O   . HOH G 5 .   ? 16.310  -12.030 1.229   1.00 25.84 ? 414 HOH A O   1 
HETATM 1558 O  O   . HOH G 5 .   ? -0.960  14.769  13.915  1.00 25.85 ? 415 HOH A O   1 
HETATM 1559 O  O   . HOH G 5 .   ? 3.226   -16.927 8.735   1.00 25.89 ? 416 HOH A O   1 
HETATM 1560 O  O   . HOH G 5 .   ? -7.990  18.770  -10.925 1.00 25.89 ? 417 HOH A O   1 
HETATM 1561 O  O   . HOH G 5 .   ? -5.062  4.516   14.965  1.00 26.01 ? 418 HOH A O   1 
HETATM 1562 O  O   . HOH G 5 .   ? -8.369  -4.062  -11.920 1.00 26.02 ? 419 HOH A O   1 
HETATM 1563 O  O   . HOH G 5 .   ? 8.806   6.642   14.884  1.00 26.21 ? 420 HOH A O   1 
HETATM 1564 O  O   . HOH G 5 .   ? -10.133 6.404   9.427   1.00 26.28 ? 421 HOH A O   1 
HETATM 1565 O  O   . HOH G 5 .   ? -11.995 4.662   8.783   1.00 26.32 ? 422 HOH A O   1 
HETATM 1566 O  O   . HOH G 5 .   ? 0.707   13.016  12.405  1.00 26.33 ? 423 HOH A O   1 
HETATM 1567 O  O   . HOH G 5 .   ? -1.679  5.667   16.909  1.00 26.36 ? 424 HOH A O   1 
HETATM 1568 O  O   . HOH G 5 .   ? 20.416  -3.411  10.207  1.00 26.53 ? 425 HOH A O   1 
HETATM 1569 O  O   . HOH G 5 .   ? -0.420  -20.146 1.976   1.00 26.86 ? 426 HOH A O   1 
HETATM 1570 O  O   . HOH G 5 .   ? 13.088  1.381   18.459  1.00 27.13 ? 427 HOH A O   1 
HETATM 1571 O  O   . HOH G 5 .   ? -4.045  -2.150  15.381  1.00 27.34 ? 428 HOH A O   1 
HETATM 1572 O  O   . HOH G 5 .   ? 0.404   -10.404 16.888  1.00 27.43 ? 429 HOH A O   1 
HETATM 1573 O  O   . HOH G 5 .   ? 4.506   -15.103 -7.688  1.00 27.49 ? 430 HOH A O   1 
HETATM 1574 O  O   . HOH G 5 .   ? -15.103 5.413   -11.203 1.00 27.77 ? 431 HOH A O   1 
HETATM 1575 O  O   . HOH G 5 .   ? 15.939  6.907   -2.498  1.00 27.98 ? 432 HOH A O   1 
HETATM 1576 O  O   . HOH G 5 .   ? 14.402  6.407   -6.797  1.00 28.07 ? 433 HOH A O   1 
HETATM 1577 O  O   . HOH G 5 .   ? -16.860 4.969   1.189   1.00 28.19 ? 434 HOH A O   1 
HETATM 1578 O  O   . HOH G 5 .   ? -13.004 13.166  3.953   1.00 28.29 ? 435 HOH A O   1 
HETATM 1579 O  O   . HOH G 5 .   ? 14.790  7.656   0.123   1.00 28.42 ? 436 HOH A O   1 
HETATM 1580 O  O   . HOH G 5 .   ? -7.442  2.949   12.992  1.00 28.72 ? 437 HOH A O   1 
HETATM 1581 O  O   . HOH G 5 .   ? 11.611  0.975   -15.740 1.00 28.75 ? 438 HOH A O   1 
HETATM 1582 O  O   . HOH G 5 .   ? 18.122  0.370   1.388   1.00 28.85 ? 439 HOH A O   1 
HETATM 1583 O  O   . HOH G 5 .   ? -7.773  6.553   -13.255 1.00 28.96 ? 440 HOH A O   1 
HETATM 1584 O  O   . HOH G 5 .   ? 6.513   5.620   13.979  1.00 28.96 ? 441 HOH A O   1 
HETATM 1585 O  O   . HOH G 5 .   ? 6.327   8.280   -12.433 1.00 29.09 ? 442 HOH A O   1 
HETATM 1586 O  O   . HOH G 5 .   ? 4.781   1.964   15.738  1.00 29.10 ? 443 HOH A O   1 
HETATM 1587 O  O   . HOH G 5 .   ? 1.055   -20.602 -0.716  1.00 29.18 ? 444 HOH A O   1 
HETATM 1588 O  O   . HOH G 5 .   ? -12.547 -3.748  -9.423  1.00 29.32 ? 445 HOH A O   1 
HETATM 1589 O  O   . HOH G 5 .   ? -1.463  -1.104  16.005  1.00 29.86 ? 446 HOH A O   1 
HETATM 1590 O  O   . HOH G 5 .   ? 11.635  -6.185  9.778   1.00 29.95 ? 447 HOH A O   1 
HETATM 1591 O  O   . HOH G 5 .   ? 17.285  2.710   13.280  1.00 29.97 ? 448 HOH A O   1 
HETATM 1592 O  O   C HOH G 5 .   ? -6.840  -3.685  10.669  0.30 12.42 ? 449 HOH A O   1 
HETATM 1593 O  O   C HOH G 5 .   ? -3.951  -3.764  -17.900 0.30 12.60 ? 450 HOH A O   1 
HETATM 1594 O  O   D HOH G 5 .   ? -2.658  -4.409  -18.471 0.50 11.80 ? 450 HOH A O   1 
HETATM 1595 O  O   A HOH G 5 .   ? 4.517   14.866  1.099   0.50 10.22 ? 451 HOH A O   1 
HETATM 1596 O  O   A HOH G 5 .   ? -7.494  -18.194 -5.193  0.50 11.89 ? 452 HOH A O   1 
HETATM 1597 O  O   A HOH G 5 .   ? -12.369 -13.810 -4.527  0.50 11.18 ? 453 HOH A O   1 
HETATM 1598 O  O   C HOH G 5 .   ? -6.186  16.431  8.492   0.50 9.44  ? 454 HOH A O   1 
HETATM 1599 O  O   A HOH G 5 .   ? -13.781 11.002  0.634   0.70 17.56 ? 455 HOH A O   1 
HETATM 1600 O  O   A HOH G 5 .   ? 3.466   -4.795  11.562  0.30 14.86 ? 456 HOH A O   1 
HETATM 1601 O  O   A HOH G 5 .   ? -9.879  -3.431  12.133  0.50 12.18 ? 457 HOH A O   1 
HETATM 1602 O  O   A HOH G 5 .   ? -11.911 -10.468 17.893  0.30 12.87 ? 458 HOH A O   1 
HETATM 1603 O  O   A HOH G 5 .   ? 2.017   5.549   14.666  0.50 17.53 ? 459 HOH A O   1 
# 
loop_
_pdbx_poly_seq_scheme.asym_id 
_pdbx_poly_seq_scheme.entity_id 
_pdbx_poly_seq_scheme.seq_id 
_pdbx_poly_seq_scheme.mon_id 
_pdbx_poly_seq_scheme.ndb_seq_num 
_pdbx_poly_seq_scheme.pdb_seq_num 
_pdbx_poly_seq_scheme.auth_seq_num 
_pdbx_poly_seq_scheme.pdb_mon_id 
_pdbx_poly_seq_scheme.auth_mon_id 
_pdbx_poly_seq_scheme.pdb_strand_id 
_pdbx_poly_seq_scheme.pdb_ins_code 
_pdbx_poly_seq_scheme.hetero 
A 1 1   MET 1   1   ?   ?   ?   A . n 
A 1 2   MET 2   2   ?   ?   ?   A . n 
A 1 3   LEU 3   3   ?   ?   ?   A . n 
A 1 4   SER 4   4   4   SER SER A . n 
A 1 5   LEU 5   5   5   LEU LEU A . n 
A 1 6   ASN 6   6   6   ASN ASN A . n 
A 1 7   ASN 7   7   7   ASN ASN A . n 
A 1 8   LEU 8   8   8   LEU LEU A . n 
A 1 9   GLN 9   9   9   GLN GLN A . n 
A 1 10  ASN 10  10  10  ASN ASN A . n 
A 1 11  ILE 11  11  11  ILE ILE A . n 
A 1 12  ILE 12  12  12  ILE ILE A . n 
A 1 13  TYR 13  13  13  TYR TYR A . n 
A 1 14  ASN 14  14  14  ASN ASN A . n 
A 1 15  PRO 15  15  15  PRO PRO A . n 
A 1 16  VAL 16  16  16  VAL VAL A . n 
A 1 17  ILE 17  17  17  ILE ILE A . n 
A 1 18  PRO 18  18  18  PRO PRO A . n 
A 1 19  PHE 19  19  19  PHE PHE A . n 
A 1 20  VAL 20  20  20  VAL VAL A . n 
A 1 21  GLY 21  21  21  GLY GLY A . n 
A 1 22  THR 22  22  22  THR THR A . n 
A 1 23  ILE 23  23  23  ILE ILE A . n 
A 1 24  PRO 24  24  24  PRO PRO A . n 
A 1 25  ASP 25  25  25  ASP ASP A . n 
A 1 26  GLN 26  26  26  GLN GLN A . n 
A 1 27  LEU 27  27  27  LEU LEU A . n 
A 1 28  ASP 28  28  28  ASP ASP A . n 
A 1 29  PRO 29  29  29  PRO PRO A . n 
A 1 30  GLY 30  30  30  GLY GLY A . n 
A 1 31  THR 31  31  31  THR THR A . n 
A 1 32  LEU 32  32  32  LEU LEU A . n 
A 1 33  ILE 33  33  33  ILE ILE A . n 
A 1 34  VAL 34  34  34  VAL VAL A . n 
A 1 35  ILE 35  35  35  ILE ILE A . n 
A 1 36  ARG 36  36  36  ARG ARG A . n 
A 1 37  GLY 37  37  37  GLY GLY A . n 
A 1 38  HIS 38  38  38  HIS HIS A . n 
A 1 39  VAL 39  39  39  VAL VAL A . n 
A 1 40  PRO 40  40  40  PRO PRO A . n 
A 1 41  SER 41  41  41  SER SER A . n 
A 1 42  ASP 42  42  42  ASP ASP A . n 
A 1 43  ALA 43  43  43  ALA ALA A . n 
A 1 44  ASP 44  44  44  ASP ASP A . n 
A 1 45  ARG 45  45  45  ARG ARG A . n 
A 1 46  PHE 46  46  46  PHE PHE A . n 
A 1 47  GLN 47  47  47  GLN GLN A . n 
A 1 48  VAL 48  48  48  VAL VAL A . n 
A 1 49  ASP 49  49  49  ASP ASP A . n 
A 1 50  LEU 50  50  50  LEU LEU A . n 
A 1 51  GLN 51  51  51  GLN GLN A . n 
A 1 52  ASN 52  52  52  ASN ASN A . n 
A 1 53  GLY 53  53  53  GLY GLY A . n 
A 1 54  SER 54  54  54  SER SER A . n 
A 1 55  SER 55  55  55  SER SER A . n 
A 1 56  VAL 56  56  56  VAL VAL A . n 
A 1 57  LYS 57  57  57  LYS LYS A . n 
A 1 58  PRO 58  58  58  PRO PRO A . n 
A 1 59  ARG 59  59  59  ARG ARG A . n 
A 1 60  ALA 60  60  60  ALA ALA A . n 
A 1 61  ASP 61  61  61  ASP ASP A . n 
A 1 62  VAL 62  62  62  VAL VAL A . n 
A 1 63  ALA 63  63  63  ALA ALA A . n 
A 1 64  PHE 64  64  64  PHE PHE A . n 
A 1 65  HIS 65  65  65  HIS HIS A . n 
A 1 66  PHE 66  66  66  PHE PHE A . n 
A 1 67  ASN 67  67  67  ASN ASN A . n 
A 1 68  PRO 68  68  68  PRO PRO A . n 
A 1 69  ARG 69  69  69  ARG ARG A . n 
A 1 70  PHE 70  70  70  PHE PHE A . n 
A 1 71  LYS 71  71  71  LYS LYS A . n 
A 1 72  ARG 72  72  72  ARG ARG A . n 
A 1 73  ALA 73  73  73  ALA ALA A . n 
A 1 74  GLY 74  74  74  GLY GLY A . n 
A 1 75  CYS 75  75  75  CYS CYS A . n 
A 1 76  ILE 76  76  76  ILE ILE A . n 
A 1 77  VAL 77  77  77  VAL VAL A . n 
A 1 78  CYS 78  78  78  CYS CYS A . n 
A 1 79  ASN 79  79  79  ASN ASN A . n 
A 1 80  THR 80  80  80  THR THR A . n 
A 1 81  LEU 81  81  81  LEU LEU A . n 
A 1 82  ILE 82  82  82  ILE ILE A . n 
A 1 83  ASN 83  83  83  ASN ASN A . n 
A 1 84  GLU 84  84  84  GLU GLU A . n 
A 1 85  LYS 85  85  85  LYS LYS A . n 
A 1 86  TRP 86  86  86  TRP TRP A . n 
A 1 87  GLY 87  87  87  GLY GLY A . n 
A 1 88  ARG 88  88  88  ARG ARG A . n 
A 1 89  GLU 89  89  89  GLU GLU A . n 
A 1 90  GLU 90  90  90  GLU GLU A . n 
A 1 91  ILE 91  91  91  ILE ILE A . n 
A 1 92  THR 92  92  92  THR THR A . n 
A 1 93  TYR 93  93  93  TYR TYR A . n 
A 1 94  ASP 94  94  94  ASP ASP A . n 
A 1 95  THR 95  95  95  THR THR A . n 
A 1 96  PRO 96  96  96  PRO PRO A . n 
A 1 97  PHE 97  97  97  PHE PHE A . n 
A 1 98  LYS 98  98  98  LYS LYS A . n 
A 1 99  ARG 99  99  99  ARG ARG A . n 
A 1 100 GLU 100 100 100 GLU GLU A . n 
A 1 101 LYS 101 101 101 LYS LYS A . n 
A 1 102 SER 102 102 102 SER SER A . n 
A 1 103 PHE 103 103 103 PHE PHE A . n 
A 1 104 GLU 104 104 104 GLU GLU A . n 
A 1 105 ILE 105 105 105 ILE ILE A . n 
A 1 106 VAL 106 106 106 VAL VAL A . n 
A 1 107 ILE 107 107 107 ILE ILE A . n 
A 1 108 MET 108 108 108 MET MET A . n 
A 1 109 VAL 109 109 109 VAL VAL A . n 
A 1 110 LEU 110 110 110 LEU LEU A . n 
A 1 111 LYS 111 111 111 LYS LYS A . n 
A 1 112 ASP 112 112 112 ASP ASP A . n 
A 1 113 LYS 113 113 113 LYS LYS A . n 
A 1 114 PHE 114 114 114 PHE PHE A . n 
A 1 115 GLN 115 115 115 GLN GLN A . n 
A 1 116 VAL 116 116 116 VAL VAL A . n 
A 1 117 ALA 117 117 117 ALA ALA A . n 
A 1 118 VAL 118 118 118 VAL VAL A . n 
A 1 119 ASN 119 119 119 ASN ASN A . n 
A 1 120 GLY 120 120 120 GLY GLY A . n 
A 1 121 LYS 121 121 121 LYS LYS A . n 
A 1 122 HIS 122 122 122 HIS HIS A . n 
A 1 123 THR 123 123 123 THR THR A . n 
A 1 124 LEU 124 124 124 LEU LEU A . n 
A 1 125 LEU 125 125 125 LEU LEU A . n 
A 1 126 TYR 126 126 126 TYR TYR A . n 
A 1 127 GLY 127 127 127 GLY GLY A . n 
A 1 128 HIS 128 128 128 HIS HIS A . n 
A 1 129 ARG 129 129 129 ARG ARG A . n 
A 1 130 ILE 130 130 130 ILE ILE A . n 
A 1 131 GLY 131 131 131 GLY GLY A . n 
A 1 132 PRO 132 132 132 PRO PRO A . n 
A 1 133 GLU 133 133 133 GLU GLU A . n 
A 1 134 LYS 134 134 134 LYS LYS A . n 
A 1 135 ILE 135 135 135 ILE ILE A . n 
A 1 136 ASP 136 136 136 ASP ASP A . n 
A 1 137 THR 137 137 137 THR THR A . n 
A 1 138 LEU 138 138 138 LEU LEU A . n 
A 1 139 GLY 139 139 139 GLY GLY A . n 
A 1 140 ILE 140 140 140 ILE ILE A . n 
A 1 141 TYR 141 141 141 TYR TYR A . n 
A 1 142 GLY 142 142 142 GLY GLY A . n 
A 1 143 LYS 143 143 143 LYS LYS A . n 
A 1 144 VAL 144 144 144 VAL VAL A . n 
A 1 145 ASN 145 145 145 ASN ASN A . n 
A 1 146 ILE 146 146 146 ILE ILE A . n 
A 1 147 HIS 147 147 147 HIS HIS A . n 
A 1 148 SER 148 148 148 SER SER A . n 
A 1 149 ILE 149 149 149 ILE ILE A . n 
A 1 150 GLY 150 150 150 GLY GLY A . n 
A 1 151 PHE 151 151 151 PHE PHE A . n 
A 1 152 SER 152 152 152 SER SER A . n 
A 1 153 PHE 153 153 153 PHE PHE A . n 
A 1 154 SER 154 154 154 SER SER A . n 
# 
loop_
_pdbx_nonpoly_scheme.asym_id 
_pdbx_nonpoly_scheme.entity_id 
_pdbx_nonpoly_scheme.mon_id 
_pdbx_nonpoly_scheme.ndb_seq_num 
_pdbx_nonpoly_scheme.pdb_seq_num 
_pdbx_nonpoly_scheme.auth_seq_num 
_pdbx_nonpoly_scheme.pdb_mon_id 
_pdbx_nonpoly_scheme.auth_mon_id 
_pdbx_nonpoly_scheme.pdb_strand_id 
_pdbx_nonpoly_scheme.pdb_ins_code 
C 3 MPD 1   160 160 MPD MPD A . 
D 4 CL  1   161 161 CL  CL  A . 
E 4 CL  1   162 162 CL  CL  A . 
F 4 CL  1   163 163 CL  CL  A . 
G 5 HOH 1   164 164 HOH HOH A . 
G 5 HOH 2   165 165 HOH HOH A . 
G 5 HOH 3   166 166 HOH HOH A . 
G 5 HOH 4   167 167 HOH HOH A . 
G 5 HOH 5   168 168 HOH HOH A . 
G 5 HOH 6   169 169 HOH HOH A . 
G 5 HOH 7   170 170 HOH HOH A . 
G 5 HOH 8   171 171 HOH HOH A . 
G 5 HOH 9   172 172 HOH HOH A . 
G 5 HOH 10  173 173 HOH HOH A . 
G 5 HOH 11  174 174 HOH HOH A . 
G 5 HOH 12  175 175 HOH HOH A . 
G 5 HOH 13  176 176 HOH HOH A . 
G 5 HOH 14  177 177 HOH HOH A . 
G 5 HOH 15  178 178 HOH HOH A . 
G 5 HOH 16  179 179 HOH HOH A . 
G 5 HOH 17  180 180 HOH HOH A . 
G 5 HOH 18  181 181 HOH HOH A . 
G 5 HOH 19  182 182 HOH HOH A . 
G 5 HOH 20  183 183 HOH HOH A . 
G 5 HOH 21  184 184 HOH HOH A . 
G 5 HOH 22  185 185 HOH HOH A . 
G 5 HOH 23  186 186 HOH HOH A . 
G 5 HOH 24  187 187 HOH HOH A . 
G 5 HOH 25  188 188 HOH HOH A . 
G 5 HOH 26  189 189 HOH HOH A . 
G 5 HOH 27  190 190 HOH HOH A . 
G 5 HOH 28  191 191 HOH HOH A . 
G 5 HOH 29  192 192 HOH HOH A . 
G 5 HOH 30  193 193 HOH HOH A . 
G 5 HOH 31  194 194 HOH HOH A . 
G 5 HOH 32  195 195 HOH HOH A . 
G 5 HOH 33  196 196 HOH HOH A . 
G 5 HOH 34  197 197 HOH HOH A . 
G 5 HOH 35  198 198 HOH HOH A . 
G 5 HOH 36  199 199 HOH HOH A . 
G 5 HOH 37  200 200 HOH HOH A . 
G 5 HOH 38  201 201 HOH HOH A . 
G 5 HOH 39  202 202 HOH HOH A . 
G 5 HOH 40  203 203 HOH HOH A . 
G 5 HOH 41  204 204 HOH HOH A . 
G 5 HOH 42  205 205 HOH HOH A . 
G 5 HOH 43  206 206 HOH HOH A . 
G 5 HOH 44  207 207 HOH HOH A . 
G 5 HOH 45  208 208 HOH HOH A . 
G 5 HOH 46  209 209 HOH HOH A . 
G 5 HOH 47  210 210 HOH HOH A . 
G 5 HOH 48  211 211 HOH HOH A . 
G 5 HOH 49  212 212 HOH HOH A . 
G 5 HOH 50  213 213 HOH HOH A . 
G 5 HOH 51  214 214 HOH HOH A . 
G 5 HOH 52  215 215 HOH HOH A . 
G 5 HOH 53  216 216 HOH HOH A . 
G 5 HOH 54  217 217 HOH HOH A . 
G 5 HOH 55  218 218 HOH HOH A . 
G 5 HOH 56  219 219 HOH HOH A . 
G 5 HOH 57  220 220 HOH HOH A . 
G 5 HOH 58  221 221 HOH HOH A . 
G 5 HOH 59  222 222 HOH HOH A . 
G 5 HOH 60  223 223 HOH HOH A . 
G 5 HOH 61  224 224 HOH HOH A . 
G 5 HOH 62  225 225 HOH HOH A . 
G 5 HOH 63  226 226 HOH HOH A . 
G 5 HOH 64  227 227 HOH HOH A . 
G 5 HOH 65  228 228 HOH HOH A . 
G 5 HOH 66  229 229 HOH HOH A . 
G 5 HOH 67  230 230 HOH HOH A . 
G 5 HOH 68  231 231 HOH HOH A . 
G 5 HOH 69  232 232 HOH HOH A . 
G 5 HOH 70  234 234 HOH HOH A . 
G 5 HOH 71  236 236 HOH HOH A . 
G 5 HOH 72  237 237 HOH HOH A . 
G 5 HOH 73  242 242 HOH HOH A . 
G 5 HOH 74  244 244 HOH HOH A . 
G 5 HOH 75  246 246 HOH HOH A . 
G 5 HOH 76  247 247 HOH HOH A . 
G 5 HOH 77  248 248 HOH HOH A . 
G 5 HOH 78  250 250 HOH HOH A . 
G 5 HOH 79  251 251 HOH HOH A . 
G 5 HOH 80  252 252 HOH HOH A . 
G 5 HOH 81  256 256 HOH HOH A . 
G 5 HOH 82  257 257 HOH HOH A . 
G 5 HOH 83  258 258 HOH HOH A . 
G 5 HOH 84  262 262 HOH HOH A . 
G 5 HOH 85  265 265 HOH HOH A . 
G 5 HOH 86  279 279 HOH HOH A . 
G 5 HOH 87  286 286 HOH HOH A . 
G 5 HOH 88  287 287 HOH HOH A . 
G 5 HOH 89  288 288 HOH HOH A . 
G 5 HOH 90  289 289 HOH HOH A . 
G 5 HOH 91  290 290 HOH HOH A . 
G 5 HOH 92  291 291 HOH HOH A . 
G 5 HOH 93  292 292 HOH HOH A . 
G 5 HOH 94  293 293 HOH HOH A . 
G 5 HOH 95  294 294 HOH HOH A . 
G 5 HOH 96  295 295 HOH HOH A . 
G 5 HOH 97  296 296 HOH HOH A . 
G 5 HOH 98  297 297 HOH HOH A . 
G 5 HOH 99  298 298 HOH HOH A . 
G 5 HOH 100 299 299 HOH HOH A . 
G 5 HOH 101 300 300 HOH HOH A . 
G 5 HOH 102 301 301 HOH HOH A . 
G 5 HOH 103 302 302 HOH HOH A . 
G 5 HOH 104 303 303 HOH HOH A . 
G 5 HOH 105 304 304 HOH HOH A . 
G 5 HOH 106 305 305 HOH HOH A . 
G 5 HOH 107 306 306 HOH HOH A . 
G 5 HOH 108 307 307 HOH HOH A . 
G 5 HOH 109 308 308 HOH HOH A . 
G 5 HOH 110 309 309 HOH HOH A . 
G 5 HOH 111 310 310 HOH HOH A . 
G 5 HOH 112 311 311 HOH HOH A . 
G 5 HOH 113 312 312 HOH HOH A . 
G 5 HOH 114 313 313 HOH HOH A . 
G 5 HOH 115 314 314 HOH HOH A . 
G 5 HOH 116 315 315 HOH HOH A . 
G 5 HOH 117 316 316 HOH HOH A . 
G 5 HOH 118 317 317 HOH HOH A . 
G 5 HOH 119 318 318 HOH HOH A . 
G 5 HOH 120 319 319 HOH HOH A . 
G 5 HOH 121 320 320 HOH HOH A . 
G 5 HOH 122 321 321 HOH HOH A . 
G 5 HOH 123 322 322 HOH HOH A . 
G 5 HOH 124 323 323 HOH HOH A . 
G 5 HOH 125 324 324 HOH HOH A . 
G 5 HOH 126 325 325 HOH HOH A . 
G 5 HOH 127 326 326 HOH HOH A . 
G 5 HOH 128 327 327 HOH HOH A . 
G 5 HOH 129 328 328 HOH HOH A . 
G 5 HOH 130 329 329 HOH HOH A . 
G 5 HOH 131 330 330 HOH HOH A . 
G 5 HOH 132 331 331 HOH HOH A . 
G 5 HOH 133 332 332 HOH HOH A . 
G 5 HOH 134 333 333 HOH HOH A . 
G 5 HOH 135 334 334 HOH HOH A . 
G 5 HOH 136 335 335 HOH HOH A . 
G 5 HOH 137 336 336 HOH HOH A . 
G 5 HOH 138 337 337 HOH HOH A . 
G 5 HOH 139 338 338 HOH HOH A . 
G 5 HOH 140 339 339 HOH HOH A . 
G 5 HOH 141 340 340 HOH HOH A . 
G 5 HOH 142 341 341 HOH HOH A . 
G 5 HOH 143 342 342 HOH HOH A . 
G 5 HOH 144 343 343 HOH HOH A . 
G 5 HOH 145 344 344 HOH HOH A . 
G 5 HOH 146 345 345 HOH HOH A . 
G 5 HOH 147 346 346 HOH HOH A . 
G 5 HOH 148 347 347 HOH HOH A . 
G 5 HOH 149 348 348 HOH HOH A . 
G 5 HOH 150 349 349 HOH HOH A . 
G 5 HOH 151 350 350 HOH HOH A . 
G 5 HOH 152 351 351 HOH HOH A . 
G 5 HOH 153 352 352 HOH HOH A . 
G 5 HOH 154 353 353 HOH HOH A . 
G 5 HOH 155 354 354 HOH HOH A . 
G 5 HOH 156 355 355 HOH HOH A . 
G 5 HOH 157 356 356 HOH HOH A . 
G 5 HOH 158 357 357 HOH HOH A . 
G 5 HOH 159 358 358 HOH HOH A . 
G 5 HOH 160 359 359 HOH HOH A . 
G 5 HOH 161 360 360 HOH HOH A . 
G 5 HOH 162 361 361 HOH HOH A . 
G 5 HOH 163 362 362 HOH HOH A . 
G 5 HOH 164 363 363 HOH HOH A . 
G 5 HOH 165 364 364 HOH HOH A . 
G 5 HOH 166 365 365 HOH HOH A . 
G 5 HOH 167 366 366 HOH HOH A . 
G 5 HOH 168 367 367 HOH HOH A . 
G 5 HOH 169 368 368 HOH HOH A . 
G 5 HOH 170 369 369 HOH HOH A . 
G 5 HOH 171 370 370 HOH HOH A . 
G 5 HOH 172 371 371 HOH HOH A . 
G 5 HOH 173 372 372 HOH HOH A . 
G 5 HOH 174 373 373 HOH HOH A . 
G 5 HOH 175 374 374 HOH HOH A . 
G 5 HOH 176 375 375 HOH HOH A . 
G 5 HOH 177 376 376 HOH HOH A . 
G 5 HOH 178 377 377 HOH HOH A . 
G 5 HOH 179 378 378 HOH HOH A . 
G 5 HOH 180 379 379 HOH HOH A . 
G 5 HOH 181 380 380 HOH HOH A . 
G 5 HOH 182 381 381 HOH HOH A . 
G 5 HOH 183 382 382 HOH HOH A . 
G 5 HOH 184 383 383 HOH HOH A . 
G 5 HOH 185 384 384 HOH HOH A . 
G 5 HOH 186 385 385 HOH HOH A . 
G 5 HOH 187 386 386 HOH HOH A . 
G 5 HOH 188 387 387 HOH HOH A . 
G 5 HOH 189 388 388 HOH HOH A . 
G 5 HOH 190 389 389 HOH HOH A . 
G 5 HOH 191 390 390 HOH HOH A . 
G 5 HOH 192 391 391 HOH HOH A . 
G 5 HOH 193 392 392 HOH HOH A . 
G 5 HOH 194 393 393 HOH HOH A . 
G 5 HOH 195 394 394 HOH HOH A . 
G 5 HOH 196 395 395 HOH HOH A . 
G 5 HOH 197 396 396 HOH HOH A . 
G 5 HOH 198 397 397 HOH HOH A . 
G 5 HOH 199 398 398 HOH HOH A . 
G 5 HOH 200 399 399 HOH HOH A . 
G 5 HOH 201 400 400 HOH HOH A . 
G 5 HOH 202 401 401 HOH HOH A . 
G 5 HOH 203 402 402 HOH HOH A . 
G 5 HOH 204 403 403 HOH HOH A . 
G 5 HOH 205 404 404 HOH HOH A . 
G 5 HOH 206 405 405 HOH HOH A . 
G 5 HOH 207 406 406 HOH HOH A . 
G 5 HOH 208 407 407 HOH HOH A . 
G 5 HOH 209 408 408 HOH HOH A . 
G 5 HOH 210 409 409 HOH HOH A . 
G 5 HOH 211 410 410 HOH HOH A . 
G 5 HOH 212 411 411 HOH HOH A . 
G 5 HOH 213 412 412 HOH HOH A . 
G 5 HOH 214 413 413 HOH HOH A . 
G 5 HOH 215 414 414 HOH HOH A . 
G 5 HOH 216 415 415 HOH HOH A . 
G 5 HOH 217 416 416 HOH HOH A . 
G 5 HOH 218 417 417 HOH HOH A . 
G 5 HOH 219 418 418 HOH HOH A . 
G 5 HOH 220 419 419 HOH HOH A . 
G 5 HOH 221 420 420 HOH HOH A . 
G 5 HOH 222 421 421 HOH HOH A . 
G 5 HOH 223 422 422 HOH HOH A . 
G 5 HOH 224 423 423 HOH HOH A . 
G 5 HOH 225 424 424 HOH HOH A . 
G 5 HOH 226 425 425 HOH HOH A . 
G 5 HOH 227 426 426 HOH HOH A . 
G 5 HOH 228 427 427 HOH HOH A . 
G 5 HOH 229 428 428 HOH HOH A . 
G 5 HOH 230 429 429 HOH HOH A . 
G 5 HOH 231 430 430 HOH HOH A . 
G 5 HOH 232 431 431 HOH HOH A . 
G 5 HOH 233 432 432 HOH HOH A . 
G 5 HOH 234 433 433 HOH HOH A . 
G 5 HOH 235 434 434 HOH HOH A . 
G 5 HOH 236 435 435 HOH HOH A . 
G 5 HOH 237 436 436 HOH HOH A . 
G 5 HOH 238 437 437 HOH HOH A . 
G 5 HOH 239 438 438 HOH HOH A . 
G 5 HOH 240 439 439 HOH HOH A . 
G 5 HOH 241 440 440 HOH HOH A . 
G 5 HOH 242 441 441 HOH HOH A . 
G 5 HOH 243 442 442 HOH HOH A . 
G 5 HOH 244 443 443 HOH HOH A . 
G 5 HOH 245 444 444 HOH HOH A . 
G 5 HOH 246 445 445 HOH HOH A . 
G 5 HOH 247 446 446 HOH HOH A . 
G 5 HOH 248 447 447 HOH HOH A . 
G 5 HOH 249 448 448 HOH HOH A . 
G 5 HOH 250 449 449 HOH HOH A . 
G 5 HOH 251 450 450 HOH HOH A . 
G 5 HOH 252 451 451 HOH HOH A . 
G 5 HOH 253 452 452 HOH HOH A . 
G 5 HOH 254 453 453 HOH HOH A . 
G 5 HOH 255 454 454 HOH HOH A . 
G 5 HOH 256 455 455 HOH HOH A . 
G 5 HOH 257 456 456 HOH HOH A . 
G 5 HOH 258 457 457 HOH HOH A . 
G 5 HOH 259 458 458 HOH HOH A . 
G 5 HOH 260 459 459 HOH HOH A . 
# 
_pdbx_struct_assembly.id                   1 
_pdbx_struct_assembly.details              author_and_software_defined_assembly 
_pdbx_struct_assembly.method_details       PISA 
_pdbx_struct_assembly.oligomeric_details   monomeric 
_pdbx_struct_assembly.oligomeric_count     1 
# 
_pdbx_struct_assembly_gen.assembly_id       1 
_pdbx_struct_assembly_gen.oper_expression   1 
_pdbx_struct_assembly_gen.asym_id_list      A,B,C,D,E,F,G 
# 
_pdbx_struct_oper_list.id                   1 
_pdbx_struct_oper_list.type                 'identity operation' 
_pdbx_struct_oper_list.name                 1_555 
_pdbx_struct_oper_list.symmetry_operation   x,y,z 
_pdbx_struct_oper_list.matrix[1][1]         1.0000000000 
_pdbx_struct_oper_list.matrix[1][2]         0.0000000000 
_pdbx_struct_oper_list.matrix[1][3]         0.0000000000 
_pdbx_struct_oper_list.vector[1]            0.0000000000 
_pdbx_struct_oper_list.matrix[2][1]         0.0000000000 
_pdbx_struct_oper_list.matrix[2][2]         1.0000000000 
_pdbx_struct_oper_list.matrix[2][3]         0.0000000000 
_pdbx_struct_oper_list.vector[2]            0.0000000000 
_pdbx_struct_oper_list.matrix[3][1]         0.0000000000 
_pdbx_struct_oper_list.matrix[3][2]         0.0000000000 
_pdbx_struct_oper_list.matrix[3][3]         1.0000000000 
_pdbx_struct_oper_list.vector[3]            0.0000000000 
# 
loop_
_pdbx_audit_revision_history.ordinal 
_pdbx_audit_revision_history.data_content_type 
_pdbx_audit_revision_history.major_revision 
_pdbx_audit_revision_history.minor_revision 
_pdbx_audit_revision_history.revision_date 
1 'Structure model' 1 0 2011-02-02 
2 'Structure model' 1 1 2011-07-13 
3 'Structure model' 1 2 2014-01-15 
4 'Structure model' 2 0 2020-07-29 
5 'Structure model' 2 1 2023-11-01 
# 
loop_
_pdbx_audit_revision_details.ordinal 
_pdbx_audit_revision_details.revision_ordinal 
_pdbx_audit_revision_details.data_content_type 
_pdbx_audit_revision_details.provider 
_pdbx_audit_revision_details.type 
_pdbx_audit_revision_details.description 
_pdbx_audit_revision_details.details 
1 1 'Structure model' repository 'Initial release' ?                          ? 
2 4 'Structure model' repository Remediation       'Carbohydrate remediation' ? 
# 
loop_
_pdbx_audit_revision_group.ordinal 
_pdbx_audit_revision_group.revision_ordinal 
_pdbx_audit_revision_group.data_content_type 
_pdbx_audit_revision_group.group 
1  2 'Structure model' 'Version format compliance' 
2  3 'Structure model' 'Database references'       
3  4 'Structure model' 'Atomic model'              
4  4 'Structure model' 'Data collection'           
5  4 'Structure model' 'Derived calculations'      
6  4 'Structure model' 'Structure summary'         
7  5 'Structure model' 'Data collection'           
8  5 'Structure model' 'Database references'       
9  5 'Structure model' 'Refinement description'    
10 5 'Structure model' 'Structure summary'         
# 
loop_
_pdbx_audit_revision_category.ordinal 
_pdbx_audit_revision_category.revision_ordinal 
_pdbx_audit_revision_category.data_content_type 
_pdbx_audit_revision_category.category 
1  4 'Structure model' atom_site                     
2  4 'Structure model' chem_comp                     
3  4 'Structure model' entity                        
4  4 'Structure model' pdbx_branch_scheme            
5  4 'Structure model' pdbx_chem_comp_identifier     
6  4 'Structure model' pdbx_entity_branch            
7  4 'Structure model' pdbx_entity_branch_descriptor 
8  4 'Structure model' pdbx_entity_branch_link       
9  4 'Structure model' pdbx_entity_branch_list       
10 4 'Structure model' pdbx_entity_nonpoly           
11 4 'Structure model' pdbx_nonpoly_scheme           
12 4 'Structure model' pdbx_struct_assembly_gen      
13 4 'Structure model' struct_asym                   
14 4 'Structure model' struct_conn                   
15 4 'Structure model' struct_site                   
16 4 'Structure model' struct_site_gen               
17 5 'Structure model' chem_comp                     
18 5 'Structure model' chem_comp_atom                
19 5 'Structure model' chem_comp_bond                
20 5 'Structure model' database_2                    
21 5 'Structure model' pdbx_initial_refinement_model 
# 
loop_
_pdbx_audit_revision_item.ordinal 
_pdbx_audit_revision_item.revision_ordinal 
_pdbx_audit_revision_item.data_content_type 
_pdbx_audit_revision_item.item 
1  4 'Structure model' '_atom_site.B_iso_or_equiv'              
2  4 'Structure model' '_atom_site.Cartn_x'                     
3  4 'Structure model' '_atom_site.Cartn_y'                     
4  4 'Structure model' '_atom_site.Cartn_z'                     
5  4 'Structure model' '_atom_site.auth_asym_id'                
6  4 'Structure model' '_atom_site.auth_atom_id'                
7  4 'Structure model' '_atom_site.auth_comp_id'                
8  4 'Structure model' '_atom_site.auth_seq_id'                 
9  4 'Structure model' '_atom_site.label_asym_id'               
10 4 'Structure model' '_atom_site.label_atom_id'               
11 4 'Structure model' '_atom_site.label_comp_id'               
12 4 'Structure model' '_atom_site.label_entity_id'             
13 4 'Structure model' '_atom_site.type_symbol'                 
14 4 'Structure model' '_chem_comp.name'                        
15 4 'Structure model' '_chem_comp.type'                        
16 4 'Structure model' '_pdbx_struct_assembly_gen.asym_id_list' 
17 4 'Structure model' '_struct_conn.pdbx_dist_value'           
18 4 'Structure model' '_struct_conn.pdbx_leaving_atom_flag'    
19 4 'Structure model' '_struct_conn.ptnr1_auth_asym_id'        
20 4 'Structure model' '_struct_conn.ptnr1_auth_comp_id'        
21 4 'Structure model' '_struct_conn.ptnr1_auth_seq_id'         
22 4 'Structure model' '_struct_conn.ptnr1_label_asym_id'       
23 4 'Structure model' '_struct_conn.ptnr1_label_atom_id'       
24 4 'Structure model' '_struct_conn.ptnr1_label_comp_id'       
25 4 'Structure model' '_struct_conn.ptnr2_auth_asym_id'        
26 4 'Structure model' '_struct_conn.ptnr2_auth_comp_id'        
27 4 'Structure model' '_struct_conn.ptnr2_auth_seq_id'         
28 4 'Structure model' '_struct_conn.ptnr2_label_asym_id'       
29 4 'Structure model' '_struct_conn.ptnr2_label_atom_id'       
30 4 'Structure model' '_struct_conn.ptnr2_label_comp_id'       
31 5 'Structure model' '_chem_comp.pdbx_synonyms'               
32 5 'Structure model' '_database_2.pdbx_DOI'                   
33 5 'Structure model' '_database_2.pdbx_database_accession'    
# 
loop_
_software.name 
_software.classification 
_software.version 
_software.citation_id 
_software.pdbx_ordinal 
ADSC   'data collection' Quantum  ? 1 
MOLREP phasing           .        ? 2 
REFMAC refinement        5.5.0109 ? 3 
MOSFLM 'data reduction'  .        ? 4 
SCALA  'data scaling'    .        ? 5 
# 
_pdbx_entry_details.entry_id                 3AP9 
_pdbx_entry_details.sequence_details         'THIS RESIDUE IS CAUSED BY NATURAL VARIANT.' 
_pdbx_entry_details.nonpolymer_details       ? 
_pdbx_entry_details.compound_details         ? 
_pdbx_entry_details.source_details           ? 
_pdbx_entry_details.has_ligand_of_interest   ? 
# 
_pdbx_validate_torsion.id              1 
_pdbx_validate_torsion.PDB_model_num   1 
_pdbx_validate_torsion.auth_comp_id    ARG 
_pdbx_validate_torsion.auth_asym_id    A 
_pdbx_validate_torsion.auth_seq_id     72 
_pdbx_validate_torsion.PDB_ins_code    ? 
_pdbx_validate_torsion.label_alt_id    ? 
_pdbx_validate_torsion.phi             54.23 
_pdbx_validate_torsion.psi             -126.19 
# 
loop_
_pdbx_unobs_or_zero_occ_residues.id 
_pdbx_unobs_or_zero_occ_residues.PDB_model_num 
_pdbx_unobs_or_zero_occ_residues.polymer_flag 
_pdbx_unobs_or_zero_occ_residues.occupancy_flag 
_pdbx_unobs_or_zero_occ_residues.auth_asym_id 
_pdbx_unobs_or_zero_occ_residues.auth_comp_id 
_pdbx_unobs_or_zero_occ_residues.auth_seq_id 
_pdbx_unobs_or_zero_occ_residues.PDB_ins_code 
_pdbx_unobs_or_zero_occ_residues.label_asym_id 
_pdbx_unobs_or_zero_occ_residues.label_comp_id 
_pdbx_unobs_or_zero_occ_residues.label_seq_id 
1 1 Y 1 A MET 1 ? A MET 1 
2 1 Y 1 A MET 2 ? A MET 2 
3 1 Y 1 A LEU 3 ? A LEU 3 
# 
loop_
_chem_comp_atom.comp_id 
_chem_comp_atom.atom_id 
_chem_comp_atom.type_symbol 
_chem_comp_atom.pdbx_aromatic_flag 
_chem_comp_atom.pdbx_stereo_config 
_chem_comp_atom.pdbx_ordinal 
ALA N    N  N N 1   
ALA CA   C  N S 2   
ALA C    C  N N 3   
ALA O    O  N N 4   
ALA CB   C  N N 5   
ALA OXT  O  N N 6   
ALA H    H  N N 7   
ALA H2   H  N N 8   
ALA HA   H  N N 9   
ALA HB1  H  N N 10  
ALA HB2  H  N N 11  
ALA HB3  H  N N 12  
ALA HXT  H  N N 13  
ARG N    N  N N 14  
ARG CA   C  N S 15  
ARG C    C  N N 16  
ARG O    O  N N 17  
ARG CB   C  N N 18  
ARG CG   C  N N 19  
ARG CD   C  N N 20  
ARG NE   N  N N 21  
ARG CZ   C  N N 22  
ARG NH1  N  N N 23  
ARG NH2  N  N N 24  
ARG OXT  O  N N 25  
ARG H    H  N N 26  
ARG H2   H  N N 27  
ARG HA   H  N N 28  
ARG HB2  H  N N 29  
ARG HB3  H  N N 30  
ARG HG2  H  N N 31  
ARG HG3  H  N N 32  
ARG HD2  H  N N 33  
ARG HD3  H  N N 34  
ARG HE   H  N N 35  
ARG HH11 H  N N 36  
ARG HH12 H  N N 37  
ARG HH21 H  N N 38  
ARG HH22 H  N N 39  
ARG HXT  H  N N 40  
ASN N    N  N N 41  
ASN CA   C  N S 42  
ASN C    C  N N 43  
ASN O    O  N N 44  
ASN CB   C  N N 45  
ASN CG   C  N N 46  
ASN OD1  O  N N 47  
ASN ND2  N  N N 48  
ASN OXT  O  N N 49  
ASN H    H  N N 50  
ASN H2   H  N N 51  
ASN HA   H  N N 52  
ASN HB2  H  N N 53  
ASN HB3  H  N N 54  
ASN HD21 H  N N 55  
ASN HD22 H  N N 56  
ASN HXT  H  N N 57  
ASP N    N  N N 58  
ASP CA   C  N S 59  
ASP C    C  N N 60  
ASP O    O  N N 61  
ASP CB   C  N N 62  
ASP CG   C  N N 63  
ASP OD1  O  N N 64  
ASP OD2  O  N N 65  
ASP OXT  O  N N 66  
ASP H    H  N N 67  
ASP H2   H  N N 68  
ASP HA   H  N N 69  
ASP HB2  H  N N 70  
ASP HB3  H  N N 71  
ASP HD2  H  N N 72  
ASP HXT  H  N N 73  
BGC C2   C  N R 74  
BGC C3   C  N S 75  
BGC C4   C  N S 76  
BGC C5   C  N R 77  
BGC C6   C  N N 78  
BGC C1   C  N R 79  
BGC O1   O  N N 80  
BGC O2   O  N N 81  
BGC O3   O  N N 82  
BGC O4   O  N N 83  
BGC O5   O  N N 84  
BGC O6   O  N N 85  
BGC H2   H  N N 86  
BGC H3   H  N N 87  
BGC H4   H  N N 88  
BGC H5   H  N N 89  
BGC H61  H  N N 90  
BGC H62  H  N N 91  
BGC H1   H  N N 92  
BGC HO1  H  N N 93  
BGC HO2  H  N N 94  
BGC HO3  H  N N 95  
BGC HO4  H  N N 96  
BGC HO6  H  N N 97  
CL  CL   CL N N 98  
CYS N    N  N N 99  
CYS CA   C  N R 100 
CYS C    C  N N 101 
CYS O    O  N N 102 
CYS CB   C  N N 103 
CYS SG   S  N N 104 
CYS OXT  O  N N 105 
CYS H    H  N N 106 
CYS H2   H  N N 107 
CYS HA   H  N N 108 
CYS HB2  H  N N 109 
CYS HB3  H  N N 110 
CYS HG   H  N N 111 
CYS HXT  H  N N 112 
FUC C1   C  N R 113 
FUC C2   C  N S 114 
FUC C3   C  N R 115 
FUC C4   C  N S 116 
FUC C5   C  N S 117 
FUC C6   C  N N 118 
FUC O1   O  N N 119 
FUC O2   O  N N 120 
FUC O3   O  N N 121 
FUC O4   O  N N 122 
FUC O5   O  N N 123 
FUC H1   H  N N 124 
FUC H2   H  N N 125 
FUC H3   H  N N 126 
FUC H4   H  N N 127 
FUC H5   H  N N 128 
FUC H61  H  N N 129 
FUC H62  H  N N 130 
FUC H63  H  N N 131 
FUC HO1  H  N N 132 
FUC HO2  H  N N 133 
FUC HO3  H  N N 134 
FUC HO4  H  N N 135 
GAL C1   C  N R 136 
GAL C2   C  N R 137 
GAL C3   C  N S 138 
GAL C4   C  N R 139 
GAL C5   C  N R 140 
GAL C6   C  N N 141 
GAL O1   O  N N 142 
GAL O2   O  N N 143 
GAL O3   O  N N 144 
GAL O4   O  N N 145 
GAL O5   O  N N 146 
GAL O6   O  N N 147 
GAL H1   H  N N 148 
GAL H2   H  N N 149 
GAL H3   H  N N 150 
GAL H4   H  N N 151 
GAL H5   H  N N 152 
GAL H61  H  N N 153 
GAL H62  H  N N 154 
GAL HO1  H  N N 155 
GAL HO2  H  N N 156 
GAL HO3  H  N N 157 
GAL HO4  H  N N 158 
GAL HO6  H  N N 159 
GLN N    N  N N 160 
GLN CA   C  N S 161 
GLN C    C  N N 162 
GLN O    O  N N 163 
GLN CB   C  N N 164 
GLN CG   C  N N 165 
GLN CD   C  N N 166 
GLN OE1  O  N N 167 
GLN NE2  N  N N 168 
GLN OXT  O  N N 169 
GLN H    H  N N 170 
GLN H2   H  N N 171 
GLN HA   H  N N 172 
GLN HB2  H  N N 173 
GLN HB3  H  N N 174 
GLN HG2  H  N N 175 
GLN HG3  H  N N 176 
GLN HE21 H  N N 177 
GLN HE22 H  N N 178 
GLN HXT  H  N N 179 
GLU N    N  N N 180 
GLU CA   C  N S 181 
GLU C    C  N N 182 
GLU O    O  N N 183 
GLU CB   C  N N 184 
GLU CG   C  N N 185 
GLU CD   C  N N 186 
GLU OE1  O  N N 187 
GLU OE2  O  N N 188 
GLU OXT  O  N N 189 
GLU H    H  N N 190 
GLU H2   H  N N 191 
GLU HA   H  N N 192 
GLU HB2  H  N N 193 
GLU HB3  H  N N 194 
GLU HG2  H  N N 195 
GLU HG3  H  N N 196 
GLU HE2  H  N N 197 
GLU HXT  H  N N 198 
GLY N    N  N N 199 
GLY CA   C  N N 200 
GLY C    C  N N 201 
GLY O    O  N N 202 
GLY OXT  O  N N 203 
GLY H    H  N N 204 
GLY H2   H  N N 205 
GLY HA2  H  N N 206 
GLY HA3  H  N N 207 
GLY HXT  H  N N 208 
HIS N    N  N N 209 
HIS CA   C  N S 210 
HIS C    C  N N 211 
HIS O    O  N N 212 
HIS CB   C  N N 213 
HIS CG   C  Y N 214 
HIS ND1  N  Y N 215 
HIS CD2  C  Y N 216 
HIS CE1  C  Y N 217 
HIS NE2  N  Y N 218 
HIS OXT  O  N N 219 
HIS H    H  N N 220 
HIS H2   H  N N 221 
HIS HA   H  N N 222 
HIS HB2  H  N N 223 
HIS HB3  H  N N 224 
HIS HD1  H  N N 225 
HIS HD2  H  N N 226 
HIS HE1  H  N N 227 
HIS HE2  H  N N 228 
HIS HXT  H  N N 229 
HOH O    O  N N 230 
HOH H1   H  N N 231 
HOH H2   H  N N 232 
ILE N    N  N N 233 
ILE CA   C  N S 234 
ILE C    C  N N 235 
ILE O    O  N N 236 
ILE CB   C  N S 237 
ILE CG1  C  N N 238 
ILE CG2  C  N N 239 
ILE CD1  C  N N 240 
ILE OXT  O  N N 241 
ILE H    H  N N 242 
ILE H2   H  N N 243 
ILE HA   H  N N 244 
ILE HB   H  N N 245 
ILE HG12 H  N N 246 
ILE HG13 H  N N 247 
ILE HG21 H  N N 248 
ILE HG22 H  N N 249 
ILE HG23 H  N N 250 
ILE HD11 H  N N 251 
ILE HD12 H  N N 252 
ILE HD13 H  N N 253 
ILE HXT  H  N N 254 
LEU N    N  N N 255 
LEU CA   C  N S 256 
LEU C    C  N N 257 
LEU O    O  N N 258 
LEU CB   C  N N 259 
LEU CG   C  N N 260 
LEU CD1  C  N N 261 
LEU CD2  C  N N 262 
LEU OXT  O  N N 263 
LEU H    H  N N 264 
LEU H2   H  N N 265 
LEU HA   H  N N 266 
LEU HB2  H  N N 267 
LEU HB3  H  N N 268 
LEU HG   H  N N 269 
LEU HD11 H  N N 270 
LEU HD12 H  N N 271 
LEU HD13 H  N N 272 
LEU HD21 H  N N 273 
LEU HD22 H  N N 274 
LEU HD23 H  N N 275 
LEU HXT  H  N N 276 
LYS N    N  N N 277 
LYS CA   C  N S 278 
LYS C    C  N N 279 
LYS O    O  N N 280 
LYS CB   C  N N 281 
LYS CG   C  N N 282 
LYS CD   C  N N 283 
LYS CE   C  N N 284 
LYS NZ   N  N N 285 
LYS OXT  O  N N 286 
LYS H    H  N N 287 
LYS H2   H  N N 288 
LYS HA   H  N N 289 
LYS HB2  H  N N 290 
LYS HB3  H  N N 291 
LYS HG2  H  N N 292 
LYS HG3  H  N N 293 
LYS HD2  H  N N 294 
LYS HD3  H  N N 295 
LYS HE2  H  N N 296 
LYS HE3  H  N N 297 
LYS HZ1  H  N N 298 
LYS HZ2  H  N N 299 
LYS HZ3  H  N N 300 
LYS HXT  H  N N 301 
MET N    N  N N 302 
MET CA   C  N S 303 
MET C    C  N N 304 
MET O    O  N N 305 
MET CB   C  N N 306 
MET CG   C  N N 307 
MET SD   S  N N 308 
MET CE   C  N N 309 
MET OXT  O  N N 310 
MET H    H  N N 311 
MET H2   H  N N 312 
MET HA   H  N N 313 
MET HB2  H  N N 314 
MET HB3  H  N N 315 
MET HG2  H  N N 316 
MET HG3  H  N N 317 
MET HE1  H  N N 318 
MET HE2  H  N N 319 
MET HE3  H  N N 320 
MET HXT  H  N N 321 
MPD C1   C  N N 322 
MPD C2   C  N N 323 
MPD O2   O  N N 324 
MPD CM   C  N N 325 
MPD C3   C  N N 326 
MPD C4   C  N S 327 
MPD O4   O  N N 328 
MPD C5   C  N N 329 
MPD H11  H  N N 330 
MPD H12  H  N N 331 
MPD H13  H  N N 332 
MPD HO2  H  N N 333 
MPD HM1  H  N N 334 
MPD HM2  H  N N 335 
MPD HM3  H  N N 336 
MPD H31  H  N N 337 
MPD H32  H  N N 338 
MPD H4   H  N N 339 
MPD HO4  H  N N 340 
MPD H51  H  N N 341 
MPD H52  H  N N 342 
MPD H53  H  N N 343 
NAG C1   C  N R 344 
NAG C2   C  N R 345 
NAG C3   C  N R 346 
NAG C4   C  N S 347 
NAG C5   C  N R 348 
NAG C6   C  N N 349 
NAG C7   C  N N 350 
NAG C8   C  N N 351 
NAG N2   N  N N 352 
NAG O1   O  N N 353 
NAG O3   O  N N 354 
NAG O4   O  N N 355 
NAG O5   O  N N 356 
NAG O6   O  N N 357 
NAG O7   O  N N 358 
NAG H1   H  N N 359 
NAG H2   H  N N 360 
NAG H3   H  N N 361 
NAG H4   H  N N 362 
NAG H5   H  N N 363 
NAG H61  H  N N 364 
NAG H62  H  N N 365 
NAG H81  H  N N 366 
NAG H82  H  N N 367 
NAG H83  H  N N 368 
NAG HN2  H  N N 369 
NAG HO1  H  N N 370 
NAG HO3  H  N N 371 
NAG HO4  H  N N 372 
NAG HO6  H  N N 373 
PHE N    N  N N 374 
PHE CA   C  N S 375 
PHE C    C  N N 376 
PHE O    O  N N 377 
PHE CB   C  N N 378 
PHE CG   C  Y N 379 
PHE CD1  C  Y N 380 
PHE CD2  C  Y N 381 
PHE CE1  C  Y N 382 
PHE CE2  C  Y N 383 
PHE CZ   C  Y N 384 
PHE OXT  O  N N 385 
PHE H    H  N N 386 
PHE H2   H  N N 387 
PHE HA   H  N N 388 
PHE HB2  H  N N 389 
PHE HB3  H  N N 390 
PHE HD1  H  N N 391 
PHE HD2  H  N N 392 
PHE HE1  H  N N 393 
PHE HE2  H  N N 394 
PHE HZ   H  N N 395 
PHE HXT  H  N N 396 
PRO N    N  N N 397 
PRO CA   C  N S 398 
PRO C    C  N N 399 
PRO O    O  N N 400 
PRO CB   C  N N 401 
PRO CG   C  N N 402 
PRO CD   C  N N 403 
PRO OXT  O  N N 404 
PRO H    H  N N 405 
PRO HA   H  N N 406 
PRO HB2  H  N N 407 
PRO HB3  H  N N 408 
PRO HG2  H  N N 409 
PRO HG3  H  N N 410 
PRO HD2  H  N N 411 
PRO HD3  H  N N 412 
PRO HXT  H  N N 413 
SER N    N  N N 414 
SER CA   C  N S 415 
SER C    C  N N 416 
SER O    O  N N 417 
SER CB   C  N N 418 
SER OG   O  N N 419 
SER OXT  O  N N 420 
SER H    H  N N 421 
SER H2   H  N N 422 
SER HA   H  N N 423 
SER HB2  H  N N 424 
SER HB3  H  N N 425 
SER HG   H  N N 426 
SER HXT  H  N N 427 
THR N    N  N N 428 
THR CA   C  N S 429 
THR C    C  N N 430 
THR O    O  N N 431 
THR CB   C  N R 432 
THR OG1  O  N N 433 
THR CG2  C  N N 434 
THR OXT  O  N N 435 
THR H    H  N N 436 
THR H2   H  N N 437 
THR HA   H  N N 438 
THR HB   H  N N 439 
THR HG1  H  N N 440 
THR HG21 H  N N 441 
THR HG22 H  N N 442 
THR HG23 H  N N 443 
THR HXT  H  N N 444 
TRP N    N  N N 445 
TRP CA   C  N S 446 
TRP C    C  N N 447 
TRP O    O  N N 448 
TRP CB   C  N N 449 
TRP CG   C  Y N 450 
TRP CD1  C  Y N 451 
TRP CD2  C  Y N 452 
TRP NE1  N  Y N 453 
TRP CE2  C  Y N 454 
TRP CE3  C  Y N 455 
TRP CZ2  C  Y N 456 
TRP CZ3  C  Y N 457 
TRP CH2  C  Y N 458 
TRP OXT  O  N N 459 
TRP H    H  N N 460 
TRP H2   H  N N 461 
TRP HA   H  N N 462 
TRP HB2  H  N N 463 
TRP HB3  H  N N 464 
TRP HD1  H  N N 465 
TRP HE1  H  N N 466 
TRP HE3  H  N N 467 
TRP HZ2  H  N N 468 
TRP HZ3  H  N N 469 
TRP HH2  H  N N 470 
TRP HXT  H  N N 471 
TYR N    N  N N 472 
TYR CA   C  N S 473 
TYR C    C  N N 474 
TYR O    O  N N 475 
TYR CB   C  N N 476 
TYR CG   C  Y N 477 
TYR CD1  C  Y N 478 
TYR CD2  C  Y N 479 
TYR CE1  C  Y N 480 
TYR CE2  C  Y N 481 
TYR CZ   C  Y N 482 
TYR OH   O  N N 483 
TYR OXT  O  N N 484 
TYR H    H  N N 485 
TYR H2   H  N N 486 
TYR HA   H  N N 487 
TYR HB2  H  N N 488 
TYR HB3  H  N N 489 
TYR HD1  H  N N 490 
TYR HD2  H  N N 491 
TYR HE1  H  N N 492 
TYR HE2  H  N N 493 
TYR HH   H  N N 494 
TYR HXT  H  N N 495 
VAL N    N  N N 496 
VAL CA   C  N S 497 
VAL C    C  N N 498 
VAL O    O  N N 499 
VAL CB   C  N N 500 
VAL CG1  C  N N 501 
VAL CG2  C  N N 502 
VAL OXT  O  N N 503 
VAL H    H  N N 504 
VAL H2   H  N N 505 
VAL HA   H  N N 506 
VAL HB   H  N N 507 
VAL HG11 H  N N 508 
VAL HG12 H  N N 509 
VAL HG13 H  N N 510 
VAL HG21 H  N N 511 
VAL HG22 H  N N 512 
VAL HG23 H  N N 513 
VAL HXT  H  N N 514 
# 
loop_
_chem_comp_bond.comp_id 
_chem_comp_bond.atom_id_1 
_chem_comp_bond.atom_id_2 
_chem_comp_bond.value_order 
_chem_comp_bond.pdbx_aromatic_flag 
_chem_comp_bond.pdbx_stereo_config 
_chem_comp_bond.pdbx_ordinal 
ALA N   CA   sing N N 1   
ALA N   H    sing N N 2   
ALA N   H2   sing N N 3   
ALA CA  C    sing N N 4   
ALA CA  CB   sing N N 5   
ALA CA  HA   sing N N 6   
ALA C   O    doub N N 7   
ALA C   OXT  sing N N 8   
ALA CB  HB1  sing N N 9   
ALA CB  HB2  sing N N 10  
ALA CB  HB3  sing N N 11  
ALA OXT HXT  sing N N 12  
ARG N   CA   sing N N 13  
ARG N   H    sing N N 14  
ARG N   H2   sing N N 15  
ARG CA  C    sing N N 16  
ARG CA  CB   sing N N 17  
ARG CA  HA   sing N N 18  
ARG C   O    doub N N 19  
ARG C   OXT  sing N N 20  
ARG CB  CG   sing N N 21  
ARG CB  HB2  sing N N 22  
ARG CB  HB3  sing N N 23  
ARG CG  CD   sing N N 24  
ARG CG  HG2  sing N N 25  
ARG CG  HG3  sing N N 26  
ARG CD  NE   sing N N 27  
ARG CD  HD2  sing N N 28  
ARG CD  HD3  sing N N 29  
ARG NE  CZ   sing N N 30  
ARG NE  HE   sing N N 31  
ARG CZ  NH1  sing N N 32  
ARG CZ  NH2  doub N N 33  
ARG NH1 HH11 sing N N 34  
ARG NH1 HH12 sing N N 35  
ARG NH2 HH21 sing N N 36  
ARG NH2 HH22 sing N N 37  
ARG OXT HXT  sing N N 38  
ASN N   CA   sing N N 39  
ASN N   H    sing N N 40  
ASN N   H2   sing N N 41  
ASN CA  C    sing N N 42  
ASN CA  CB   sing N N 43  
ASN CA  HA   sing N N 44  
ASN C   O    doub N N 45  
ASN C   OXT  sing N N 46  
ASN CB  CG   sing N N 47  
ASN CB  HB2  sing N N 48  
ASN CB  HB3  sing N N 49  
ASN CG  OD1  doub N N 50  
ASN CG  ND2  sing N N 51  
ASN ND2 HD21 sing N N 52  
ASN ND2 HD22 sing N N 53  
ASN OXT HXT  sing N N 54  
ASP N   CA   sing N N 55  
ASP N   H    sing N N 56  
ASP N   H2   sing N N 57  
ASP CA  C    sing N N 58  
ASP CA  CB   sing N N 59  
ASP CA  HA   sing N N 60  
ASP C   O    doub N N 61  
ASP C   OXT  sing N N 62  
ASP CB  CG   sing N N 63  
ASP CB  HB2  sing N N 64  
ASP CB  HB3  sing N N 65  
ASP CG  OD1  doub N N 66  
ASP CG  OD2  sing N N 67  
ASP OD2 HD2  sing N N 68  
ASP OXT HXT  sing N N 69  
BGC C2  C3   sing N N 70  
BGC C2  C1   sing N N 71  
BGC C2  O2   sing N N 72  
BGC C2  H2   sing N N 73  
BGC C3  C4   sing N N 74  
BGC C3  O3   sing N N 75  
BGC C3  H3   sing N N 76  
BGC C4  C5   sing N N 77  
BGC C4  O4   sing N N 78  
BGC C4  H4   sing N N 79  
BGC C5  C6   sing N N 80  
BGC C5  O5   sing N N 81  
BGC C5  H5   sing N N 82  
BGC C6  O6   sing N N 83  
BGC C6  H61  sing N N 84  
BGC C6  H62  sing N N 85  
BGC C1  O1   sing N N 86  
BGC C1  O5   sing N N 87  
BGC C1  H1   sing N N 88  
BGC O1  HO1  sing N N 89  
BGC O2  HO2  sing N N 90  
BGC O3  HO3  sing N N 91  
BGC O4  HO4  sing N N 92  
BGC O6  HO6  sing N N 93  
CYS N   CA   sing N N 94  
CYS N   H    sing N N 95  
CYS N   H2   sing N N 96  
CYS CA  C    sing N N 97  
CYS CA  CB   sing N N 98  
CYS CA  HA   sing N N 99  
CYS C   O    doub N N 100 
CYS C   OXT  sing N N 101 
CYS CB  SG   sing N N 102 
CYS CB  HB2  sing N N 103 
CYS CB  HB3  sing N N 104 
CYS SG  HG   sing N N 105 
CYS OXT HXT  sing N N 106 
FUC C1  C2   sing N N 107 
FUC C1  O1   sing N N 108 
FUC C1  O5   sing N N 109 
FUC C1  H1   sing N N 110 
FUC C2  C3   sing N N 111 
FUC C2  O2   sing N N 112 
FUC C2  H2   sing N N 113 
FUC C3  C4   sing N N 114 
FUC C3  O3   sing N N 115 
FUC C3  H3   sing N N 116 
FUC C4  C5   sing N N 117 
FUC C4  O4   sing N N 118 
FUC C4  H4   sing N N 119 
FUC C5  C6   sing N N 120 
FUC C5  O5   sing N N 121 
FUC C5  H5   sing N N 122 
FUC C6  H61  sing N N 123 
FUC C6  H62  sing N N 124 
FUC C6  H63  sing N N 125 
FUC O1  HO1  sing N N 126 
FUC O2  HO2  sing N N 127 
FUC O3  HO3  sing N N 128 
FUC O4  HO4  sing N N 129 
GAL C1  C2   sing N N 130 
GAL C1  O1   sing N N 131 
GAL C1  O5   sing N N 132 
GAL C1  H1   sing N N 133 
GAL C2  C3   sing N N 134 
GAL C2  O2   sing N N 135 
GAL C2  H2   sing N N 136 
GAL C3  C4   sing N N 137 
GAL C3  O3   sing N N 138 
GAL C3  H3   sing N N 139 
GAL C4  C5   sing N N 140 
GAL C4  O4   sing N N 141 
GAL C4  H4   sing N N 142 
GAL C5  C6   sing N N 143 
GAL C5  O5   sing N N 144 
GAL C5  H5   sing N N 145 
GAL C6  O6   sing N N 146 
GAL C6  H61  sing N N 147 
GAL C6  H62  sing N N 148 
GAL O1  HO1  sing N N 149 
GAL O2  HO2  sing N N 150 
GAL O3  HO3  sing N N 151 
GAL O4  HO4  sing N N 152 
GAL O6  HO6  sing N N 153 
GLN N   CA   sing N N 154 
GLN N   H    sing N N 155 
GLN N   H2   sing N N 156 
GLN CA  C    sing N N 157 
GLN CA  CB   sing N N 158 
GLN CA  HA   sing N N 159 
GLN C   O    doub N N 160 
GLN C   OXT  sing N N 161 
GLN CB  CG   sing N N 162 
GLN CB  HB2  sing N N 163 
GLN CB  HB3  sing N N 164 
GLN CG  CD   sing N N 165 
GLN CG  HG2  sing N N 166 
GLN CG  HG3  sing N N 167 
GLN CD  OE1  doub N N 168 
GLN CD  NE2  sing N N 169 
GLN NE2 HE21 sing N N 170 
GLN NE2 HE22 sing N N 171 
GLN OXT HXT  sing N N 172 
GLU N   CA   sing N N 173 
GLU N   H    sing N N 174 
GLU N   H2   sing N N 175 
GLU CA  C    sing N N 176 
GLU CA  CB   sing N N 177 
GLU CA  HA   sing N N 178 
GLU C   O    doub N N 179 
GLU C   OXT  sing N N 180 
GLU CB  CG   sing N N 181 
GLU CB  HB2  sing N N 182 
GLU CB  HB3  sing N N 183 
GLU CG  CD   sing N N 184 
GLU CG  HG2  sing N N 185 
GLU CG  HG3  sing N N 186 
GLU CD  OE1  doub N N 187 
GLU CD  OE2  sing N N 188 
GLU OE2 HE2  sing N N 189 
GLU OXT HXT  sing N N 190 
GLY N   CA   sing N N 191 
GLY N   H    sing N N 192 
GLY N   H2   sing N N 193 
GLY CA  C    sing N N 194 
GLY CA  HA2  sing N N 195 
GLY CA  HA3  sing N N 196 
GLY C   O    doub N N 197 
GLY C   OXT  sing N N 198 
GLY OXT HXT  sing N N 199 
HIS N   CA   sing N N 200 
HIS N   H    sing N N 201 
HIS N   H2   sing N N 202 
HIS CA  C    sing N N 203 
HIS CA  CB   sing N N 204 
HIS CA  HA   sing N N 205 
HIS C   O    doub N N 206 
HIS C   OXT  sing N N 207 
HIS CB  CG   sing N N 208 
HIS CB  HB2  sing N N 209 
HIS CB  HB3  sing N N 210 
HIS CG  ND1  sing Y N 211 
HIS CG  CD2  doub Y N 212 
HIS ND1 CE1  doub Y N 213 
HIS ND1 HD1  sing N N 214 
HIS CD2 NE2  sing Y N 215 
HIS CD2 HD2  sing N N 216 
HIS CE1 NE2  sing Y N 217 
HIS CE1 HE1  sing N N 218 
HIS NE2 HE2  sing N N 219 
HIS OXT HXT  sing N N 220 
HOH O   H1   sing N N 221 
HOH O   H2   sing N N 222 
ILE N   CA   sing N N 223 
ILE N   H    sing N N 224 
ILE N   H2   sing N N 225 
ILE CA  C    sing N N 226 
ILE CA  CB   sing N N 227 
ILE CA  HA   sing N N 228 
ILE C   O    doub N N 229 
ILE C   OXT  sing N N 230 
ILE CB  CG1  sing N N 231 
ILE CB  CG2  sing N N 232 
ILE CB  HB   sing N N 233 
ILE CG1 CD1  sing N N 234 
ILE CG1 HG12 sing N N 235 
ILE CG1 HG13 sing N N 236 
ILE CG2 HG21 sing N N 237 
ILE CG2 HG22 sing N N 238 
ILE CG2 HG23 sing N N 239 
ILE CD1 HD11 sing N N 240 
ILE CD1 HD12 sing N N 241 
ILE CD1 HD13 sing N N 242 
ILE OXT HXT  sing N N 243 
LEU N   CA   sing N N 244 
LEU N   H    sing N N 245 
LEU N   H2   sing N N 246 
LEU CA  C    sing N N 247 
LEU CA  CB   sing N N 248 
LEU CA  HA   sing N N 249 
LEU C   O    doub N N 250 
LEU C   OXT  sing N N 251 
LEU CB  CG   sing N N 252 
LEU CB  HB2  sing N N 253 
LEU CB  HB3  sing N N 254 
LEU CG  CD1  sing N N 255 
LEU CG  CD2  sing N N 256 
LEU CG  HG   sing N N 257 
LEU CD1 HD11 sing N N 258 
LEU CD1 HD12 sing N N 259 
LEU CD1 HD13 sing N N 260 
LEU CD2 HD21 sing N N 261 
LEU CD2 HD22 sing N N 262 
LEU CD2 HD23 sing N N 263 
LEU OXT HXT  sing N N 264 
LYS N   CA   sing N N 265 
LYS N   H    sing N N 266 
LYS N   H2   sing N N 267 
LYS CA  C    sing N N 268 
LYS CA  CB   sing N N 269 
LYS CA  HA   sing N N 270 
LYS C   O    doub N N 271 
LYS C   OXT  sing N N 272 
LYS CB  CG   sing N N 273 
LYS CB  HB2  sing N N 274 
LYS CB  HB3  sing N N 275 
LYS CG  CD   sing N N 276 
LYS CG  HG2  sing N N 277 
LYS CG  HG3  sing N N 278 
LYS CD  CE   sing N N 279 
LYS CD  HD2  sing N N 280 
LYS CD  HD3  sing N N 281 
LYS CE  NZ   sing N N 282 
LYS CE  HE2  sing N N 283 
LYS CE  HE3  sing N N 284 
LYS NZ  HZ1  sing N N 285 
LYS NZ  HZ2  sing N N 286 
LYS NZ  HZ3  sing N N 287 
LYS OXT HXT  sing N N 288 
MET N   CA   sing N N 289 
MET N   H    sing N N 290 
MET N   H2   sing N N 291 
MET CA  C    sing N N 292 
MET CA  CB   sing N N 293 
MET CA  HA   sing N N 294 
MET C   O    doub N N 295 
MET C   OXT  sing N N 296 
MET CB  CG   sing N N 297 
MET CB  HB2  sing N N 298 
MET CB  HB3  sing N N 299 
MET CG  SD   sing N N 300 
MET CG  HG2  sing N N 301 
MET CG  HG3  sing N N 302 
MET SD  CE   sing N N 303 
MET CE  HE1  sing N N 304 
MET CE  HE2  sing N N 305 
MET CE  HE3  sing N N 306 
MET OXT HXT  sing N N 307 
MPD C1  C2   sing N N 308 
MPD C1  H11  sing N N 309 
MPD C1  H12  sing N N 310 
MPD C1  H13  sing N N 311 
MPD C2  O2   sing N N 312 
MPD C2  CM   sing N N 313 
MPD C2  C3   sing N N 314 
MPD O2  HO2  sing N N 315 
MPD CM  HM1  sing N N 316 
MPD CM  HM2  sing N N 317 
MPD CM  HM3  sing N N 318 
MPD C3  C4   sing N N 319 
MPD C3  H31  sing N N 320 
MPD C3  H32  sing N N 321 
MPD C4  O4   sing N N 322 
MPD C4  C5   sing N N 323 
MPD C4  H4   sing N N 324 
MPD O4  HO4  sing N N 325 
MPD C5  H51  sing N N 326 
MPD C5  H52  sing N N 327 
MPD C5  H53  sing N N 328 
NAG C1  C2   sing N N 329 
NAG C1  O1   sing N N 330 
NAG C1  O5   sing N N 331 
NAG C1  H1   sing N N 332 
NAG C2  C3   sing N N 333 
NAG C2  N2   sing N N 334 
NAG C2  H2   sing N N 335 
NAG C3  C4   sing N N 336 
NAG C3  O3   sing N N 337 
NAG C3  H3   sing N N 338 
NAG C4  C5   sing N N 339 
NAG C4  O4   sing N N 340 
NAG C4  H4   sing N N 341 
NAG C5  C6   sing N N 342 
NAG C5  O5   sing N N 343 
NAG C5  H5   sing N N 344 
NAG C6  O6   sing N N 345 
NAG C6  H61  sing N N 346 
NAG C6  H62  sing N N 347 
NAG C7  C8   sing N N 348 
NAG C7  N2   sing N N 349 
NAG C7  O7   doub N N 350 
NAG C8  H81  sing N N 351 
NAG C8  H82  sing N N 352 
NAG C8  H83  sing N N 353 
NAG N2  HN2  sing N N 354 
NAG O1  HO1  sing N N 355 
NAG O3  HO3  sing N N 356 
NAG O4  HO4  sing N N 357 
NAG O6  HO6  sing N N 358 
PHE N   CA   sing N N 359 
PHE N   H    sing N N 360 
PHE N   H2   sing N N 361 
PHE CA  C    sing N N 362 
PHE CA  CB   sing N N 363 
PHE CA  HA   sing N N 364 
PHE C   O    doub N N 365 
PHE C   OXT  sing N N 366 
PHE CB  CG   sing N N 367 
PHE CB  HB2  sing N N 368 
PHE CB  HB3  sing N N 369 
PHE CG  CD1  doub Y N 370 
PHE CG  CD2  sing Y N 371 
PHE CD1 CE1  sing Y N 372 
PHE CD1 HD1  sing N N 373 
PHE CD2 CE2  doub Y N 374 
PHE CD2 HD2  sing N N 375 
PHE CE1 CZ   doub Y N 376 
PHE CE1 HE1  sing N N 377 
PHE CE2 CZ   sing Y N 378 
PHE CE2 HE2  sing N N 379 
PHE CZ  HZ   sing N N 380 
PHE OXT HXT  sing N N 381 
PRO N   CA   sing N N 382 
PRO N   CD   sing N N 383 
PRO N   H    sing N N 384 
PRO CA  C    sing N N 385 
PRO CA  CB   sing N N 386 
PRO CA  HA   sing N N 387 
PRO C   O    doub N N 388 
PRO C   OXT  sing N N 389 
PRO CB  CG   sing N N 390 
PRO CB  HB2  sing N N 391 
PRO CB  HB3  sing N N 392 
PRO CG  CD   sing N N 393 
PRO CG  HG2  sing N N 394 
PRO CG  HG3  sing N N 395 
PRO CD  HD2  sing N N 396 
PRO CD  HD3  sing N N 397 
PRO OXT HXT  sing N N 398 
SER N   CA   sing N N 399 
SER N   H    sing N N 400 
SER N   H2   sing N N 401 
SER CA  C    sing N N 402 
SER CA  CB   sing N N 403 
SER CA  HA   sing N N 404 
SER C   O    doub N N 405 
SER C   OXT  sing N N 406 
SER CB  OG   sing N N 407 
SER CB  HB2  sing N N 408 
SER CB  HB3  sing N N 409 
SER OG  HG   sing N N 410 
SER OXT HXT  sing N N 411 
THR N   CA   sing N N 412 
THR N   H    sing N N 413 
THR N   H2   sing N N 414 
THR CA  C    sing N N 415 
THR CA  CB   sing N N 416 
THR CA  HA   sing N N 417 
THR C   O    doub N N 418 
THR C   OXT  sing N N 419 
THR CB  OG1  sing N N 420 
THR CB  CG2  sing N N 421 
THR CB  HB   sing N N 422 
THR OG1 HG1  sing N N 423 
THR CG2 HG21 sing N N 424 
THR CG2 HG22 sing N N 425 
THR CG2 HG23 sing N N 426 
THR OXT HXT  sing N N 427 
TRP N   CA   sing N N 428 
TRP N   H    sing N N 429 
TRP N   H2   sing N N 430 
TRP CA  C    sing N N 431 
TRP CA  CB   sing N N 432 
TRP CA  HA   sing N N 433 
TRP C   O    doub N N 434 
TRP C   OXT  sing N N 435 
TRP CB  CG   sing N N 436 
TRP CB  HB2  sing N N 437 
TRP CB  HB3  sing N N 438 
TRP CG  CD1  doub Y N 439 
TRP CG  CD2  sing Y N 440 
TRP CD1 NE1  sing Y N 441 
TRP CD1 HD1  sing N N 442 
TRP CD2 CE2  doub Y N 443 
TRP CD2 CE3  sing Y N 444 
TRP NE1 CE2  sing Y N 445 
TRP NE1 HE1  sing N N 446 
TRP CE2 CZ2  sing Y N 447 
TRP CE3 CZ3  doub Y N 448 
TRP CE3 HE3  sing N N 449 
TRP CZ2 CH2  doub Y N 450 
TRP CZ2 HZ2  sing N N 451 
TRP CZ3 CH2  sing Y N 452 
TRP CZ3 HZ3  sing N N 453 
TRP CH2 HH2  sing N N 454 
TRP OXT HXT  sing N N 455 
TYR N   CA   sing N N 456 
TYR N   H    sing N N 457 
TYR N   H2   sing N N 458 
TYR CA  C    sing N N 459 
TYR CA  CB   sing N N 460 
TYR CA  HA   sing N N 461 
TYR C   O    doub N N 462 
TYR C   OXT  sing N N 463 
TYR CB  CG   sing N N 464 
TYR CB  HB2  sing N N 465 
TYR CB  HB3  sing N N 466 
TYR CG  CD1  doub Y N 467 
TYR CG  CD2  sing Y N 468 
TYR CD1 CE1  sing Y N 469 
TYR CD1 HD1  sing N N 470 
TYR CD2 CE2  doub Y N 471 
TYR CD2 HD2  sing N N 472 
TYR CE1 CZ   doub Y N 473 
TYR CE1 HE1  sing N N 474 
TYR CE2 CZ   sing Y N 475 
TYR CE2 HE2  sing N N 476 
TYR CZ  OH   sing N N 477 
TYR OH  HH   sing N N 478 
TYR OXT HXT  sing N N 479 
VAL N   CA   sing N N 480 
VAL N   H    sing N N 481 
VAL N   H2   sing N N 482 
VAL CA  C    sing N N 483 
VAL CA  CB   sing N N 484 
VAL CA  HA   sing N N 485 
VAL C   O    doub N N 486 
VAL C   OXT  sing N N 487 
VAL CB  CG1  sing N N 488 
VAL CB  CG2  sing N N 489 
VAL CB  HB   sing N N 490 
VAL CG1 HG11 sing N N 491 
VAL CG1 HG12 sing N N 492 
VAL CG1 HG13 sing N N 493 
VAL CG2 HG21 sing N N 494 
VAL CG2 HG22 sing N N 495 
VAL CG2 HG23 sing N N 496 
VAL OXT HXT  sing N N 497 
# 
loop_
_pdbx_branch_scheme.asym_id 
_pdbx_branch_scheme.entity_id 
_pdbx_branch_scheme.mon_id 
_pdbx_branch_scheme.num 
_pdbx_branch_scheme.pdb_asym_id 
_pdbx_branch_scheme.pdb_mon_id 
_pdbx_branch_scheme.pdb_seq_num 
_pdbx_branch_scheme.auth_asym_id 
_pdbx_branch_scheme.auth_mon_id 
_pdbx_branch_scheme.auth_seq_num 
_pdbx_branch_scheme.hetero 
B 2 BGC 1 B BGC 1 A BGC 159 n 
B 2 GAL 2 B GAL 2 A GAL 158 n 
B 2 NAG 3 B NAG 3 A NAG 157 n 
B 2 FUC 4 B FUC 4 A FUC 156 n 
B 2 GAL 5 B GAL 5 A GAL 155 n 
# 
loop_
_pdbx_chem_comp_identifier.comp_id 
_pdbx_chem_comp_identifier.type 
_pdbx_chem_comp_identifier.program 
_pdbx_chem_comp_identifier.program_version 
_pdbx_chem_comp_identifier.identifier 
BGC 'CONDENSED IUPAC CARBOHYDRATE SYMBOL' GMML     1.0 DGlcpb                         
BGC 'COMMON NAME'                         GMML     1.0 b-D-glucopyranose              
BGC 'IUPAC CARBOHYDRATE SYMBOL'           PDB-CARE 1.0 b-D-Glcp                       
BGC 'SNFG CARBOHYDRATE SYMBOL'            GMML     1.0 Glc                            
FUC 'CONDENSED IUPAC CARBOHYDRATE SYMBOL' GMML     1.0 LFucpa                         
FUC 'COMMON NAME'                         GMML     1.0 a-L-fucopyranose               
FUC 'IUPAC CARBOHYDRATE SYMBOL'           PDB-CARE 1.0 a-L-Fucp                       
FUC 'SNFG CARBOHYDRATE SYMBOL'            GMML     1.0 Fuc                            
GAL 'CONDENSED IUPAC CARBOHYDRATE SYMBOL' GMML     1.0 DGalpb                         
GAL 'COMMON NAME'                         GMML     1.0 b-D-galactopyranose            
GAL 'IUPAC CARBOHYDRATE SYMBOL'           PDB-CARE 1.0 b-D-Galp                       
GAL 'SNFG CARBOHYDRATE SYMBOL'            GMML     1.0 Gal                            
NAG 'CONDENSED IUPAC CARBOHYDRATE SYMBOL' GMML     1.0 DGlcpNAcb                      
NAG 'COMMON NAME'                         GMML     1.0 N-acetyl-b-D-glucopyranosamine 
NAG 'IUPAC CARBOHYDRATE SYMBOL'           PDB-CARE 1.0 b-D-GlcpNAc                    
NAG 'SNFG CARBOHYDRATE SYMBOL'            GMML     1.0 GlcNAc                         
# 
_pdbx_entity_branch.entity_id   2 
_pdbx_entity_branch.type        oligosaccharide 
# 
loop_
_pdbx_entity_branch_descriptor.ordinal 
_pdbx_entity_branch_descriptor.entity_id 
_pdbx_entity_branch_descriptor.descriptor 
_pdbx_entity_branch_descriptor.type 
_pdbx_entity_branch_descriptor.program 
_pdbx_entity_branch_descriptor.program_version 
1 2 'LFucpa1-3[DGalpb1-4]DGlcpNAcb1-3DGalpb1-4DGlcpb1-ROH'                                                                     
'Glycam Condensed Sequence' GMML       1.0   
2 2 'WURCS=2.0/4,5,4/[a2122h-1b_1-5][a2112h-1b_1-5][a2122h-1b_1-5_2*NCC/3=O][a1221m-1a_1-5]/1-2-3-4-2/a4-b1_b3-c1_c3-d1_c4-e1' 
WURCS                       PDB2Glycan 1.1.0 
3 2 '[][b-D-Glcp]{[(4+1)][b-D-Galp]{[(3+1)][b-D-GlcpNAc]{[(3+1)][a-L-Fucp]{}[(4+1)][b-D-Galp]{}}}}'                            
LINUCS                      PDB-CARE   ?     
# 
loop_
_pdbx_entity_branch_link.link_id 
_pdbx_entity_branch_link.entity_id 
_pdbx_entity_branch_link.entity_branch_list_num_1 
_pdbx_entity_branch_link.comp_id_1 
_pdbx_entity_branch_link.atom_id_1 
_pdbx_entity_branch_link.leaving_atom_id_1 
_pdbx_entity_branch_link.entity_branch_list_num_2 
_pdbx_entity_branch_link.comp_id_2 
_pdbx_entity_branch_link.atom_id_2 
_pdbx_entity_branch_link.leaving_atom_id_2 
_pdbx_entity_branch_link.value_order 
_pdbx_entity_branch_link.details 
1 2 2 GAL C1 O1 1 BGC O4 HO4 sing ? 
2 2 3 NAG C1 O1 2 GAL O3 HO3 sing ? 
3 2 4 FUC C1 O1 3 NAG O3 HO3 sing ? 
4 2 5 GAL C1 O1 3 NAG O4 HO4 sing ? 
# 
loop_
_pdbx_entity_branch_list.entity_id 
_pdbx_entity_branch_list.comp_id 
_pdbx_entity_branch_list.num 
_pdbx_entity_branch_list.hetero 
2 BGC 1 n 
2 GAL 2 n 
2 NAG 3 n 
2 FUC 4 n 
2 GAL 5 n 
# 
loop_
_pdbx_entity_nonpoly.entity_id 
_pdbx_entity_nonpoly.name 
_pdbx_entity_nonpoly.comp_id 
3 '(4S)-2-METHYL-2,4-PENTANEDIOL' MPD 
4 'CHLORIDE ION'                  CL  
5 water                           HOH 
# 
_pdbx_initial_refinement_model.id               1 
_pdbx_initial_refinement_model.entity_id_list   ? 
_pdbx_initial_refinement_model.type             'experimental model' 
_pdbx_initial_refinement_model.source_name      PDB 
_pdbx_initial_refinement_model.accession_code   3AP5 
_pdbx_initial_refinement_model.details          'PDB ENTRY 3AP5' 
# 
